data_6ITX
#
_entry.id   6ITX
#
_cell.length_a   105.515
_cell.length_b   63.236
_cell.length_c   165.806
_cell.angle_alpha   90.000
_cell.angle_beta   93.540
_cell.angle_gamma   90.000
#
_symmetry.space_group_name_H-M   'P 1 21 1'
#
loop_
_entity.id
_entity.type
_entity.pdbx_description
1 polymer 'Fiber protein'
2 non-polymer GLUTAMINE
3 non-polymer 'SULFATE ION'
4 water water
#
_entity_poly.entity_id   1
_entity_poly.type   'polypeptide(L)'
_entity_poly.pdbx_seq_one_letter_code
;MGSSHHHHHHSSGLVPRGSHMASMTGGQQMGRGSLNVETRGGLEKSDTGLKIKRAAPLSITSDGELTLAYDSTDFQVTEN
GLALKVSPTQTPLTRIISMGNNLFDSGYEIFASCPQNKAAKVAGYVYLTSVGGLVHGTIQIKATAGYWFTGGNSVQESIR
FGLVLCPFSARDPTANLSGWPAPVVWSGDSNTPLYFAANAISYTNNRVNLAVTGNFYKEETELPGYTRHSFCPTGTTGMN
FTGGNLYVCPCTVNTGATTLNAIYMVFVITQSALGTNFFASNTPPNTFFLTPPIPFTYVGA
;
_entity_poly.pdbx_strand_id   A,B,D,C,E,F
#
loop_
_chem_comp.id
_chem_comp.type
_chem_comp.name
_chem_comp.formula
SO4 non-polymer 'SULFATE ION' 'O4 S -2'
#
# COMPACT_ATOMS: atom_id res chain seq x y z
N LEU A 82 -22.01 53.87 -16.97
CA LEU A 82 -22.69 52.82 -17.70
C LEU A 82 -21.78 52.22 -18.78
N ALA A 83 -22.39 51.37 -19.62
CA ALA A 83 -21.72 50.42 -20.50
C ALA A 83 -21.02 51.10 -21.68
N LEU A 84 -20.18 50.31 -22.37
CA LEU A 84 -19.46 50.71 -23.57
C LEU A 84 -19.80 49.76 -24.71
N LYS A 85 -18.82 49.46 -25.56
CA LYS A 85 -18.92 48.35 -26.50
C LYS A 85 -18.95 47.00 -25.78
N VAL A 86 -18.72 47.01 -24.45
CA VAL A 86 -18.84 45.85 -23.56
C VAL A 86 -18.99 46.39 -22.13
N SER A 87 -20.05 45.98 -21.44
CA SER A 87 -20.42 46.61 -20.18
C SER A 87 -19.43 46.26 -19.07
N PRO A 88 -19.18 47.19 -18.15
CA PRO A 88 -18.20 46.95 -17.08
C PRO A 88 -18.66 45.98 -15.99
N THR A 89 -19.77 45.26 -16.15
CA THR A 89 -20.03 44.09 -15.33
C THR A 89 -20.40 42.85 -16.15
N GLN A 90 -20.47 42.98 -17.48
CA GLN A 90 -20.15 41.85 -18.35
C GLN A 90 -18.64 41.58 -18.32
N THR A 91 -17.88 42.37 -17.56
CA THR A 91 -16.44 42.16 -17.37
C THR A 91 -16.15 41.94 -15.89
N PRO A 92 -15.63 40.78 -15.50
CA PRO A 92 -15.31 40.54 -14.09
C PRO A 92 -14.08 41.33 -13.65
N LEU A 93 -14.19 41.97 -12.48
CA LEU A 93 -13.13 42.81 -11.94
C LEU A 93 -12.19 42.00 -11.06
N THR A 94 -10.91 42.04 -11.36
CA THR A 94 -9.94 41.42 -10.46
C THR A 94 -9.90 42.20 -9.15
N ARG A 95 -10.23 41.55 -8.04
CA ARG A 95 -10.21 42.17 -6.73
C ARG A 95 -9.05 41.62 -5.92
N ILE A 96 -8.58 42.45 -4.97
CA ILE A 96 -7.38 42.14 -4.21
C ILE A 96 -7.62 42.50 -2.75
N ILE A 97 -7.29 41.58 -1.84
CA ILE A 97 -7.19 41.86 -0.42
C ILE A 97 -5.93 41.18 0.09
N SER A 98 -5.47 41.62 1.25
CA SER A 98 -4.35 41.00 1.91
C SER A 98 -4.55 41.04 3.41
N MET A 99 -3.92 40.11 4.11
CA MET A 99 -4.01 40.06 5.56
C MET A 99 -2.64 39.79 6.15
N GLY A 100 -2.42 40.32 7.35
CA GLY A 100 -1.12 40.18 7.96
C GLY A 100 -0.14 41.22 7.44
N ASN A 101 1.14 40.96 7.70
CA ASN A 101 2.20 41.94 7.54
C ASN A 101 3.31 41.30 6.74
N ASN A 102 3.48 41.72 5.47
CA ASN A 102 4.51 41.11 4.66
C ASN A 102 5.93 41.43 5.11
N LEU A 103 6.12 42.31 6.09
CA LEU A 103 7.48 42.61 6.49
C LEU A 103 7.99 41.77 7.64
N PHE A 104 7.12 40.98 8.28
CA PHE A 104 7.49 40.13 9.43
C PHE A 104 8.37 40.88 10.41
N ASP A 105 8.03 42.14 10.66
CA ASP A 105 8.71 42.98 11.64
C ASP A 105 7.79 43.37 12.79
N SER A 106 6.63 42.73 12.91
CA SER A 106 5.57 43.10 13.84
C SER A 106 5.28 42.00 14.86
N GLY A 107 6.23 41.09 15.10
CA GLY A 107 6.04 40.07 16.10
C GLY A 107 5.26 38.88 15.58
N TYR A 108 4.93 37.98 16.50
CA TYR A 108 4.24 36.72 16.19
C TYR A 108 2.95 36.71 17.00
N GLU A 109 1.89 37.26 16.40
CA GLU A 109 0.61 37.44 17.09
C GLU A 109 -0.53 36.70 16.39
N ILE A 110 -0.21 35.75 15.51
CA ILE A 110 -1.20 34.96 14.77
C ILE A 110 -1.28 33.61 15.44
N PHE A 111 -2.50 33.11 15.68
CA PHE A 111 -2.70 31.92 16.51
C PHE A 111 -2.81 30.68 15.63
N ALA A 112 -1.98 29.68 15.92
CA ALA A 112 -2.00 28.39 15.23
C ALA A 112 -2.30 27.30 16.24
N SER A 113 -3.29 26.46 15.93
CA SER A 113 -3.57 25.32 16.80
C SER A 113 -2.78 24.12 16.31
N CYS A 114 -2.28 23.32 17.27
CA CYS A 114 -1.35 22.24 17.01
C CYS A 114 -1.87 20.93 17.58
N PRO A 115 -1.29 19.80 17.18
CA PRO A 115 -1.77 18.49 17.65
C PRO A 115 -1.79 18.41 19.18
N GLN A 116 -2.67 17.55 19.68
CA GLN A 116 -2.71 17.20 21.10
C GLN A 116 -2.83 18.43 21.99
N ASN A 117 -3.71 19.34 21.59
CA ASN A 117 -4.14 20.47 22.43
C ASN A 117 -2.96 21.38 22.79
N LYS A 118 -2.02 21.55 21.85
CA LYS A 118 -1.00 22.58 21.96
C LYS A 118 -1.27 23.68 20.94
N ALA A 119 -0.49 24.76 21.05
CA ALA A 119 -0.71 25.91 20.19
C ALA A 119 0.61 26.60 19.92
N ALA A 120 0.56 27.56 18.99
CA ALA A 120 1.71 28.36 18.64
C ALA A 120 1.25 29.73 18.19
N LYS A 121 2.13 30.71 18.35
CA LYS A 121 1.88 32.01 17.77
C LYS A 121 2.94 32.27 16.72
N VAL A 122 2.51 32.70 15.55
CA VAL A 122 3.34 32.78 14.36
C VAL A 122 3.05 34.10 13.65
N ALA A 123 3.81 34.36 12.59
CA ALA A 123 3.64 35.54 11.78
C ALA A 123 3.27 35.14 10.36
N GLY A 124 2.47 35.96 9.69
CA GLY A 124 1.95 35.58 8.39
C GLY A 124 1.60 36.75 7.50
N TYR A 125 1.57 36.44 6.20
CA TYR A 125 1.12 37.37 5.17
C TYR A 125 0.30 36.60 4.15
N VAL A 126 -0.91 37.05 3.87
CA VAL A 126 -1.82 36.39 2.94
C VAL A 126 -2.22 37.37 1.85
N TYR A 127 -1.99 36.99 0.60
CA TYR A 127 -2.34 37.79 -0.56
C TYR A 127 -3.38 37.04 -1.35
N LEU A 128 -4.58 37.59 -1.46
CA LEU A 128 -5.68 36.95 -2.16
C LEU A 128 -6.15 37.81 -3.31
N THR A 129 -6.25 37.21 -4.50
CA THR A 129 -6.92 37.80 -5.64
C THR A 129 -8.17 37.00 -5.98
N SER A 130 -9.23 37.69 -6.31
CA SER A 130 -10.46 37.07 -6.78
C SER A 130 -10.59 37.39 -8.25
N VAL A 131 -10.55 36.37 -9.10
CA VAL A 131 -10.66 36.57 -10.54
C VAL A 131 -11.62 35.53 -11.09
N GLY A 132 -12.73 35.99 -11.67
CA GLY A 132 -13.70 35.13 -12.32
C GLY A 132 -14.44 34.23 -11.38
N GLY A 133 -14.49 34.57 -10.09
CA GLY A 133 -15.16 33.76 -9.12
C GLY A 133 -14.28 32.75 -8.45
N LEU A 134 -13.05 32.59 -8.91
CA LEU A 134 -12.05 31.78 -8.24
C LEU A 134 -11.16 32.69 -7.43
N VAL A 135 -10.77 32.25 -6.25
CA VAL A 135 -9.77 32.96 -5.48
C VAL A 135 -8.42 32.30 -5.77
N HIS A 136 -7.45 33.11 -6.14
CA HIS A 136 -6.06 32.66 -6.25
C HIS A 136 -5.27 33.47 -5.23
N GLY A 137 -4.63 32.76 -4.29
CA GLY A 137 -3.90 33.43 -3.24
C GLY A 137 -2.57 32.77 -2.97
N THR A 138 -1.76 33.46 -2.14
CA THR A 138 -0.58 32.86 -1.53
C THR A 138 -0.66 33.07 -0.03
N ILE A 139 -0.09 32.13 0.72
CA ILE A 139 0.08 32.28 2.16
C ILE A 139 1.55 32.08 2.50
N GLN A 140 2.06 32.91 3.41
CA GLN A 140 3.45 32.86 3.83
C GLN A 140 3.48 32.96 5.35
N ILE A 141 4.13 31.99 6.00
CA ILE A 141 4.14 31.87 7.45
C ILE A 141 5.57 31.88 7.94
N LYS A 142 5.84 32.63 9.03
CA LYS A 142 7.13 32.63 9.70
C LYS A 142 6.94 32.30 11.16
N ALA A 143 7.79 31.42 11.69
CA ALA A 143 7.63 30.99 13.08
C ALA A 143 8.98 30.90 13.78
N THR A 144 8.93 31.00 15.11
CA THR A 144 10.09 30.80 15.97
C THR A 144 9.78 29.75 17.02
N ALA A 145 10.82 29.02 17.44
CA ALA A 145 10.61 28.04 18.50
C ALA A 145 10.21 28.71 19.80
N GLY A 146 10.71 29.93 20.02
CA GLY A 146 10.38 30.63 21.26
C GLY A 146 8.89 30.84 21.40
N TYR A 147 8.21 31.13 20.31
CA TYR A 147 6.77 31.29 20.30
C TYR A 147 6.05 30.01 19.89
N TRP A 148 6.75 28.88 19.91
CA TRP A 148 6.13 27.59 19.68
C TRP A 148 6.03 26.88 21.01
N PHE A 149 5.17 25.87 21.06
CA PHE A 149 5.03 25.15 22.31
C PHE A 149 6.35 24.45 22.60
N THR A 150 6.41 23.78 23.75
CA THR A 150 7.62 23.07 24.19
C THR A 150 7.26 21.66 24.60
N GLY A 151 8.09 20.70 24.21
CA GLY A 151 7.96 19.28 24.46
C GLY A 151 7.60 18.50 23.19
N GLY A 152 7.99 17.23 23.16
CA GLY A 152 7.85 16.43 21.96
C GLY A 152 9.03 16.64 21.03
N ASN A 153 8.97 16.00 19.86
CA ASN A 153 10.07 16.04 18.90
C ASN A 153 9.51 16.37 17.53
N SER A 154 9.95 17.50 16.96
CA SER A 154 9.45 17.91 15.66
C SER A 154 9.87 16.93 14.57
N VAL A 155 11.10 16.45 14.65
CA VAL A 155 11.62 15.55 13.64
C VAL A 155 10.76 14.29 13.55
N GLN A 156 10.40 13.73 14.70
CA GLN A 156 9.57 12.53 14.69
C GLN A 156 8.10 12.89 14.48
N GLU A 157 7.65 13.95 15.11
CA GLU A 157 6.28 14.41 14.96
C GLU A 157 6.16 15.33 13.74
N ILE A 159 6.21 18.65 12.57
CA ILE A 159 5.72 20.05 12.74
C ILE A 159 4.43 20.35 12.00
N ARG A 160 3.32 20.38 12.74
CA ARG A 160 1.98 20.47 12.17
C ARG A 160 1.21 21.57 12.86
N PHE A 161 0.49 22.39 12.09
CA PHE A 161 -0.28 23.44 12.71
C PHE A 161 -1.43 23.86 11.80
N GLY A 162 -2.51 24.34 12.41
CA GLY A 162 -3.71 24.74 11.71
C GLY A 162 -3.98 26.22 11.89
N LEU A 163 -4.43 26.87 10.83
CA LEU A 163 -4.73 28.28 10.83
C LEU A 163 -6.10 28.48 10.20
N VAL A 164 -6.74 29.58 10.53
CA VAL A 164 -7.97 29.95 9.86
C VAL A 164 -7.75 31.30 9.22
N LEU A 165 -8.22 31.43 7.98
CA LEU A 165 -8.30 32.71 7.29
C LEU A 165 -9.74 33.15 7.34
N CYS A 166 -9.99 34.34 7.88
CA CYS A 166 -11.33 34.91 7.96
C CYS A 166 -11.33 36.26 7.26
N PRO A 167 -11.41 36.28 5.92
CA PRO A 167 -11.44 37.56 5.21
C PRO A 167 -12.65 38.42 5.56
N PHE A 168 -13.69 37.84 6.16
CA PHE A 168 -14.87 38.57 6.60
C PHE A 168 -14.92 38.72 8.11
N SER A 169 -13.75 38.75 8.76
CA SER A 169 -13.68 38.89 10.20
C SER A 169 -14.27 40.19 10.71
N ALA A 170 -14.49 41.20 9.85
CA ALA A 170 -15.04 42.46 10.35
C ALA A 170 -16.53 42.30 10.66
N ARG A 171 -17.26 41.56 9.81
CA ARG A 171 -18.66 41.23 10.05
C ARG A 171 -18.80 40.04 11.00
N ASP A 172 -17.80 39.17 11.08
CA ASP A 172 -17.90 37.91 11.82
C ASP A 172 -16.67 37.68 12.70
N PRO A 173 -16.41 38.60 13.65
CA PRO A 173 -15.18 38.50 14.46
C PRO A 173 -14.96 37.15 15.12
N THR A 174 -16.00 36.40 15.48
CA THR A 174 -15.74 35.20 16.26
C THR A 174 -15.18 34.07 15.41
N ALA A 175 -15.21 34.20 14.09
CA ALA A 175 -14.61 33.21 13.23
C ALA A 175 -13.14 33.45 13.01
N ASN A 176 -12.63 34.64 13.35
CA ASN A 176 -11.23 34.97 13.20
C ASN A 176 -10.41 34.22 14.25
N LEU A 177 -10.50 32.89 14.21
CA LEU A 177 -9.84 32.07 15.24
C LEU A 177 -8.33 32.29 15.29
N SER A 178 -7.69 32.66 14.19
CA SER A 178 -6.25 32.84 14.22
C SER A 178 -5.86 34.27 14.57
N GLY A 179 -6.83 35.17 14.65
CA GLY A 179 -6.60 36.55 15.03
C GLY A 179 -5.90 37.40 14.00
N TRP A 180 -6.21 37.21 12.72
CA TRP A 180 -5.59 38.06 11.71
C TRP A 180 -6.10 39.48 11.89
N PRO A 181 -5.33 40.48 11.48
CA PRO A 181 -5.87 41.84 11.41
C PRO A 181 -6.98 41.91 10.39
N ALA A 182 -7.64 43.07 10.33
CA ALA A 182 -8.60 43.31 9.27
C ALA A 182 -7.91 43.09 7.92
N PRO A 183 -8.64 42.65 6.90
CA PRO A 183 -8.04 42.66 5.57
C PRO A 183 -7.78 44.10 5.14
N VAL A 184 -6.97 44.25 4.10
CA VAL A 184 -6.66 45.54 3.51
C VAL A 184 -7.05 45.39 2.05
N VAL A 185 -8.05 46.14 1.62
CA VAL A 185 -8.55 46.00 0.27
C VAL A 185 -7.70 46.84 -0.66
N TRP A 186 -7.01 46.18 -1.60
CA TRP A 186 -6.24 46.84 -2.66
C TRP A 186 -6.98 46.96 -3.98
N SER A 187 -8.07 46.24 -4.18
CA SER A 187 -8.93 46.51 -5.33
C SER A 187 -10.37 46.13 -4.99
N GLY A 188 -11.28 47.10 -5.11
CA GLY A 188 -12.69 46.87 -4.91
C GLY A 188 -13.28 47.70 -3.77
N ASP A 189 -14.61 47.59 -3.63
CA ASP A 189 -15.39 48.28 -2.59
C ASP A 189 -14.89 47.95 -1.20
N SER A 190 -15.48 48.58 -0.20
CA SER A 190 -15.37 48.05 1.15
C SER A 190 -16.12 46.74 1.32
N ASN A 191 -16.95 46.37 0.34
CA ASN A 191 -17.61 45.07 0.34
C ASN A 191 -16.69 43.94 -0.06
N THR A 192 -15.52 44.25 -0.62
CA THR A 192 -14.69 43.24 -1.29
C THR A 192 -14.34 42.05 -0.42
N PRO A 193 -14.04 42.18 0.88
CA PRO A 193 -13.73 40.97 1.67
C PRO A 193 -14.73 39.85 1.50
N LEU A 194 -16.02 40.16 1.34
CA LEU A 194 -17.05 39.13 1.25
C LEU A 194 -16.89 38.26 0.01
N TYR A 195 -16.18 38.73 -1.01
CA TYR A 195 -16.00 37.91 -2.21
C TYR A 195 -15.03 36.77 -1.99
N PHE A 196 -14.33 36.77 -0.85
CA PHE A 196 -13.29 35.80 -0.54
C PHE A 196 -13.71 34.83 0.55
N ALA A 197 -14.98 34.77 0.90
CA ALA A 197 -15.46 33.61 1.61
C ALA A 197 -15.61 32.45 0.63
N ALA A 198 -15.44 31.24 1.14
CA ALA A 198 -15.50 30.08 0.24
C ALA A 198 -16.94 29.83 -0.24
N ASN A 199 -17.07 29.51 -1.53
CA ASN A 199 -18.38 29.40 -2.17
C ASN A 199 -19.35 28.56 -1.34
N ALA A 200 -20.57 29.05 -1.19
CA ALA A 200 -21.54 28.35 -0.34
C ALA A 200 -22.03 27.05 -0.98
N ILE A 201 -22.40 27.09 -2.27
CA ILE A 201 -22.92 25.87 -2.90
C ILE A 201 -21.85 24.78 -2.90
N SER A 202 -20.68 25.09 -3.44
CA SER A 202 -19.72 24.02 -3.72
C SER A 202 -19.01 23.47 -2.48
N TYR A 203 -19.10 24.13 -1.32
CA TYR A 203 -18.45 23.65 -0.11
C TYR A 203 -19.43 23.18 0.96
N THR A 204 -20.73 23.19 0.65
CA THR A 204 -21.75 22.80 1.64
C THR A 204 -21.36 21.51 2.34
N ASN A 205 -20.82 20.54 1.59
CA ASN A 205 -20.49 19.25 2.15
C ASN A 205 -18.99 18.96 2.13
N ASN A 206 -18.15 19.99 1.94
CA ASN A 206 -16.69 19.89 2.00
C ASN A 206 -16.14 20.99 2.89
N ARG A 207 -16.69 21.15 4.09
CA ARG A 207 -16.20 22.15 5.02
C ARG A 207 -16.26 21.57 6.42
N VAL A 208 -15.26 21.85 7.21
CA VAL A 208 -15.17 21.31 8.55
C VAL A 208 -15.74 22.33 9.55
N ASN A 209 -16.48 21.83 10.53
CA ASN A 209 -16.90 22.62 11.68
C ASN A 209 -15.76 22.65 12.69
N LEU A 210 -15.40 23.84 13.17
CA LEU A 210 -14.27 23.99 14.10
C LEU A 210 -14.76 24.40 15.49
N ALA A 211 -14.08 23.89 16.51
CA ALA A 211 -14.32 24.36 17.86
C ALA A 211 -13.88 25.82 18.01
N VAL A 212 -14.50 26.53 18.95
CA VAL A 212 -14.07 27.91 19.24
C VAL A 212 -12.89 27.99 20.22
N THR A 213 -12.48 26.87 20.82
CA THR A 213 -11.39 26.85 21.77
C THR A 213 -10.05 26.56 21.09
N GLY A 214 -8.98 26.58 21.90
CA GLY A 214 -7.63 26.53 21.39
C GLY A 214 -7.19 25.19 20.86
N ASN A 215 -8.02 24.16 20.94
CA ASN A 215 -7.68 22.88 20.32
C ASN A 215 -8.52 22.66 19.05
N PHE A 216 -8.79 23.71 18.31
CA PHE A 216 -9.53 23.49 17.07
C PHE A 216 -8.70 22.82 16.00
N TYR A 217 -7.50 22.36 16.31
CA TYR A 217 -6.66 21.75 15.30
C TYR A 217 -7.34 20.51 14.74
N LYS A 218 -7.37 20.40 13.41
CA LYS A 218 -7.88 19.24 12.70
C LYS A 218 -6.78 18.70 11.81
N GLU A 219 -6.40 17.42 12.01
CA GLU A 219 -5.45 16.78 11.13
C GLU A 219 -6.07 16.66 9.74
N GLU A 220 -5.23 16.71 8.72
CA GLU A 220 -5.77 16.68 7.36
C GLU A 220 -6.55 15.40 7.04
N THR A 221 -6.36 14.32 7.80
CA THR A 221 -7.16 13.12 7.58
C THR A 221 -8.56 13.23 8.15
N GLU A 222 -8.88 14.32 8.82
CA GLU A 222 -10.20 14.53 9.41
C GLU A 222 -10.99 15.58 8.65
N LEU A 223 -10.38 16.19 7.64
CA LEU A 223 -11.08 17.18 6.85
C LEU A 223 -12.07 16.51 5.90
N PRO A 224 -13.23 17.10 5.66
CA PRO A 224 -14.14 16.57 4.64
C PRO A 224 -13.68 16.91 3.23
N GLY A 225 -12.46 16.53 2.89
CA GLY A 225 -11.97 16.92 1.59
C GLY A 225 -10.97 18.04 1.73
N TYR A 226 -9.97 18.04 0.85
CA TYR A 226 -8.96 19.09 0.82
C TYR A 226 -8.26 19.04 -0.52
N THR A 227 -7.59 20.13 -0.83
CA THR A 227 -6.62 20.22 -1.89
C THR A 227 -5.26 20.34 -1.25
N ARG A 228 -4.24 19.83 -1.92
CA ARG A 228 -2.92 19.79 -1.32
C ARG A 228 -1.94 20.59 -2.16
N HIS A 229 -1.06 21.29 -1.48
CA HIS A 229 -0.09 22.15 -2.15
C HIS A 229 1.28 21.90 -1.55
N SER A 230 2.23 21.47 -2.38
CA SER A 230 3.53 21.02 -1.90
C SER A 230 4.55 22.14 -1.99
N PHE A 231 5.40 22.21 -0.97
CA PHE A 231 6.35 23.30 -0.80
C PHE A 231 7.46 22.81 0.11
N CYS A 232 8.41 23.71 0.42
CA CYS A 232 9.42 23.48 1.42
C CYS A 232 9.83 24.81 2.04
N PRO A 233 9.89 24.90 3.37
CA PRO A 233 10.30 26.15 4.02
C PRO A 233 11.82 26.24 4.11
N THR A 234 12.30 27.39 4.52
CA THR A 234 13.66 27.52 4.98
C THR A 234 13.67 27.91 6.46
N GLY A 235 14.86 28.07 7.01
CA GLY A 235 14.96 28.43 8.41
C GLY A 235 16.39 28.32 8.92
N THR A 236 16.51 28.29 10.25
CA THR A 236 17.82 28.18 10.90
C THR A 236 18.57 26.96 10.38
N THR A 237 19.90 27.03 10.45
CA THR A 237 20.75 26.10 9.72
C THR A 237 20.53 24.65 10.14
N GLY A 238 20.43 24.37 11.41
CA GLY A 238 20.28 22.92 11.48
C GLY A 238 18.87 22.34 11.34
N MET A 239 17.88 23.05 10.77
CA MET A 239 16.52 22.50 10.77
C MET A 239 16.40 21.27 9.84
N ASN A 240 17.10 21.27 8.70
CA ASN A 240 17.17 20.14 7.76
C ASN A 240 15.79 19.76 7.23
N PHE A 241 15.06 20.75 6.73
CA PHE A 241 13.73 20.47 6.20
C PHE A 241 13.81 19.60 4.95
N THR A 242 12.83 18.71 4.80
CA THR A 242 12.76 17.82 3.66
C THR A 242 11.51 18.03 2.82
N GLY A 243 10.50 18.72 3.32
CA GLY A 243 9.31 18.97 2.53
C GLY A 243 8.19 19.56 3.36
N GLY A 244 7.11 19.87 2.66
CA GLY A 244 6.00 20.54 3.30
C GLY A 244 4.74 20.39 2.48
N ASN A 245 3.61 20.36 3.17
CA ASN A 245 2.34 20.27 2.48
C ASN A 245 1.33 21.18 3.16
N LEU A 246 0.58 21.90 2.33
CA LEU A 246 -0.50 22.75 2.78
C LEU A 246 -1.80 22.09 2.35
N TYR A 247 -2.75 21.98 3.28
CA TYR A 247 -4.03 21.35 3.01
C TYR A 247 -5.11 22.40 3.22
N VAL A 248 -5.83 22.73 2.15
CA VAL A 248 -6.85 23.77 2.20
C VAL A 248 -8.21 23.11 2.25
N CYS A 249 -9.03 23.57 3.15
CA CYS A 249 -10.37 23.07 3.33
C CYS A 249 -11.18 24.17 3.99
N PRO A 250 -12.27 24.61 3.36
CA PRO A 250 -13.11 25.62 4.00
C PRO A 250 -13.67 25.13 5.32
N CYS A 251 -14.04 26.09 6.17
CA CYS A 251 -14.47 25.77 7.52
C CYS A 251 -15.55 26.73 7.98
N THR A 252 -16.25 26.29 9.04
CA THR A 252 -17.22 27.09 9.75
C THR A 252 -16.98 26.91 11.24
N VAL A 253 -17.18 27.97 12.00
CA VAL A 253 -16.92 27.90 13.44
C VAL A 253 -18.25 27.82 14.18
N ASN A 254 -18.27 26.98 15.21
CA ASN A 254 -19.52 26.45 15.77
C ASN A 254 -20.53 27.53 16.08
N THR A 255 -20.09 28.69 16.56
CA THR A 255 -20.98 29.70 17.15
C THR A 255 -20.78 31.07 16.49
N GLY A 256 -20.97 31.14 15.17
CA GLY A 256 -20.76 32.35 14.42
C GLY A 256 -22.02 33.19 14.28
N ALA A 257 -21.82 34.38 13.69
CA ALA A 257 -22.89 35.34 13.47
C ALA A 257 -23.38 35.41 12.03
N THR A 258 -22.66 34.78 11.09
CA THR A 258 -23.06 34.78 9.70
C THR A 258 -22.86 33.38 9.09
N THR A 259 -23.57 33.15 7.98
CA THR A 259 -23.64 31.91 7.21
C THR A 259 -22.34 31.60 6.42
N LEU A 260 -21.27 32.37 6.60
CA LEU A 260 -20.16 32.40 5.65
C LEU A 260 -19.10 31.36 5.98
N ASN A 261 -18.35 30.97 4.94
CA ASN A 261 -17.32 29.95 5.03
C ASN A 261 -15.94 30.61 5.16
N ALA A 262 -15.20 30.25 6.20
CA ALA A 262 -13.82 30.67 6.28
C ALA A 262 -12.97 29.57 5.63
N ILE A 263 -11.64 29.73 5.65
CA ILE A 263 -10.73 28.74 5.08
C ILE A 263 -9.82 28.21 6.18
N TYR A 264 -9.83 26.89 6.38
CA TYR A 264 -8.90 26.20 7.27
C TYR A 264 -7.69 25.73 6.49
N MET A 265 -6.53 25.85 7.10
CA MET A 265 -5.27 25.50 6.44
C MET A 265 -4.42 24.78 7.46
N VAL A 266 -4.12 23.51 7.22
CA VAL A 266 -3.22 22.77 8.08
C VAL A 266 -1.92 22.55 7.32
N PHE A 267 -0.80 22.86 7.97
CA PHE A 267 0.53 22.74 7.41
C PHE A 267 1.23 21.55 8.05
N VAL A 268 1.84 20.71 7.24
CA VAL A 268 2.70 19.63 7.73
C VAL A 268 4.07 19.82 7.10
N ILE A 269 5.10 19.88 7.93
CA ILE A 269 6.46 20.22 7.52
C ILE A 269 7.36 19.15 8.11
N THR A 270 8.27 18.61 7.30
CA THR A 270 9.09 17.48 7.74
C THR A 270 10.59 17.80 7.72
N GLN A 271 11.33 17.05 8.53
CA GLN A 271 12.77 17.21 8.68
C GLN A 271 13.43 15.84 8.58
N SER A 272 14.69 15.85 8.12
CA SER A 272 15.46 14.61 8.10
C SER A 272 15.89 14.27 9.53
N ALA A 273 16.55 13.12 9.69
CA ALA A 273 16.76 12.58 11.02
C ALA A 273 17.60 13.47 11.93
N LEU A 274 18.47 14.31 11.38
CA LEU A 274 19.37 15.09 12.22
C LEU A 274 18.99 16.57 12.34
N GLY A 275 17.78 16.96 11.97
CA GLY A 275 17.38 18.33 12.16
C GLY A 275 17.15 18.64 13.62
N THR A 276 17.25 19.93 13.97
CA THR A 276 17.10 20.30 15.36
C THR A 276 15.65 20.18 15.77
N ASN A 277 15.43 19.79 17.02
CA ASN A 277 14.10 19.61 17.60
C ASN A 277 13.50 20.98 17.88
N PHE A 278 12.71 21.50 16.93
CA PHE A 278 12.01 22.76 17.14
C PHE A 278 11.26 22.82 18.47
N PHE A 279 10.80 21.70 18.99
CA PHE A 279 9.97 21.75 20.19
C PHE A 279 10.79 21.62 21.47
N ALA A 280 12.09 21.39 21.36
CA ALA A 280 12.90 21.13 22.54
C ALA A 280 13.13 22.41 23.33
N SER A 281 13.43 22.24 24.62
CA SER A 281 13.69 23.36 25.52
C SER A 281 15.13 23.83 25.43
N ASN A 282 16.02 23.03 24.85
CA ASN A 282 17.39 23.44 24.61
C ASN A 282 17.58 23.99 23.22
N THR A 283 16.48 24.40 22.56
CA THR A 283 16.52 25.07 21.26
C THR A 283 16.39 26.57 21.47
N PRO A 284 17.34 27.39 21.03
CA PRO A 284 17.24 28.81 21.31
C PRO A 284 15.99 29.40 20.67
N PRO A 285 15.41 30.45 21.27
CA PRO A 285 14.10 30.91 20.80
C PRO A 285 14.13 31.53 19.43
N ASN A 286 15.26 32.07 19.00
CA ASN A 286 15.40 32.73 17.71
C ASN A 286 15.51 31.76 16.54
N THR A 287 15.58 30.45 16.81
CA THR A 287 15.43 29.47 15.76
C THR A 287 14.09 29.68 15.06
N PHE A 288 14.11 29.62 13.73
CA PHE A 288 12.96 30.02 12.92
C PHE A 288 12.81 29.13 11.70
N PHE A 289 11.58 29.09 11.19
CA PHE A 289 11.30 28.64 9.85
C PHE A 289 10.45 29.68 9.16
N LEU A 290 10.52 29.67 7.82
CA LEU A 290 9.87 30.69 7.00
C LEU A 290 9.50 30.04 5.67
N THR A 291 8.21 29.83 5.45
CA THR A 291 7.76 29.31 4.17
C THR A 291 7.91 30.38 3.09
N PRO A 292 8.09 29.99 1.83
CA PRO A 292 7.89 30.93 0.75
C PRO A 292 6.43 31.31 0.74
N PRO A 293 6.00 32.19 -0.16
CA PRO A 293 4.56 32.29 -0.41
C PRO A 293 4.11 31.01 -1.08
N ILE A 294 3.10 30.36 -0.51
CA ILE A 294 2.57 29.12 -1.05
C ILE A 294 1.30 29.45 -1.84
N PRO A 295 1.27 29.22 -3.14
CA PRO A 295 0.04 29.50 -3.91
C PRO A 295 -0.99 28.39 -3.78
N PHE A 296 -2.25 28.80 -3.69
CA PHE A 296 -3.38 27.88 -3.62
C PHE A 296 -4.60 28.55 -4.24
N THR A 297 -5.60 27.74 -4.59
CA THR A 297 -6.81 28.22 -5.24
C THR A 297 -8.04 27.57 -4.60
N TYR A 298 -9.08 28.36 -4.37
CA TYR A 298 -10.39 27.80 -4.02
C TYR A 298 -11.48 28.64 -4.67
N VAL A 299 -12.70 28.10 -4.66
CA VAL A 299 -13.86 28.79 -5.23
C VAL A 299 -14.29 29.91 -4.30
N GLY A 300 -14.32 31.14 -4.82
CA GLY A 300 -14.82 32.27 -4.08
C GLY A 300 -16.34 32.31 -4.02
N ALA A 301 -16.85 33.31 -3.31
CA ALA A 301 -18.30 33.41 -3.09
C ALA A 301 -19.06 33.72 -4.39
N VAL B 86 -9.96 56.34 -25.58
CA VAL B 86 -10.03 54.89 -25.47
C VAL B 86 -8.69 54.25 -25.87
N SER B 87 -8.16 53.42 -24.96
CA SER B 87 -6.95 52.64 -25.16
C SER B 87 -7.12 51.12 -24.99
N PRO B 88 -8.23 50.59 -24.37
CA PRO B 88 -8.26 49.12 -24.16
C PRO B 88 -8.64 48.30 -25.39
N THR B 89 -7.75 48.27 -26.38
CA THR B 89 -7.95 47.34 -27.49
C THR B 89 -7.81 45.90 -27.01
N GLN B 90 -6.66 45.57 -26.42
CA GLN B 90 -6.40 44.26 -25.84
C GLN B 90 -6.13 44.43 -24.35
N THR B 91 -7.17 44.75 -23.59
CA THR B 91 -7.16 44.50 -22.15
C THR B 91 -7.80 43.13 -21.98
N PRO B 92 -7.04 42.11 -21.59
CA PRO B 92 -7.58 40.74 -21.62
C PRO B 92 -8.83 40.62 -20.75
N LEU B 93 -9.87 40.05 -21.34
CA LEU B 93 -11.15 39.89 -20.66
C LEU B 93 -11.19 38.53 -19.95
N THR B 94 -11.47 38.56 -18.66
CA THR B 94 -11.68 37.31 -17.93
C THR B 94 -13.01 36.69 -18.34
N ARG B 95 -12.96 35.59 -19.10
CA ARG B 95 -14.16 34.89 -19.55
C ARG B 95 -14.41 33.67 -18.67
N ILE B 96 -15.69 33.28 -18.57
CA ILE B 96 -16.17 32.28 -17.61
C ILE B 96 -17.17 31.36 -18.27
N ILE B 97 -16.91 30.05 -18.22
CA ILE B 97 -17.92 29.06 -18.54
C ILE B 97 -17.98 28.04 -17.41
N SER B 98 -19.09 27.28 -17.39
CA SER B 98 -19.29 26.28 -16.37
C SER B 98 -20.00 25.08 -16.99
N MET B 99 -19.67 23.87 -16.47
CA MET B 99 -20.24 22.63 -16.95
C MET B 99 -20.79 21.82 -15.78
N GLY B 100 -21.93 21.19 -15.99
CA GLY B 100 -22.55 20.38 -14.96
C GLY B 100 -23.47 21.16 -14.04
N ASN B 101 -23.76 20.57 -12.88
CA ASN B 101 -24.75 21.12 -11.95
C ASN B 101 -24.17 21.19 -10.56
N ASN B 102 -23.84 22.42 -10.11
CA ASN B 102 -23.13 22.55 -8.84
C ASN B 102 -23.98 22.16 -7.63
N LEU B 103 -25.29 21.95 -7.80
CA LEU B 103 -26.13 21.53 -6.69
C LEU B 103 -26.16 20.03 -6.50
N PHE B 104 -25.64 19.25 -7.45
CA PHE B 104 -25.57 17.78 -7.32
C PHE B 104 -26.94 17.18 -7.01
N ASP B 105 -27.98 17.74 -7.65
CA ASP B 105 -29.37 17.33 -7.46
C ASP B 105 -30.01 16.81 -8.76
N SER B 106 -29.21 16.28 -9.69
CA SER B 106 -29.71 15.78 -10.98
C SER B 106 -29.33 14.31 -11.22
N GLY B 107 -29.11 13.55 -10.15
CA GLY B 107 -28.60 12.19 -10.35
C GLY B 107 -27.20 12.18 -10.95
N TYR B 108 -26.85 11.02 -11.49
CA TYR B 108 -25.48 10.72 -11.93
C TYR B 108 -25.48 10.32 -13.40
N GLU B 109 -25.33 11.30 -14.30
CA GLU B 109 -25.38 11.03 -15.74
C GLU B 109 -24.11 11.41 -16.48
N ILE B 110 -23.03 11.69 -15.78
CA ILE B 110 -21.74 11.93 -16.39
C ILE B 110 -21.04 10.59 -16.54
N PHE B 111 -20.46 10.36 -17.71
CA PHE B 111 -19.88 9.08 -18.07
C PHE B 111 -18.38 9.09 -17.82
N ALA B 112 -17.89 8.08 -17.10
CA ALA B 112 -16.50 7.95 -16.71
C ALA B 112 -15.99 6.57 -17.13
N SER B 113 -14.88 6.54 -17.87
CA SER B 113 -14.29 5.26 -18.23
C SER B 113 -13.35 4.78 -17.13
N CYS B 114 -13.25 3.46 -16.99
CA CYS B 114 -12.56 2.84 -15.86
C CYS B 114 -11.71 1.69 -16.36
N PRO B 115 -10.73 1.24 -15.57
CA PRO B 115 -9.89 0.12 -16.00
C PRO B 115 -10.71 -1.11 -16.35
N GLN B 116 -10.08 -2.01 -17.08
CA GLN B 116 -10.63 -3.32 -17.48
C GLN B 116 -11.94 -3.20 -18.28
N ASN B 117 -12.08 -2.15 -19.09
CA ASN B 117 -13.27 -1.96 -19.93
C ASN B 117 -14.53 -1.94 -19.07
N LYS B 118 -14.52 -1.02 -18.11
CA LYS B 118 -15.64 -0.83 -17.20
C LYS B 118 -16.01 0.66 -17.17
N ALA B 119 -17.17 0.96 -16.60
CA ALA B 119 -17.62 2.34 -16.58
C ALA B 119 -18.27 2.65 -15.24
N ALA B 120 -18.48 3.94 -15.03
CA ALA B 120 -19.21 4.44 -13.88
C ALA B 120 -20.00 5.65 -14.34
N LYS B 121 -21.02 5.98 -13.57
CA LYS B 121 -21.80 7.18 -13.82
C LYS B 121 -21.69 8.06 -12.59
N VAL B 122 -21.10 9.24 -12.77
CA VAL B 122 -20.91 10.16 -11.67
C VAL B 122 -21.70 11.42 -11.93
N ALA B 123 -21.58 12.36 -11.00
CA ALA B 123 -22.10 13.71 -11.09
C ALA B 123 -20.89 14.62 -11.05
N GLY B 124 -21.03 15.84 -11.55
CA GLY B 124 -19.88 16.73 -11.52
C GLY B 124 -20.24 18.16 -11.84
N TYR B 125 -19.33 19.06 -11.45
CA TYR B 125 -19.45 20.49 -11.72
C TYR B 125 -18.07 21.01 -12.08
N VAL B 126 -17.96 21.63 -13.25
CA VAL B 126 -16.73 22.25 -13.71
C VAL B 126 -16.93 23.76 -13.80
N TYR B 127 -15.92 24.51 -13.34
CA TYR B 127 -15.92 25.96 -13.35
C TYR B 127 -14.62 26.43 -13.97
N LEU B 128 -14.70 27.03 -15.16
CA LEU B 128 -13.54 27.31 -15.98
C LEU B 128 -13.39 28.80 -16.21
N THR B 129 -12.22 29.33 -15.88
CA THR B 129 -11.92 30.73 -16.14
C THR B 129 -10.77 30.79 -17.14
N SER B 130 -10.89 31.72 -18.09
CA SER B 130 -9.83 32.04 -19.03
C SER B 130 -9.34 33.45 -18.73
N VAL B 131 -8.04 33.59 -18.36
CA VAL B 131 -7.41 34.89 -18.17
C VAL B 131 -6.07 34.89 -18.90
N GLY B 132 -5.85 35.90 -19.74
CA GLY B 132 -4.60 36.08 -20.43
C GLY B 132 -4.12 34.88 -21.23
N GLY B 133 -5.04 34.02 -21.61
CA GLY B 133 -4.71 32.86 -22.41
C GLY B 133 -4.56 31.57 -21.65
N LEU B 134 -4.56 31.62 -20.32
CA LEU B 134 -4.50 30.43 -19.47
C LEU B 134 -5.87 30.16 -18.88
N VAL B 135 -6.21 28.88 -18.79
CA VAL B 135 -7.48 28.51 -18.18
C VAL B 135 -7.19 28.05 -16.76
N HIS B 136 -7.86 28.67 -15.80
CA HIS B 136 -7.83 28.26 -14.42
C HIS B 136 -9.22 27.76 -14.08
N GLY B 137 -9.33 26.48 -13.75
CA GLY B 137 -10.61 25.89 -13.47
C GLY B 137 -10.57 25.05 -12.19
N THR B 138 -11.78 24.68 -11.75
CA THR B 138 -11.92 23.63 -10.74
C THR B 138 -12.92 22.60 -11.24
N ILE B 139 -12.75 21.37 -10.74
CA ILE B 139 -13.69 20.29 -11.03
C ILE B 139 -14.03 19.58 -9.72
N GLN B 140 -15.30 19.22 -9.59
CA GLN B 140 -15.81 18.55 -8.40
C GLN B 140 -16.67 17.38 -8.86
N ILE B 141 -16.39 16.19 -8.32
CA ILE B 141 -17.07 14.95 -8.71
C ILE B 141 -17.74 14.33 -7.49
N LYS B 142 -19.01 13.97 -7.64
CA LYS B 142 -19.70 13.10 -6.71
C LYS B 142 -20.01 11.78 -7.41
N ALA B 143 -19.89 10.68 -6.67
CA ALA B 143 -20.18 9.35 -7.20
C ALA B 143 -20.74 8.49 -6.07
N THR B 144 -21.54 7.49 -6.43
CA THR B 144 -22.08 6.52 -5.48
C THR B 144 -21.69 5.12 -5.88
N ALA B 145 -21.58 4.24 -4.89
CA ALA B 145 -21.21 2.85 -5.18
C ALA B 145 -22.23 2.16 -6.07
N GLY B 146 -23.51 2.50 -5.90
CA GLY B 146 -24.56 1.88 -6.70
C GLY B 146 -24.47 2.25 -8.17
N TYR B 147 -23.96 3.43 -8.46
CA TYR B 147 -23.76 3.87 -9.82
C TYR B 147 -22.34 3.61 -10.31
N TRP B 148 -21.56 2.87 -9.53
CA TRP B 148 -20.26 2.36 -9.94
C TRP B 148 -20.41 0.89 -10.32
N PHE B 149 -19.49 0.41 -11.15
CA PHE B 149 -19.48 -0.99 -11.53
C PHE B 149 -19.33 -1.86 -10.29
N THR B 150 -19.57 -3.17 -10.45
CA THR B 150 -19.55 -4.13 -9.36
C THR B 150 -18.50 -5.17 -9.67
N GLY B 151 -17.70 -5.53 -8.67
CA GLY B 151 -16.60 -6.45 -8.90
C GLY B 151 -15.25 -5.88 -8.55
N GLY B 152 -14.36 -6.71 -8.04
CA GLY B 152 -13.05 -6.25 -7.69
C GLY B 152 -13.00 -5.73 -6.28
N ASN B 153 -11.91 -5.06 -5.97
CA ASN B 153 -11.68 -4.55 -4.62
C ASN B 153 -11.11 -3.15 -4.73
N SER B 154 -11.90 -2.17 -4.31
CA SER B 154 -11.53 -0.77 -4.49
C SER B 154 -10.41 -0.34 -3.55
N VAL B 155 -10.00 -1.16 -2.60
CA VAL B 155 -8.82 -0.80 -1.79
C VAL B 155 -7.53 -1.30 -2.43
N GLN B 156 -7.53 -2.51 -3.02
CA GLN B 156 -6.31 -2.99 -3.66
C GLN B 156 -6.07 -2.18 -4.93
N GLU B 157 -6.94 -2.35 -5.92
CA GLU B 157 -7.07 -1.31 -6.93
C GLU B 157 -7.45 -0.03 -6.21
N SER B 158 -7.06 1.10 -6.74
CA SER B 158 -7.67 2.26 -6.10
C SER B 158 -9.00 2.50 -6.82
N ILE B 159 -9.61 3.65 -6.60
CA ILE B 159 -10.70 4.09 -7.47
C ILE B 159 -10.11 4.97 -8.55
N ARG B 160 -10.25 4.53 -9.79
CA ARG B 160 -9.64 5.16 -10.96
C ARG B 160 -10.71 5.35 -12.01
N PHE B 161 -10.81 6.56 -12.55
CA PHE B 161 -11.79 6.82 -13.60
C PHE B 161 -11.29 7.95 -14.46
N GLY B 162 -11.77 7.98 -15.71
CA GLY B 162 -11.40 9.02 -16.66
C GLY B 162 -12.58 9.81 -17.16
N LEU B 163 -12.39 11.12 -17.31
CA LEU B 163 -13.41 12.04 -17.80
C LEU B 163 -12.86 12.86 -18.96
N VAL B 164 -13.76 13.24 -19.88
CA VAL B 164 -13.42 14.17 -20.96
C VAL B 164 -14.23 15.43 -20.73
N LEU B 165 -13.53 16.56 -20.63
CA LEU B 165 -14.18 17.87 -20.71
C LEU B 165 -14.10 18.34 -22.15
N CYS B 166 -15.26 18.60 -22.77
CA CYS B 166 -15.34 19.08 -24.14
C CYS B 166 -16.15 20.37 -24.15
N PRO B 167 -15.53 21.51 -23.84
CA PRO B 167 -16.29 22.76 -23.84
C PRO B 167 -16.83 23.13 -25.20
N PHE B 168 -16.34 22.53 -26.27
CA PHE B 168 -16.85 22.76 -27.63
C PHE B 168 -17.76 21.63 -28.08
N SER B 169 -18.64 21.16 -27.20
CA SER B 169 -19.40 19.95 -27.51
C SER B 169 -20.60 20.24 -28.40
N ALA B 170 -21.06 21.50 -28.48
CA ALA B 170 -22.16 21.81 -29.39
C ALA B 170 -21.72 21.65 -30.84
N ARG B 171 -20.51 22.12 -31.15
CA ARG B 171 -19.97 22.02 -32.49
C ARG B 171 -19.37 20.63 -32.75
N ASP B 172 -19.11 19.86 -31.69
CA ASP B 172 -18.36 18.60 -31.80
C ASP B 172 -18.93 17.59 -30.81
N PRO B 173 -20.11 17.03 -31.10
CA PRO B 173 -20.76 16.14 -30.13
C PRO B 173 -20.05 14.81 -29.95
N THR B 174 -19.38 14.28 -30.98
CA THR B 174 -18.77 12.96 -30.81
C THR B 174 -17.62 12.99 -29.81
N ALA B 175 -17.07 14.18 -29.51
CA ALA B 175 -15.96 14.35 -28.59
C ALA B 175 -16.40 14.52 -27.13
N ASN B 176 -17.70 14.73 -26.91
CA ASN B 176 -18.28 14.77 -25.57
C ASN B 176 -18.53 13.34 -25.09
N LEU B 177 -17.42 12.63 -24.87
CA LEU B 177 -17.50 11.22 -24.47
C LEU B 177 -18.13 11.06 -23.09
N SER B 178 -17.96 12.03 -22.18
CA SER B 178 -18.62 11.89 -20.88
C SER B 178 -20.09 12.32 -20.93
N GLY B 179 -20.52 13.05 -21.96
CA GLY B 179 -21.91 13.46 -22.06
C GLY B 179 -22.27 14.63 -21.18
N TRP B 180 -21.36 15.58 -21.01
CA TRP B 180 -21.69 16.78 -20.26
C TRP B 180 -22.76 17.58 -21.00
N PRO B 181 -23.66 18.23 -20.27
CA PRO B 181 -24.52 19.23 -20.92
C PRO B 181 -23.66 20.31 -21.55
N ALA B 182 -24.22 20.99 -22.56
CA ALA B 182 -23.60 22.17 -23.11
C ALA B 182 -23.17 23.11 -21.98
N PRO B 183 -22.02 23.75 -22.09
CA PRO B 183 -21.60 24.68 -21.04
C PRO B 183 -22.51 25.90 -21.00
N VAL B 184 -22.47 26.57 -19.86
CA VAL B 184 -23.14 27.84 -19.63
C VAL B 184 -22.08 28.94 -19.65
N VAL B 185 -22.32 30.00 -20.40
CA VAL B 185 -21.40 31.13 -20.44
C VAL B 185 -21.81 32.14 -19.38
N TRP B 186 -20.94 32.34 -18.39
CA TRP B 186 -21.15 33.34 -17.35
C TRP B 186 -20.50 34.67 -17.68
N SER B 187 -19.51 34.68 -18.57
CA SER B 187 -18.86 35.91 -18.98
C SER B 187 -18.28 35.71 -20.38
N GLY B 188 -18.77 36.46 -21.36
CA GLY B 188 -18.28 36.45 -22.72
C GLY B 188 -19.40 36.32 -23.74
N ASP B 189 -18.99 36.32 -25.01
CA ASP B 189 -19.87 36.13 -26.15
C ASP B 189 -20.44 34.73 -26.17
N SER B 190 -20.98 34.31 -27.30
CA SER B 190 -21.41 32.92 -27.41
C SER B 190 -20.29 32.01 -27.91
N ASN B 191 -19.25 32.59 -28.54
CA ASN B 191 -18.05 31.86 -28.95
C ASN B 191 -17.18 31.44 -27.77
N THR B 192 -17.47 31.93 -26.57
CA THR B 192 -16.55 31.77 -25.44
C THR B 192 -16.12 30.33 -25.16
N PRO B 193 -16.99 29.32 -25.26
CA PRO B 193 -16.50 27.94 -25.08
C PRO B 193 -15.30 27.58 -25.93
N LEU B 194 -15.17 28.16 -27.13
CA LEU B 194 -13.99 27.88 -27.96
C LEU B 194 -12.69 28.31 -27.30
N TYR B 195 -12.73 29.30 -26.40
CA TYR B 195 -11.51 29.69 -25.69
C TYR B 195 -11.00 28.56 -24.80
N PHE B 196 -11.88 27.68 -24.34
CA PHE B 196 -11.49 26.69 -23.36
C PHE B 196 -11.01 25.40 -23.99
N ALA B 197 -10.97 25.34 -25.31
CA ALA B 197 -10.22 24.30 -25.99
C ALA B 197 -8.74 24.47 -25.66
N ALA B 198 -8.04 23.35 -25.52
CA ALA B 198 -6.65 23.40 -25.05
C ALA B 198 -5.76 23.82 -26.21
N ASN B 199 -4.88 24.77 -25.93
CA ASN B 199 -4.05 25.46 -26.92
C ASN B 199 -3.48 24.54 -27.98
N ALA B 200 -3.78 24.84 -29.26
CA ALA B 200 -3.41 23.94 -30.36
C ALA B 200 -1.90 23.77 -30.47
N ILE B 201 -1.15 24.88 -30.50
CA ILE B 201 0.30 24.77 -30.66
C ILE B 201 0.92 24.06 -29.46
N SER B 202 0.53 24.45 -28.23
CA SER B 202 1.26 23.98 -27.06
C SER B 202 0.98 22.51 -26.70
N TYR B 203 -0.12 21.91 -27.16
CA TYR B 203 -0.28 20.48 -26.90
C TYR B 203 -0.19 19.60 -28.14
N THR B 204 0.32 20.14 -29.26
CA THR B 204 0.45 19.35 -30.49
C THR B 204 0.99 17.95 -30.22
N ASN B 205 2.01 17.87 -29.36
CA ASN B 205 2.65 16.60 -29.05
C ASN B 205 2.48 16.22 -27.59
N ASN B 206 1.54 16.87 -26.90
CA ASN B 206 1.23 16.55 -25.52
C ASN B 206 -0.27 16.35 -25.34
N ARG B 207 -0.88 15.54 -26.23
CA ARG B 207 -2.30 15.23 -26.17
C ARG B 207 -2.51 13.78 -26.59
N VAL B 208 -3.48 13.12 -25.96
CA VAL B 208 -3.78 11.72 -26.21
C VAL B 208 -4.95 11.61 -27.18
N ASN B 209 -4.90 10.63 -28.08
CA ASN B 209 -6.01 10.37 -28.98
C ASN B 209 -6.88 9.29 -28.34
N LEU B 210 -8.14 9.62 -28.05
CA LEU B 210 -8.97 8.69 -27.29
C LEU B 210 -9.90 7.91 -28.20
N ALA B 211 -10.20 6.69 -27.77
CA ALA B 211 -11.17 5.86 -28.45
C ALA B 211 -12.55 6.50 -28.35
N VAL B 212 -13.38 6.26 -29.38
CA VAL B 212 -14.77 6.70 -29.35
C VAL B 212 -15.68 5.72 -28.61
N THR B 213 -15.12 4.66 -28.05
CA THR B 213 -15.85 3.52 -27.51
C THR B 213 -15.76 3.51 -25.96
N GLY B 214 -16.41 2.51 -25.36
CA GLY B 214 -16.67 2.56 -23.92
C GLY B 214 -15.42 2.48 -23.07
N ASN B 215 -14.38 1.83 -23.56
CA ASN B 215 -13.15 1.68 -22.79
C ASN B 215 -12.14 2.75 -23.16
N PHE B 216 -12.61 3.99 -23.33
CA PHE B 216 -11.65 5.04 -23.65
C PHE B 216 -10.66 5.31 -22.52
N TYR B 217 -10.91 4.78 -21.32
CA TYR B 217 -9.98 4.97 -20.19
C TYR B 217 -8.54 4.80 -20.63
N LYS B 218 -7.70 5.76 -20.23
CA LYS B 218 -6.26 5.68 -20.41
C LYS B 218 -5.63 5.97 -19.06
N GLU B 219 -4.76 5.09 -18.60
CA GLU B 219 -4.08 5.31 -17.34
C GLU B 219 -3.09 6.47 -17.50
N GLU B 220 -2.87 7.18 -16.40
CA GLU B 220 -1.99 8.33 -16.51
C GLU B 220 -0.56 7.95 -16.91
N THR B 221 -0.14 6.71 -16.65
CA THR B 221 1.18 6.31 -17.13
C THR B 221 1.27 6.24 -18.65
N GLU B 222 0.15 6.26 -19.36
CA GLU B 222 0.17 6.28 -20.82
C GLU B 222 -0.23 7.63 -21.38
N LEU B 223 -0.17 8.67 -20.54
CA LEU B 223 -0.52 9.90 -21.22
C LEU B 223 0.73 10.58 -21.77
N PRO B 224 0.64 11.15 -22.95
CA PRO B 224 1.80 11.88 -23.50
C PRO B 224 2.04 13.19 -22.77
N GLY B 225 2.35 13.11 -21.48
CA GLY B 225 2.49 14.28 -20.66
C GLY B 225 1.28 14.54 -19.77
N TYR B 226 1.52 15.03 -18.56
CA TYR B 226 0.40 15.43 -17.70
C TYR B 226 0.89 16.38 -16.61
N THR B 227 -0.07 17.06 -16.03
CA THR B 227 0.14 17.78 -14.78
C THR B 227 -0.64 17.04 -13.70
N ARG B 228 -0.20 17.21 -12.46
CA ARG B 228 -0.80 16.50 -11.35
C ARG B 228 -1.27 17.46 -10.28
N HIS B 229 -2.44 17.17 -9.72
CA HIS B 229 -3.05 18.03 -8.72
C HIS B 229 -3.60 17.16 -7.62
N SER B 230 -3.06 17.32 -6.41
CA SER B 230 -3.34 16.43 -5.31
C SER B 230 -4.49 16.97 -4.48
N PHE B 231 -5.27 16.06 -3.90
CA PHE B 231 -6.49 16.38 -3.19
C PHE B 231 -6.88 15.16 -2.37
N CYS B 232 -8.00 15.27 -1.65
CA CYS B 232 -8.57 14.11 -1.02
C CYS B 232 -10.07 14.32 -1.03
N PRO B 233 -10.85 13.30 -1.33
CA PRO B 233 -12.31 13.43 -1.24
C PRO B 233 -12.80 13.09 0.15
N THR B 234 -13.99 13.58 0.45
CA THR B 234 -14.74 13.04 1.56
C THR B 234 -15.72 11.98 1.07
N GLY B 235 -16.44 11.38 2.00
CA GLY B 235 -17.43 10.37 1.62
C GLY B 235 -18.09 9.73 2.82
N THR B 236 -18.69 8.57 2.55
CA THR B 236 -19.31 7.78 3.59
C THR B 236 -18.24 7.31 4.57
N THR B 237 -18.68 7.07 5.83
CA THR B 237 -17.77 7.00 6.97
C THR B 237 -16.77 5.82 6.87
N GLY B 238 -17.21 4.65 6.46
CA GLY B 238 -16.12 3.70 6.39
C GLY B 238 -15.14 3.79 5.22
N MET B 239 -15.14 4.85 4.40
CA MET B 239 -14.34 4.83 3.17
C MET B 239 -12.84 4.91 3.44
N ASN B 240 -12.43 5.65 4.48
CA ASN B 240 -11.02 5.76 4.87
C ASN B 240 -10.14 6.23 3.73
N PHE B 241 -10.54 7.32 3.08
CA PHE B 241 -9.74 7.83 1.98
C PHE B 241 -8.40 8.32 2.50
N THR B 242 -7.35 8.14 1.70
CA THR B 242 -6.01 8.57 2.09
C THR B 242 -5.37 9.52 1.10
N GLY B 243 -5.95 9.71 -0.07
CA GLY B 243 -5.45 10.72 -0.99
C GLY B 243 -6.11 10.61 -2.33
N GLY B 244 -5.91 11.65 -3.13
CA GLY B 244 -6.35 11.65 -4.51
C GLY B 244 -5.33 12.37 -5.37
N ASN B 245 -5.43 12.12 -6.69
CA ASN B 245 -4.66 12.88 -7.68
C ASN B 245 -5.47 13.01 -8.97
N LEU B 246 -5.60 14.26 -9.45
CA LEU B 246 -6.09 14.56 -10.77
C LEU B 246 -4.90 14.67 -11.75
N TYR B 247 -4.99 13.96 -12.88
CA TYR B 247 -3.99 14.01 -13.95
C TYR B 247 -4.64 14.60 -15.20
N VAL B 248 -4.10 15.72 -15.68
CA VAL B 248 -4.71 16.54 -16.71
C VAL B 248 -3.86 16.46 -17.97
N CYS B 249 -4.49 16.12 -19.06
CA CYS B 249 -3.76 16.05 -20.31
C CYS B 249 -4.76 16.17 -21.43
N PRO B 250 -4.64 17.19 -22.28
CA PRO B 250 -5.63 17.38 -23.34
C PRO B 250 -5.67 16.17 -24.26
N CYS B 251 -6.72 16.11 -25.06
CA CYS B 251 -7.00 14.89 -25.77
C CYS B 251 -7.75 15.20 -27.06
N THR B 252 -7.95 14.16 -27.84
CA THR B 252 -8.60 14.28 -29.14
C THR B 252 -9.34 12.99 -29.39
N VAL B 253 -10.48 13.09 -30.07
CA VAL B 253 -11.30 11.93 -30.42
C VAL B 253 -11.15 11.69 -31.92
N ASN B 254 -10.95 10.42 -32.29
CA ASN B 254 -10.68 10.01 -33.67
C ASN B 254 -11.71 10.59 -34.66
N THR B 255 -12.98 10.20 -34.51
CA THR B 255 -14.00 10.54 -35.51
C THR B 255 -14.62 11.90 -35.19
N GLY B 256 -13.83 12.80 -34.60
CA GLY B 256 -14.34 14.09 -34.22
C GLY B 256 -14.63 14.99 -35.42
N ALA B 257 -15.43 16.02 -35.15
CA ALA B 257 -15.87 16.97 -36.16
C ALA B 257 -15.02 18.24 -36.19
N THR B 258 -13.95 18.27 -35.40
CA THR B 258 -13.05 19.43 -35.33
C THR B 258 -11.62 18.92 -35.13
N THR B 259 -10.66 19.84 -35.25
CA THR B 259 -9.28 19.60 -34.86
C THR B 259 -9.00 20.05 -33.42
N LEU B 260 -10.04 20.40 -32.66
CA LEU B 260 -9.87 21.02 -31.37
C LEU B 260 -9.50 20.00 -30.30
N ASN B 261 -8.94 20.50 -29.19
CA ASN B 261 -8.41 19.69 -28.10
C ASN B 261 -9.38 19.76 -26.93
N ALA B 262 -10.05 18.66 -26.63
CA ALA B 262 -10.79 18.59 -25.39
C ALA B 262 -9.76 18.39 -24.26
N ILE B 263 -10.23 18.16 -23.04
CA ILE B 263 -9.34 17.92 -21.90
C ILE B 263 -9.69 16.56 -21.30
N TYR B 264 -8.68 15.70 -21.19
CA TYR B 264 -8.85 14.41 -20.54
C TYR B 264 -8.33 14.50 -19.10
N MET B 265 -9.07 13.87 -18.19
CA MET B 265 -8.78 13.93 -16.77
C MET B 265 -8.94 12.54 -16.18
N VAL B 266 -7.89 12.02 -15.55
CA VAL B 266 -7.97 10.74 -14.86
C VAL B 266 -7.78 10.96 -13.36
N PHE B 267 -8.71 10.46 -12.58
CA PHE B 267 -8.67 10.59 -11.13
C PHE B 267 -8.19 9.27 -10.54
N VAL B 268 -7.43 9.35 -9.46
CA VAL B 268 -7.01 8.17 -8.73
C VAL B 268 -7.23 8.50 -7.26
N ILE B 269 -8.17 7.80 -6.63
CA ILE B 269 -8.50 8.01 -5.21
C ILE B 269 -8.12 6.74 -4.46
N THR B 270 -7.35 6.89 -3.38
CA THR B 270 -6.77 5.78 -2.65
C THR B 270 -7.37 5.64 -1.25
N GLN B 271 -7.44 4.40 -0.75
CA GLN B 271 -7.97 4.18 0.60
C GLN B 271 -7.03 3.28 1.41
N SER B 272 -7.17 3.38 2.72
CA SER B 272 -6.38 2.59 3.64
C SER B 272 -6.90 1.14 3.71
N ALA B 273 -6.13 0.28 4.36
CA ALA B 273 -6.44 -1.14 4.31
C ALA B 273 -7.79 -1.45 4.93
N LEU B 274 -8.31 -0.55 5.76
CA LEU B 274 -9.57 -0.73 6.47
C LEU B 274 -10.78 -0.16 5.73
N GLY B 275 -10.63 0.29 4.48
CA GLY B 275 -11.68 1.03 3.84
C GLY B 275 -12.72 0.14 3.15
N THR B 276 -13.91 0.70 2.99
CA THR B 276 -15.00 -0.05 2.38
C THR B 276 -14.66 -0.39 0.93
N ASN B 277 -15.00 -1.62 0.52
CA ASN B 277 -14.92 -1.96 -0.91
C ASN B 277 -16.02 -1.23 -1.66
N PHE B 278 -15.67 -0.12 -2.29
CA PHE B 278 -16.64 0.64 -3.08
C PHE B 278 -17.23 -0.21 -4.20
N PHE B 279 -16.50 -1.23 -4.66
CA PHE B 279 -16.91 -2.04 -5.80
C PHE B 279 -17.71 -3.28 -5.41
N ALA B 280 -18.03 -3.46 -4.13
CA ALA B 280 -18.66 -4.69 -3.72
C ALA B 280 -20.15 -4.63 -3.98
N SER B 281 -20.73 -5.80 -4.28
CA SER B 281 -22.18 -5.84 -4.50
C SER B 281 -22.95 -5.69 -3.19
N ASN B 282 -22.33 -6.05 -2.06
CA ASN B 282 -22.96 -5.87 -0.75
C ASN B 282 -22.70 -4.48 -0.15
N THR B 283 -21.89 -3.64 -0.76
CA THR B 283 -21.80 -2.26 -0.30
C THR B 283 -23.15 -1.58 -0.47
N PRO B 284 -23.67 -0.87 0.54
CA PRO B 284 -24.90 -0.08 0.36
C PRO B 284 -24.79 0.85 -0.84
N PRO B 285 -25.83 0.91 -1.68
CA PRO B 285 -25.70 1.65 -2.95
C PRO B 285 -25.55 3.16 -2.79
N ASN B 286 -25.90 3.73 -1.63
CA ASN B 286 -25.82 5.18 -1.48
C ASN B 286 -24.50 5.64 -0.86
N THR B 287 -23.64 4.70 -0.45
CA THR B 287 -22.22 4.95 -0.20
C THR B 287 -21.64 5.83 -1.30
N PHE B 288 -21.02 6.95 -0.90
CA PHE B 288 -20.65 7.97 -1.87
C PHE B 288 -19.27 8.55 -1.56
N PHE B 289 -18.60 9.04 -2.61
CA PHE B 289 -17.52 10.00 -2.40
C PHE B 289 -17.86 11.30 -3.09
N LEU B 290 -17.27 12.38 -2.56
CA LEU B 290 -17.44 13.71 -3.13
C LEU B 290 -16.11 14.45 -3.00
N THR B 291 -15.46 14.73 -4.13
CA THR B 291 -14.25 15.53 -4.11
C THR B 291 -14.62 16.95 -3.71
N PRO B 292 -13.68 17.72 -3.16
CA PRO B 292 -13.85 19.16 -3.15
C PRO B 292 -13.70 19.67 -4.56
N PRO B 293 -13.88 20.96 -4.81
CA PRO B 293 -13.47 21.50 -6.11
C PRO B 293 -11.95 21.40 -6.22
N ILE B 294 -11.47 20.70 -7.25
CA ILE B 294 -10.04 20.48 -7.45
C ILE B 294 -9.52 21.52 -8.44
N PRO B 295 -8.66 22.45 -8.03
CA PRO B 295 -8.17 23.47 -8.97
C PRO B 295 -7.05 22.95 -9.87
N PHE B 296 -7.11 23.34 -11.15
CA PHE B 296 -6.13 23.00 -12.17
C PHE B 296 -6.06 24.11 -13.20
N THR B 297 -4.96 24.11 -13.96
CA THR B 297 -4.66 25.13 -14.96
C THR B 297 -4.10 24.45 -16.20
N TYR B 298 -4.55 24.90 -17.37
CA TYR B 298 -3.95 24.46 -18.62
C TYR B 298 -3.90 25.65 -19.57
N VAL B 299 -3.11 25.52 -20.62
CA VAL B 299 -2.98 26.62 -21.58
C VAL B 299 -4.21 26.60 -22.46
N GLY B 300 -4.95 27.71 -22.46
CA GLY B 300 -6.18 27.82 -23.21
C GLY B 300 -5.95 28.23 -24.64
N ALA B 301 -7.04 28.33 -25.37
CA ALA B 301 -6.99 28.51 -26.82
C ALA B 301 -6.40 29.87 -27.21
N THR C 78 -4.77 -66.29 19.12
CA THR C 78 -4.58 -66.97 17.85
C THR C 78 -3.69 -66.12 16.91
N GLU C 79 -2.53 -66.66 16.54
CA GLU C 79 -1.46 -65.88 15.91
C GLU C 79 -0.97 -66.50 14.60
N ASN C 80 -1.87 -67.13 13.85
CA ASN C 80 -1.53 -67.74 12.57
C ASN C 80 -2.25 -67.11 11.38
N GLY C 81 -3.20 -66.21 11.61
CA GLY C 81 -3.90 -65.52 10.52
C GLY C 81 -3.14 -64.28 10.10
N LEU C 82 -2.99 -64.11 8.77
CA LEU C 82 -1.92 -63.29 8.19
C LEU C 82 -1.91 -61.84 8.69
N ALA C 83 -2.91 -61.42 9.46
CA ALA C 83 -2.80 -60.14 10.16
C ALA C 83 -1.73 -60.24 11.25
N LEU C 84 -1.11 -59.10 11.54
CA LEU C 84 -0.04 -59.08 12.52
C LEU C 84 -0.65 -58.95 13.92
N LYS C 85 0.10 -59.42 14.91
CA LYS C 85 -0.46 -59.54 16.24
C LYS C 85 0.19 -58.62 17.26
N VAL C 86 1.41 -58.14 17.01
CA VAL C 86 2.04 -57.17 17.91
C VAL C 86 1.18 -55.90 17.94
N SER C 87 0.79 -55.39 16.76
CA SER C 87 -0.18 -54.30 16.61
C SER C 87 -1.00 -54.55 15.35
N PRO C 88 -2.33 -54.62 15.46
CA PRO C 88 -3.14 -55.13 14.33
C PRO C 88 -3.46 -54.08 13.27
N THR C 89 -2.47 -53.29 12.83
CA THR C 89 -2.70 -52.05 12.07
C THR C 89 -3.89 -51.24 12.62
N GLN C 90 -4.06 -51.26 13.94
CA GLN C 90 -4.75 -50.18 14.65
C GLN C 90 -3.86 -48.94 14.75
N THR C 91 -2.87 -48.89 13.86
CA THR C 91 -1.92 -47.82 13.62
C THR C 91 -2.23 -47.14 12.29
N PRO C 92 -2.34 -45.82 12.27
CA PRO C 92 -2.71 -45.13 11.02
C PRO C 92 -1.60 -45.22 9.96
N LEU C 93 -2.02 -45.52 8.74
CA LEU C 93 -1.11 -45.59 7.60
C LEU C 93 -1.01 -44.23 6.93
N THR C 94 0.19 -43.90 6.45
CA THR C 94 0.43 -42.62 5.77
C THR C 94 0.23 -42.84 4.26
N ARG C 95 -0.94 -42.47 3.76
CA ARG C 95 -1.27 -42.57 2.34
C ARG C 95 -0.69 -41.39 1.57
N ILE C 96 -0.45 -41.61 0.28
CA ILE C 96 0.17 -40.61 -0.59
C ILE C 96 -0.50 -40.66 -1.96
N ILE C 97 -0.96 -39.50 -2.46
CA ILE C 97 -1.36 -39.38 -3.85
C ILE C 97 -0.79 -38.10 -4.42
N SER C 98 -0.58 -38.11 -5.73
CA SER C 98 -0.14 -36.94 -6.46
C SER C 98 -1.09 -36.71 -7.63
N MET C 99 -1.34 -35.44 -7.96
CA MET C 99 -2.07 -35.07 -9.16
C MET C 99 -1.24 -34.06 -9.94
N GLY C 100 -1.29 -34.17 -11.27
CA GLY C 100 -0.51 -33.30 -12.12
C GLY C 100 0.84 -33.87 -12.47
N ASN C 101 1.69 -33.00 -13.02
CA ASN C 101 2.98 -33.38 -13.59
C ASN C 101 4.06 -32.48 -13.02
N ASN C 102 4.89 -33.03 -12.12
CA ASN C 102 5.85 -32.20 -11.40
C ASN C 102 7.02 -31.74 -12.27
N LEU C 103 7.10 -32.21 -13.52
CA LEU C 103 8.15 -31.76 -14.42
C LEU C 103 7.78 -30.55 -15.23
N PHE C 104 6.47 -30.26 -15.35
CA PHE C 104 5.99 -29.10 -16.12
C PHE C 104 6.47 -29.17 -17.56
N ASP C 105 6.65 -30.40 -18.07
CA ASP C 105 7.00 -30.68 -19.46
C ASP C 105 5.79 -31.11 -20.30
N SER C 106 4.62 -31.28 -19.67
CA SER C 106 3.37 -31.31 -20.41
C SER C 106 3.09 -29.87 -20.83
N GLY C 107 1.85 -29.52 -21.13
CA GLY C 107 1.66 -28.13 -21.49
C GLY C 107 1.08 -27.26 -20.39
N TYR C 108 0.08 -26.46 -20.73
CA TYR C 108 -0.74 -25.76 -19.74
C TYR C 108 -2.18 -26.21 -19.97
N GLU C 109 -2.64 -27.18 -19.18
CA GLU C 109 -3.95 -27.78 -19.43
C GLU C 109 -4.82 -27.92 -18.18
N ILE C 110 -4.45 -27.30 -17.07
CA ILE C 110 -5.32 -27.20 -15.91
C ILE C 110 -6.17 -25.95 -16.06
N PHE C 111 -7.45 -26.05 -15.74
CA PHE C 111 -8.40 -24.98 -16.02
C PHE C 111 -8.59 -24.14 -14.76
N ALA C 112 -8.24 -22.86 -14.86
CA ALA C 112 -8.35 -21.91 -13.76
C ALA C 112 -9.46 -20.90 -14.05
N SER C 113 -10.30 -20.64 -13.04
CA SER C 113 -11.30 -19.58 -13.12
C SER C 113 -10.72 -18.28 -12.56
N CYS C 114 -11.11 -17.17 -13.15
CA CYS C 114 -10.54 -15.87 -12.83
C CYS C 114 -11.68 -14.88 -12.62
N PRO C 115 -11.41 -13.74 -12.00
CA PRO C 115 -12.49 -12.79 -11.72
C PRO C 115 -13.25 -12.42 -12.99
N GLN C 116 -14.55 -12.19 -12.83
CA GLN C 116 -15.37 -11.49 -13.84
C GLN C 116 -15.53 -12.33 -15.12
N ASN C 117 -15.91 -13.61 -14.94
CA ASN C 117 -16.09 -14.59 -16.01
C ASN C 117 -14.87 -14.63 -16.95
N LYS C 118 -13.68 -14.54 -16.38
CA LYS C 118 -12.48 -14.77 -17.16
C LYS C 118 -11.89 -16.12 -16.77
N ALA C 119 -11.01 -16.64 -17.62
CA ALA C 119 -10.37 -17.91 -17.30
C ALA C 119 -8.92 -17.88 -17.75
N ALA C 120 -8.19 -18.90 -17.31
CA ALA C 120 -6.79 -19.05 -17.63
C ALA C 120 -6.46 -20.54 -17.62
N LYS C 121 -5.50 -20.92 -18.44
CA LYS C 121 -4.94 -22.26 -18.44
C LYS C 121 -3.60 -22.22 -17.73
N VAL C 122 -3.39 -23.16 -16.80
CA VAL C 122 -2.13 -23.25 -16.05
C VAL C 122 -1.61 -24.68 -16.06
N ALA C 123 -0.42 -24.85 -15.49
CA ALA C 123 0.17 -26.14 -15.17
C ALA C 123 0.35 -26.25 -13.66
N GLY C 124 0.20 -27.46 -13.14
CA GLY C 124 0.27 -27.65 -11.71
C GLY C 124 0.68 -29.05 -11.30
N TYR C 125 1.14 -29.15 -10.06
CA TYR C 125 1.49 -30.43 -9.44
C TYR C 125 1.05 -30.41 -7.99
N VAL C 126 0.22 -31.37 -7.60
CA VAL C 126 -0.31 -31.47 -6.25
C VAL C 126 0.18 -32.77 -5.65
N TYR C 127 0.81 -32.67 -4.48
CA TYR C 127 1.35 -33.82 -3.74
C TYR C 127 0.68 -33.87 -2.38
N LEU C 128 -0.14 -34.88 -2.16
CA LEU C 128 -1.02 -34.95 -0.99
C LEU C 128 -0.69 -36.19 -0.15
N THR C 129 -0.42 -35.97 1.13
CA THR C 129 -0.21 -37.05 2.08
C THR C 129 -1.33 -37.03 3.10
N SER C 130 -1.74 -38.23 3.53
CA SER C 130 -2.82 -38.39 4.51
C SER C 130 -2.28 -39.09 5.75
N VAL C 131 -2.30 -38.38 6.88
CA VAL C 131 -1.62 -38.79 8.11
C VAL C 131 -2.56 -38.59 9.30
N GLY C 132 -3.13 -39.68 9.81
CA GLY C 132 -3.90 -39.59 11.03
C GLY C 132 -5.22 -38.87 10.88
N GLY C 133 -5.76 -38.81 9.67
CA GLY C 133 -6.99 -38.09 9.41
C GLY C 133 -6.81 -36.69 8.85
N LEU C 134 -5.56 -36.23 8.72
CA LEU C 134 -5.27 -34.90 8.20
C LEU C 134 -4.50 -35.02 6.89
N VAL C 135 -4.88 -34.21 5.92
CA VAL C 135 -4.14 -34.16 4.65
C VAL C 135 -3.11 -33.03 4.73
N HIS C 136 -1.84 -33.39 4.53
CA HIS C 136 -0.76 -32.43 4.43
C HIS C 136 -0.29 -32.46 3.00
N GLY C 137 -0.46 -31.33 2.29
CA GLY C 137 -0.21 -31.28 0.87
C GLY C 137 0.71 -30.13 0.49
N THR C 138 1.19 -30.19 -0.76
CA THR C 138 1.79 -29.04 -1.41
C THR C 138 1.16 -28.85 -2.79
N ILE C 139 1.06 -27.59 -3.22
CA ILE C 139 0.60 -27.29 -4.57
C ILE C 139 1.58 -26.33 -5.23
N GLN C 140 1.89 -26.60 -6.50
CA GLN C 140 2.79 -25.76 -7.27
C GLN C 140 2.13 -25.43 -8.60
N ILE C 141 2.11 -24.14 -8.95
CA ILE C 141 1.42 -23.67 -10.14
C ILE C 141 2.38 -22.87 -11.01
N LYS C 142 2.39 -23.18 -12.31
CA LYS C 142 3.13 -22.41 -13.31
C LYS C 142 2.14 -21.86 -14.33
N ALA C 143 2.35 -20.61 -14.73
CA ALA C 143 1.45 -19.97 -15.66
C ALA C 143 2.24 -19.04 -16.57
N THR C 144 1.64 -18.68 -17.71
CA THR C 144 2.24 -17.71 -18.62
C THR C 144 1.20 -16.70 -19.08
N ALA C 145 1.70 -15.56 -19.53
CA ALA C 145 0.81 -14.48 -19.95
C ALA C 145 -0.02 -14.89 -21.18
N GLY C 146 0.55 -15.69 -22.08
CA GLY C 146 -0.16 -16.06 -23.30
C GLY C 146 -1.38 -16.91 -23.04
N TYR C 147 -1.31 -17.80 -22.05
CA TYR C 147 -2.48 -18.59 -21.69
C TYR C 147 -3.33 -17.92 -20.62
N TRP C 148 -3.02 -16.68 -20.25
CA TRP C 148 -3.87 -15.89 -19.37
C TRP C 148 -4.73 -14.96 -20.21
N PHE C 149 -5.86 -14.55 -19.64
CA PHE C 149 -6.73 -13.60 -20.33
C PHE C 149 -5.96 -12.30 -20.59
N THR C 150 -6.57 -11.42 -21.39
CA THR C 150 -5.94 -10.16 -21.76
C THR C 150 -6.89 -9.04 -21.42
N GLY C 151 -6.33 -7.94 -20.90
CA GLY C 151 -7.08 -6.75 -20.50
C GLY C 151 -6.96 -6.51 -19.00
N GLY C 152 -6.70 -5.26 -18.65
CA GLY C 152 -6.56 -4.88 -17.27
C GLY C 152 -5.13 -4.62 -16.85
N ASN C 153 -4.96 -4.56 -15.54
CA ASN C 153 -3.68 -4.18 -14.96
C ASN C 153 -3.38 -5.12 -13.80
N SER C 154 -2.41 -6.02 -13.99
CA SER C 154 -2.14 -7.07 -13.02
C SER C 154 -1.56 -6.50 -11.73
N VAL C 155 -0.93 -5.34 -11.80
CA VAL C 155 -0.40 -4.73 -10.59
C VAL C 155 -1.54 -4.16 -9.75
N GLN C 156 -2.54 -3.57 -10.39
CA GLN C 156 -3.61 -2.87 -9.67
C GLN C 156 -4.67 -3.85 -9.16
N GLU C 157 -5.28 -4.60 -10.06
CA GLU C 157 -5.93 -5.84 -9.67
C GLU C 157 -4.84 -6.75 -9.13
N SER C 158 -5.18 -7.90 -8.60
CA SER C 158 -3.97 -8.70 -8.48
C SER C 158 -3.96 -9.78 -9.55
N ILE C 159 -3.12 -10.80 -9.37
CA ILE C 159 -3.22 -12.02 -10.16
C ILE C 159 -4.03 -13.02 -9.34
N ARG C 160 -5.27 -13.25 -9.74
CA ARG C 160 -6.22 -14.02 -8.95
C ARG C 160 -6.79 -15.14 -9.80
N PHE C 161 -6.74 -16.36 -9.28
CA PHE C 161 -7.29 -17.49 -10.00
C PHE C 161 -7.70 -18.54 -9.00
N GLY C 162 -8.75 -19.28 -9.34
CA GLY C 162 -9.20 -20.42 -8.55
C GLY C 162 -9.07 -21.73 -9.29
N LEU C 163 -8.80 -22.80 -8.52
CA LEU C 163 -8.80 -24.17 -8.99
C LEU C 163 -9.58 -25.07 -8.06
N VAL C 164 -10.05 -26.19 -8.61
CA VAL C 164 -10.68 -27.25 -7.83
C VAL C 164 -9.74 -28.44 -7.84
N LEU C 165 -9.48 -28.99 -6.67
CA LEU C 165 -8.80 -30.27 -6.55
C LEU C 165 -9.86 -31.34 -6.33
N CYS C 166 -9.85 -32.37 -7.19
CA CYS C 166 -10.77 -33.51 -7.09
C CYS C 166 -9.99 -34.82 -7.08
N PRO C 167 -9.51 -35.25 -5.92
CA PRO C 167 -8.82 -36.54 -5.87
C PRO C 167 -9.70 -37.71 -6.25
N PHE C 168 -10.99 -37.65 -5.93
CA PHE C 168 -11.97 -38.62 -6.41
C PHE C 168 -12.51 -38.27 -7.81
N SER C 169 -11.67 -37.75 -8.70
CA SER C 169 -12.14 -37.40 -10.03
C SER C 169 -12.59 -38.64 -10.82
N ALA C 170 -11.99 -39.80 -10.55
CA ALA C 170 -12.39 -41.03 -11.25
C ALA C 170 -13.85 -41.37 -10.99
N ARG C 171 -14.27 -41.36 -9.71
CA ARG C 171 -15.61 -41.73 -9.31
C ARG C 171 -16.63 -40.61 -9.56
N ASP C 172 -16.19 -39.35 -9.64
CA ASP C 172 -17.09 -38.21 -9.83
C ASP C 172 -16.50 -37.22 -10.82
N PRO C 173 -16.51 -37.57 -12.12
CA PRO C 173 -15.78 -36.74 -13.10
C PRO C 173 -16.38 -35.36 -13.31
N THR C 174 -17.67 -35.17 -13.08
CA THR C 174 -18.25 -33.85 -13.32
C THR C 174 -17.73 -32.81 -12.33
N ALA C 175 -17.14 -33.24 -11.20
CA ALA C 175 -16.62 -32.31 -10.20
C ALA C 175 -15.17 -31.86 -10.46
N ASN C 176 -14.45 -32.53 -11.38
CA ASN C 176 -13.10 -32.13 -11.75
C ASN C 176 -13.17 -30.97 -12.75
N LEU C 177 -13.55 -29.81 -12.22
CA LEU C 177 -13.74 -28.61 -13.02
C LEU C 177 -12.43 -28.07 -13.61
N SER C 178 -11.28 -28.35 -13.00
CA SER C 178 -10.00 -27.89 -13.53
C SER C 178 -9.34 -28.90 -14.46
N GLY C 179 -9.96 -30.06 -14.67
CA GLY C 179 -9.45 -31.06 -15.58
C GLY C 179 -8.12 -31.69 -15.22
N TRP C 180 -7.87 -31.93 -13.93
CA TRP C 180 -6.65 -32.64 -13.56
C TRP C 180 -6.73 -34.08 -14.05
N PRO C 181 -5.61 -34.67 -14.45
CA PRO C 181 -5.61 -36.11 -14.74
C PRO C 181 -5.92 -36.88 -13.46
N ALA C 182 -6.09 -38.20 -13.62
CA ALA C 182 -6.39 -39.03 -12.47
C ALA C 182 -5.21 -39.01 -11.49
N PRO C 183 -5.47 -39.14 -10.19
CA PRO C 183 -4.37 -39.07 -9.21
C PRO C 183 -3.57 -40.37 -9.22
N VAL C 184 -2.28 -40.25 -9.50
CA VAL C 184 -1.38 -41.35 -9.21
C VAL C 184 -1.34 -41.59 -7.72
N VAL C 185 -1.55 -42.84 -7.31
CA VAL C 185 -1.38 -43.24 -5.92
C VAL C 185 0.07 -43.65 -5.72
N TRP C 186 0.69 -43.15 -4.65
CA TRP C 186 2.00 -43.61 -4.24
C TRP C 186 1.84 -44.26 -2.86
N GLY C 188 -0.69 -46.20 -1.03
CA GLY C 188 -1.75 -47.03 -0.49
C GLY C 188 -2.61 -47.87 -1.44
N ASP C 189 -3.79 -48.27 -0.96
CA ASP C 189 -4.74 -49.10 -1.69
C ASP C 189 -5.38 -48.30 -2.84
N SER C 190 -5.87 -49.03 -3.85
CA SER C 190 -6.54 -48.44 -5.01
C SER C 190 -7.66 -47.46 -4.66
N ASN C 191 -8.14 -47.44 -3.41
CA ASN C 191 -9.24 -46.59 -3.03
C ASN C 191 -8.79 -45.37 -2.24
N THR C 192 -7.48 -45.12 -2.13
CA THR C 192 -6.99 -44.04 -1.28
C THR C 192 -7.48 -42.65 -1.69
N PRO C 193 -7.62 -42.29 -3.00
CA PRO C 193 -8.15 -40.96 -3.33
C PRO C 193 -9.39 -40.56 -2.54
N LEU C 194 -10.21 -41.54 -2.15
CA LEU C 194 -11.38 -41.25 -1.33
C LEU C 194 -11.01 -40.64 0.01
N TYR C 195 -9.85 -41.02 0.54
CA TYR C 195 -9.40 -40.44 1.80
C TYR C 195 -9.08 -38.96 1.70
N PHE C 196 -8.86 -38.46 0.49
CA PHE C 196 -8.42 -37.10 0.33
C PHE C 196 -9.56 -36.13 0.05
N ALA C 197 -10.78 -36.63 -0.12
CA ALA C 197 -11.95 -35.78 0.01
C ALA C 197 -11.97 -35.13 1.39
N ALA C 198 -12.47 -33.91 1.45
CA ALA C 198 -12.47 -33.16 2.70
C ALA C 198 -13.54 -33.72 3.63
N ASN C 199 -13.24 -33.64 4.93
CA ASN C 199 -14.08 -34.23 5.95
C ASN C 199 -15.54 -33.79 5.82
N ALA C 200 -16.43 -34.75 5.60
CA ALA C 200 -17.84 -34.43 5.45
C ALA C 200 -18.34 -33.63 6.65
N ILE C 201 -18.07 -34.12 7.84
CA ILE C 201 -18.62 -33.52 9.06
C ILE C 201 -18.08 -32.12 9.27
N SER C 202 -16.74 -32.00 9.33
CA SER C 202 -16.14 -30.73 9.73
C SER C 202 -16.32 -29.64 8.69
N TYR C 203 -16.63 -29.99 7.44
CA TYR C 203 -16.86 -29.00 6.41
C TYR C 203 -18.33 -28.89 6.01
N THR C 204 -19.23 -29.55 6.75
CA THR C 204 -20.66 -29.50 6.43
C THR C 204 -21.12 -28.07 6.18
N ASN C 205 -20.62 -27.13 6.98
CA ASN C 205 -21.04 -25.74 6.96
C ASN C 205 -19.89 -24.80 6.61
N ASN C 206 -18.80 -25.34 6.09
CA ASN C 206 -17.65 -24.56 5.64
C ASN C 206 -17.24 -24.99 4.25
N ARG C 207 -18.18 -25.02 3.31
CA ARG C 207 -17.92 -25.51 1.97
C ARG C 207 -18.73 -24.73 0.94
N VAL C 208 -18.09 -24.37 -0.15
CA VAL C 208 -18.70 -23.50 -1.14
C VAL C 208 -19.31 -24.36 -2.23
N ASN C 209 -20.59 -24.13 -2.50
CA ASN C 209 -21.24 -24.74 -3.64
C ASN C 209 -20.73 -24.05 -4.91
N LEU C 210 -20.11 -24.80 -5.80
CA LEU C 210 -19.54 -24.22 -7.01
C LEU C 210 -20.44 -24.47 -8.22
N ALA C 211 -20.51 -23.46 -9.09
CA ALA C 211 -21.22 -23.61 -10.36
C ALA C 211 -20.53 -24.65 -11.23
N VAL C 212 -21.34 -25.52 -11.86
CA VAL C 212 -20.80 -26.55 -12.77
C VAL C 212 -20.51 -26.01 -14.16
N THR C 213 -20.90 -24.77 -14.46
CA THR C 213 -20.44 -24.10 -15.67
C THR C 213 -18.99 -23.62 -15.48
N GLY C 214 -18.52 -22.78 -16.39
CA GLY C 214 -17.26 -22.07 -16.22
C GLY C 214 -17.42 -21.03 -15.13
N ASN C 215 -16.65 -19.93 -15.19
CA ASN C 215 -16.70 -18.86 -14.21
C ASN C 215 -17.15 -19.32 -12.80
N PHE C 216 -16.57 -20.42 -12.31
CA PHE C 216 -16.77 -20.83 -10.93
C PHE C 216 -15.88 -20.05 -9.95
N TYR C 217 -15.13 -19.04 -10.41
CA TYR C 217 -14.23 -18.34 -9.50
C TYR C 217 -15.02 -17.73 -8.36
N LYS C 218 -14.45 -17.82 -7.14
CA LYS C 218 -15.00 -17.14 -5.97
C LYS C 218 -13.87 -16.37 -5.31
N GLU C 219 -14.04 -15.05 -5.16
CA GLU C 219 -13.15 -14.28 -4.30
C GLU C 219 -13.11 -14.93 -2.91
N GLU C 220 -11.93 -14.93 -2.29
CA GLU C 220 -11.87 -15.46 -0.93
C GLU C 220 -12.84 -14.75 0.02
N THR C 221 -13.22 -13.50 -0.29
CA THR C 221 -14.26 -12.84 0.49
C THR C 221 -15.61 -13.55 0.41
N GLU C 222 -15.82 -14.40 -0.59
CA GLU C 222 -17.10 -15.05 -0.78
C GLU C 222 -17.11 -16.49 -0.27
N LEU C 223 -16.01 -16.97 0.30
CA LEU C 223 -15.93 -18.36 0.76
C LEU C 223 -16.42 -18.49 2.21
N PRO C 224 -17.22 -19.51 2.52
CA PRO C 224 -17.71 -19.65 3.90
C PRO C 224 -16.61 -20.20 4.81
N GLY C 225 -15.66 -19.34 5.15
CA GLY C 225 -14.46 -19.76 5.83
C GLY C 225 -13.36 -20.22 4.88
N TYR C 226 -12.12 -19.97 5.29
CA TYR C 226 -10.95 -20.48 4.59
C TYR C 226 -9.78 -20.56 5.56
N THR C 227 -8.72 -21.22 5.12
CA THR C 227 -7.43 -21.07 5.76
C THR C 227 -6.47 -20.45 4.78
N ARG C 228 -5.52 -19.66 5.28
CA ARG C 228 -4.60 -18.92 4.42
C ARG C 228 -3.19 -19.46 4.56
N HIS C 229 -2.45 -19.45 3.44
CA HIS C 229 -1.08 -19.93 3.45
C HIS C 229 -0.24 -19.03 2.55
N SER C 230 0.68 -18.30 3.17
CA SER C 230 1.40 -17.22 2.51
C SER C 230 2.62 -17.76 1.77
N PHE C 231 2.96 -17.09 0.68
CA PHE C 231 4.07 -17.50 -0.19
C PHE C 231 4.40 -16.33 -1.11
N CYS C 232 5.32 -16.58 -2.05
CA CYS C 232 5.59 -15.62 -3.10
C CYS C 232 6.16 -16.44 -4.24
N PRO C 233 5.75 -16.19 -5.48
CA PRO C 233 6.26 -17.00 -6.59
C PRO C 233 7.48 -16.33 -7.20
N THR C 234 8.10 -17.04 -8.14
CA THR C 234 9.12 -16.50 -9.03
C THR C 234 8.49 -16.31 -10.41
N GLY C 235 9.26 -15.76 -11.34
CA GLY C 235 8.76 -15.50 -12.68
C GLY C 235 9.78 -14.73 -13.49
N THR C 236 9.37 -14.24 -14.68
CA THR C 236 10.35 -13.51 -15.47
C THR C 236 10.64 -12.16 -14.82
N THR C 237 11.78 -11.58 -15.24
CA THR C 237 12.56 -10.67 -14.39
C THR C 237 11.76 -9.46 -13.92
N GLY C 238 10.91 -8.89 -14.76
CA GLY C 238 10.32 -7.66 -14.27
C GLY C 238 9.07 -7.80 -13.41
N MET C 239 8.63 -9.02 -13.10
CA MET C 239 7.31 -9.20 -12.49
C MET C 239 7.18 -8.43 -11.19
N ASN C 240 8.22 -8.43 -10.36
CA ASN C 240 8.24 -7.66 -9.11
C ASN C 240 7.15 -8.15 -8.16
N PHE C 241 7.18 -9.44 -7.86
CA PHE C 241 6.22 -10.01 -6.93
C PHE C 241 6.51 -9.50 -5.52
N THR C 242 5.45 -9.27 -4.75
CA THR C 242 5.62 -8.84 -3.37
C THR C 242 4.90 -9.75 -2.38
N GLY C 243 4.34 -10.86 -2.84
CA GLY C 243 3.53 -11.67 -1.95
C GLY C 243 2.51 -12.51 -2.69
N GLY C 244 2.24 -13.69 -2.14
CA GLY C 244 1.16 -14.52 -2.61
C GLY C 244 0.35 -14.97 -1.39
N ASN C 245 -0.81 -15.50 -1.65
CA ASN C 245 -1.61 -16.07 -0.57
C ASN C 245 -2.51 -17.15 -1.16
N LEU C 246 -2.38 -18.38 -0.66
CA LEU C 246 -3.28 -19.47 -0.97
C LEU C 246 -4.44 -19.47 0.03
N TYR C 247 -5.66 -19.52 -0.50
CA TYR C 247 -6.87 -19.62 0.32
C TYR C 247 -7.54 -20.95 0.05
N VAL C 248 -7.67 -21.77 1.08
CA VAL C 248 -8.19 -23.12 0.96
C VAL C 248 -9.57 -23.17 1.59
N CYS C 249 -10.52 -23.72 0.85
CA CYS C 249 -11.88 -23.95 1.35
C CYS C 249 -12.55 -25.05 0.54
N PRO C 250 -12.96 -26.15 1.18
CA PRO C 250 -13.56 -27.25 0.43
C PRO C 250 -14.82 -26.84 -0.32
N CYS C 251 -15.21 -27.68 -1.26
CA CYS C 251 -16.30 -27.33 -2.17
C CYS C 251 -17.07 -28.57 -2.60
N THR C 252 -18.33 -28.33 -2.98
CA THR C 252 -19.13 -29.28 -3.78
C THR C 252 -19.47 -28.60 -5.09
N VAL C 253 -19.60 -29.40 -6.14
CA VAL C 253 -20.10 -28.92 -7.42
C VAL C 253 -21.53 -29.42 -7.55
N ASN C 254 -22.49 -28.48 -7.76
CA ASN C 254 -23.91 -28.77 -7.43
C ASN C 254 -24.58 -29.84 -8.32
N THR C 255 -23.86 -30.52 -9.25
CA THR C 255 -24.43 -31.59 -10.07
C THR C 255 -23.59 -32.86 -9.97
N GLY C 256 -22.73 -32.96 -8.97
CA GLY C 256 -21.91 -34.15 -8.83
C GLY C 256 -22.71 -35.40 -8.52
N ALA C 257 -22.19 -36.53 -9.03
CA ALA C 257 -22.72 -37.86 -8.77
C ALA C 257 -22.58 -38.28 -7.31
N THR C 258 -21.79 -37.57 -6.50
CA THR C 258 -21.51 -37.95 -5.12
C THR C 258 -21.76 -36.75 -4.19
N THR C 259 -21.62 -37.02 -2.88
CA THR C 259 -21.69 -36.03 -1.81
C THR C 259 -20.32 -35.56 -1.36
N LEU C 260 -19.26 -36.01 -2.02
CA LEU C 260 -17.91 -35.80 -1.51
C LEU C 260 -17.47 -34.35 -1.67
N ASN C 261 -16.63 -33.90 -0.75
CA ASN C 261 -16.12 -32.54 -0.75
C ASN C 261 -14.76 -32.53 -1.44
N ALA C 262 -14.69 -31.85 -2.59
CA ALA C 262 -13.40 -31.58 -3.22
C ALA C 262 -12.80 -30.35 -2.53
N ILE C 263 -11.68 -29.83 -3.04
CA ILE C 263 -11.02 -28.69 -2.41
C ILE C 263 -10.95 -27.54 -3.41
N TYR C 264 -11.43 -26.37 -3.01
CA TYR C 264 -11.29 -25.17 -3.80
C TYR C 264 -10.15 -24.31 -3.27
N MET C 265 -9.34 -23.78 -4.18
CA MET C 265 -8.19 -22.97 -3.82
C MET C 265 -8.19 -21.72 -4.68
N VAL C 266 -8.20 -20.55 -4.06
CA VAL C 266 -7.97 -19.30 -4.76
C VAL C 266 -6.60 -18.75 -4.38
N PHE C 267 -5.86 -18.33 -5.40
CA PHE C 267 -4.52 -17.77 -5.26
C PHE C 267 -4.60 -16.27 -5.50
N VAL C 268 -3.87 -15.48 -4.72
CA VAL C 268 -3.77 -14.03 -4.96
C VAL C 268 -2.30 -13.65 -4.89
N ILE C 269 -1.70 -13.38 -6.05
CA ILE C 269 -0.32 -12.94 -6.17
C ILE C 269 -0.30 -11.44 -6.41
N THR C 270 0.59 -10.73 -5.72
CA THR C 270 0.64 -9.28 -5.77
C THR C 270 2.00 -8.79 -6.25
N GLN C 271 2.02 -7.60 -6.85
CA GLN C 271 3.22 -6.99 -7.41
C GLN C 271 3.40 -5.56 -6.92
N SER C 272 4.64 -5.08 -6.99
CA SER C 272 4.89 -3.69 -6.69
C SER C 272 4.47 -2.82 -7.87
N ALA C 273 4.56 -1.51 -7.68
CA ALA C 273 3.92 -0.55 -8.60
C ALA C 273 4.50 -0.61 -10.01
N LEU C 274 5.77 -0.96 -10.17
CA LEU C 274 6.39 -0.93 -11.50
C LEU C 274 6.55 -2.32 -12.12
N GLY C 275 5.84 -3.33 -11.61
CA GLY C 275 5.94 -4.66 -12.18
C GLY C 275 5.25 -4.77 -13.54
N THR C 276 5.60 -5.85 -14.23
CA THR C 276 5.07 -6.11 -15.56
C THR C 276 3.57 -6.40 -15.48
N ASN C 277 2.81 -5.78 -16.38
CA ASN C 277 1.37 -6.01 -16.43
C ASN C 277 1.12 -7.38 -17.06
N PHE C 278 0.81 -8.38 -16.22
CA PHE C 278 0.63 -9.74 -16.75
C PHE C 278 -0.52 -9.86 -17.75
N PHE C 279 -1.37 -8.84 -17.84
CA PHE C 279 -2.58 -8.91 -18.63
C PHE C 279 -2.48 -8.14 -19.94
N ALA C 280 -1.37 -7.44 -20.17
CA ALA C 280 -1.29 -6.46 -21.25
C ALA C 280 -1.07 -7.14 -22.59
N SER C 281 -1.69 -6.57 -23.64
CA SER C 281 -1.52 -7.07 -24.99
C SER C 281 -0.10 -6.86 -25.53
N ASN C 282 0.70 -6.00 -24.90
CA ASN C 282 2.11 -5.90 -25.27
C ASN C 282 3.02 -6.67 -24.32
N THR C 283 2.48 -7.62 -23.56
CA THR C 283 3.31 -8.48 -22.73
C THR C 283 3.62 -9.76 -23.47
N PRO C 284 4.89 -10.11 -23.67
CA PRO C 284 5.25 -11.38 -24.36
C PRO C 284 4.56 -12.59 -23.76
N PRO C 285 4.10 -13.53 -24.59
CA PRO C 285 3.32 -14.67 -24.08
C PRO C 285 4.12 -15.63 -23.22
N ASN C 286 5.44 -15.67 -23.38
CA ASN C 286 6.25 -16.56 -22.57
C ASN C 286 6.59 -15.98 -21.20
N THR C 287 6.13 -14.76 -20.92
CA THR C 287 6.19 -14.24 -19.56
C THR C 287 5.49 -15.22 -18.64
N PHE C 288 6.06 -15.48 -17.47
CA PHE C 288 5.57 -16.58 -16.65
C PHE C 288 5.69 -16.26 -15.16
N PHE C 289 4.89 -16.97 -14.35
CA PHE C 289 5.15 -17.12 -12.92
C PHE C 289 5.13 -18.60 -12.55
N LEU C 290 5.80 -18.91 -11.43
CA LEU C 290 5.93 -20.30 -10.96
C LEU C 290 6.03 -20.23 -9.44
N THR C 291 5.03 -20.78 -8.77
CA THR C 291 5.08 -20.78 -7.32
C THR C 291 6.06 -21.85 -6.83
N PRO C 292 6.57 -21.70 -5.61
CA PRO C 292 7.20 -22.84 -4.95
C PRO C 292 6.13 -23.88 -4.67
N PRO C 293 6.50 -25.06 -4.15
CA PRO C 293 5.49 -25.91 -3.51
C PRO C 293 4.96 -25.20 -2.27
N ILE C 294 3.66 -24.90 -2.28
CA ILE C 294 3.01 -24.20 -1.18
C ILE C 294 2.39 -25.24 -0.28
N PRO C 295 2.82 -25.36 0.96
CA PRO C 295 2.21 -26.31 1.89
C PRO C 295 0.89 -25.81 2.41
N PHE C 296 0.01 -26.77 2.72
CA PHE C 296 -1.29 -26.51 3.31
C PHE C 296 -1.80 -27.81 3.91
N THR C 297 -2.76 -27.66 4.83
CA THR C 297 -3.34 -28.77 5.58
C THR C 297 -4.84 -28.57 5.66
N TYR C 298 -5.61 -29.59 5.34
CA TYR C 298 -7.03 -29.60 5.64
C TYR C 298 -7.39 -30.91 6.33
N VAL C 299 -8.61 -30.98 6.85
CA VAL C 299 -9.07 -32.18 7.52
C VAL C 299 -9.54 -33.18 6.48
N GLY C 300 -8.92 -34.37 6.46
CA GLY C 300 -9.20 -35.38 5.47
C GLY C 300 -10.47 -36.18 5.73
N ALA C 301 -10.74 -37.10 4.80
CA ALA C 301 -11.98 -37.88 4.78
C ALA C 301 -12.19 -38.66 6.06
N LYS D 85 -15.75 56.30 -17.29
CA LYS D 85 -16.82 55.78 -16.43
C LYS D 85 -16.30 54.85 -15.35
N VAL D 86 -15.70 53.74 -15.76
CA VAL D 86 -14.88 52.92 -14.89
C VAL D 86 -13.44 53.08 -15.38
N SER D 87 -12.62 53.60 -14.49
CA SER D 87 -11.25 53.99 -14.82
C SER D 87 -10.40 52.76 -15.15
N PRO D 88 -9.62 52.79 -16.23
CA PRO D 88 -8.65 51.70 -16.48
C PRO D 88 -7.47 51.74 -15.52
N THR D 89 -7.39 52.78 -14.70
CA THR D 89 -6.41 52.88 -13.63
C THR D 89 -6.87 52.15 -12.37
N GLN D 90 -8.13 52.29 -11.99
CA GLN D 90 -8.66 51.69 -10.77
C GLN D 90 -8.97 50.21 -10.90
N THR D 91 -8.57 49.60 -12.02
CA THR D 91 -8.87 48.21 -12.26
C THR D 91 -7.58 47.50 -12.67
N PRO D 92 -7.22 46.41 -11.98
CA PRO D 92 -5.96 45.73 -12.30
C PRO D 92 -6.06 45.01 -13.64
N LEU D 93 -5.14 45.32 -14.54
CA LEU D 93 -5.15 44.74 -15.88
C LEU D 93 -4.30 43.49 -15.92
N THR D 94 -4.77 42.50 -16.67
CA THR D 94 -4.03 41.28 -16.88
C THR D 94 -2.92 41.52 -17.89
N ARG D 95 -1.68 41.39 -17.44
CA ARG D 95 -0.54 41.58 -18.33
C ARG D 95 0.07 40.22 -18.68
N ILE D 96 0.60 40.12 -19.89
CA ILE D 96 1.05 38.87 -20.48
C ILE D 96 2.40 39.11 -21.14
N ILE D 97 3.42 38.37 -20.71
CA ILE D 97 4.66 38.28 -21.47
C ILE D 97 4.97 36.82 -21.76
N SER D 98 5.91 36.60 -22.66
CA SER D 98 6.31 35.24 -22.97
C SER D 98 7.79 35.24 -23.38
N MET D 99 8.47 34.12 -23.09
CA MET D 99 9.86 33.93 -23.45
C MET D 99 10.02 32.59 -24.18
N GLY D 100 10.96 32.53 -25.11
CA GLY D 100 11.21 31.33 -25.86
C GLY D 100 10.28 31.20 -27.05
N ASN D 101 10.23 30.00 -27.59
CA ASN D 101 9.57 29.79 -28.88
C ASN D 101 8.61 28.61 -28.74
N ASN D 102 7.32 28.87 -28.91
CA ASN D 102 6.30 27.87 -28.61
C ASN D 102 6.16 26.82 -29.70
N LEU D 103 6.90 26.94 -30.79
CA LEU D 103 6.90 25.97 -31.88
C LEU D 103 8.06 25.00 -31.80
N PHE D 104 9.12 25.34 -31.05
CA PHE D 104 10.31 24.48 -30.96
C PHE D 104 10.87 24.18 -32.34
N ASP D 105 10.95 25.23 -33.17
CA ASP D 105 11.57 25.15 -34.49
C ASP D 105 12.75 26.11 -34.63
N SER D 106 13.34 26.55 -33.52
CA SER D 106 14.52 27.39 -33.53
C SER D 106 15.71 26.76 -32.81
N GLY D 107 15.73 25.45 -32.67
CA GLY D 107 16.85 24.80 -32.03
C GLY D 107 16.77 24.79 -30.52
N TYR D 108 17.92 24.49 -29.93
CA TYR D 108 18.09 24.32 -28.49
C TYR D 108 19.18 25.29 -28.06
N GLU D 109 18.83 26.56 -27.86
CA GLU D 109 19.83 27.55 -27.49
C GLU D 109 19.75 28.01 -26.03
N ILE D 110 18.95 27.34 -25.19
CA ILE D 110 18.73 27.74 -23.80
C ILE D 110 19.64 26.93 -22.91
N PHE D 111 20.33 27.61 -22.00
CA PHE D 111 21.35 27.01 -21.13
C PHE D 111 20.69 26.47 -19.86
N ALA D 112 20.86 25.17 -19.61
CA ALA D 112 20.29 24.51 -18.44
C ALA D 112 21.44 23.94 -17.62
N SER D 113 21.55 24.41 -16.38
CA SER D 113 22.58 23.97 -15.46
C SER D 113 22.20 22.58 -14.96
N CYS D 114 23.19 21.74 -14.74
CA CYS D 114 22.95 20.34 -14.42
C CYS D 114 23.83 19.94 -13.24
N PRO D 115 23.51 18.81 -12.57
CA PRO D 115 24.39 18.25 -11.54
C PRO D 115 25.79 17.96 -12.04
N GLN D 116 26.70 17.74 -11.08
CA GLN D 116 28.05 17.28 -11.33
C GLN D 116 28.84 18.25 -12.24
N ASN D 117 28.57 19.54 -12.11
CA ASN D 117 29.26 20.57 -12.89
C ASN D 117 29.05 20.38 -14.39
N LYS D 118 27.94 19.75 -14.79
CA LYS D 118 27.62 19.59 -16.19
C LYS D 118 26.52 20.57 -16.64
N ALA D 119 26.23 20.55 -17.93
CA ALA D 119 25.21 21.45 -18.48
C ALA D 119 24.57 20.82 -19.70
N ALA D 120 23.52 21.47 -20.17
CA ALA D 120 22.76 20.99 -21.30
C ALA D 120 22.14 22.19 -22.00
N LYS D 121 21.96 22.06 -23.31
CA LYS D 121 21.23 23.04 -24.09
C LYS D 121 19.84 22.48 -24.38
N VAL D 122 18.81 23.27 -24.11
CA VAL D 122 17.43 22.81 -24.21
C VAL D 122 16.64 23.86 -24.98
N ALA D 123 15.36 23.57 -25.23
CA ALA D 123 14.42 24.50 -25.83
C ALA D 123 13.27 24.75 -24.86
N GLY D 124 12.70 25.95 -24.93
CA GLY D 124 11.74 26.35 -23.92
C GLY D 124 10.72 27.37 -24.40
N TYR D 125 9.58 27.36 -23.71
CA TYR D 125 8.54 28.35 -23.94
C TYR D 125 7.88 28.64 -22.60
N VAL D 126 8.01 29.88 -22.14
CA VAL D 126 7.47 30.32 -20.86
C VAL D 126 6.34 31.28 -21.18
N TYR D 127 5.17 31.04 -20.61
CA TYR D 127 4.01 31.91 -20.80
C TYR D 127 3.58 32.41 -19.42
N LEU D 128 3.65 33.72 -19.23
CA LEU D 128 3.46 34.35 -17.92
C LEU D 128 2.33 35.36 -18.00
N THR D 129 1.39 35.26 -17.06
CA THR D 129 0.36 36.27 -16.88
C THR D 129 0.52 36.87 -15.50
N SER D 130 0.32 38.19 -15.41
CA SER D 130 0.34 38.90 -14.14
C SER D 130 -1.05 39.44 -13.90
N VAL D 131 -1.71 38.94 -12.88
CA VAL D 131 -3.13 39.17 -12.64
C VAL D 131 -3.24 39.56 -11.18
N GLY D 132 -3.30 40.86 -10.92
CA GLY D 132 -3.51 41.37 -9.58
C GLY D 132 -2.34 41.19 -8.64
N GLY D 133 -1.11 41.16 -9.15
CA GLY D 133 0.07 41.06 -8.31
C GLY D 133 0.66 39.68 -8.18
N LEU D 134 -0.06 38.63 -8.58
CA LEU D 134 0.45 37.28 -8.64
C LEU D 134 0.72 36.92 -10.09
N VAL D 135 1.79 36.19 -10.32
CA VAL D 135 2.15 35.72 -11.66
C VAL D 135 1.68 34.27 -11.81
N HIS D 136 0.84 34.03 -12.81
CA HIS D 136 0.39 32.68 -13.15
C HIS D 136 1.02 32.34 -14.51
N GLY D 137 2.02 31.46 -14.49
CA GLY D 137 2.74 31.11 -15.68
C GLY D 137 2.58 29.64 -16.05
N THR D 138 3.13 29.29 -17.21
CA THR D 138 3.43 27.91 -17.54
C THR D 138 4.83 27.84 -18.14
N ILE D 139 5.47 26.69 -17.97
CA ILE D 139 6.73 26.43 -18.67
C ILE D 139 6.69 25.06 -19.34
N GLN D 140 7.29 25.01 -20.53
CA GLN D 140 7.40 23.80 -21.33
C GLN D 140 8.83 23.72 -21.84
N ILE D 141 9.50 22.59 -21.59
CA ILE D 141 10.89 22.39 -21.98
C ILE D 141 10.96 21.19 -22.92
N LYS D 142 11.66 21.36 -24.03
CA LYS D 142 12.03 20.24 -24.89
C LYS D 142 13.53 20.06 -24.83
N ALA D 143 13.97 18.81 -24.74
CA ALA D 143 15.39 18.51 -24.68
C ALA D 143 15.68 17.22 -25.44
N THR D 144 16.84 17.15 -26.11
CA THR D 144 17.32 15.94 -26.75
C THR D 144 18.57 15.41 -26.07
N ALA D 145 18.76 14.10 -26.17
CA ALA D 145 19.96 13.49 -25.61
C ALA D 145 21.22 14.04 -26.29
N GLY D 146 21.12 14.42 -27.57
CA GLY D 146 22.27 14.93 -28.27
C GLY D 146 22.76 16.24 -27.70
N TYR D 147 21.84 17.12 -27.31
CA TYR D 147 22.25 18.39 -26.72
C TYR D 147 22.36 18.32 -25.20
N TRP D 148 22.20 17.13 -24.61
CA TRP D 148 22.52 16.89 -23.21
C TRP D 148 23.96 16.41 -23.11
N PHE D 149 24.53 16.55 -21.92
CA PHE D 149 25.86 16.02 -21.69
C PHE D 149 25.88 14.52 -21.93
N THR D 150 27.08 13.95 -21.92
CA THR D 150 27.21 12.49 -21.97
C THR D 150 28.02 12.03 -20.79
N GLY D 151 27.77 10.80 -20.38
CA GLY D 151 28.37 10.26 -19.18
C GLY D 151 27.39 10.25 -18.04
N GLY D 152 27.40 9.19 -17.23
CA GLY D 152 26.43 9.02 -16.16
C GLY D 152 25.31 8.11 -16.59
N ASN D 153 24.32 7.99 -15.72
CA ASN D 153 23.17 7.11 -15.95
C ASN D 153 21.90 7.83 -15.52
N SER D 154 21.00 8.10 -16.48
CA SER D 154 19.84 8.92 -16.16
C SER D 154 18.80 8.16 -15.36
N VAL D 155 18.91 6.84 -15.24
CA VAL D 155 17.95 6.16 -14.40
C VAL D 155 18.39 6.21 -12.95
N GLN D 156 19.70 6.12 -12.69
CA GLN D 156 20.18 6.12 -11.30
C GLN D 156 20.09 7.53 -10.74
N GLU D 157 20.96 8.41 -11.21
CA GLU D 157 20.72 9.84 -11.13
C GLU D 157 19.41 10.10 -11.82
N SER D 158 18.78 11.20 -11.53
CA SER D 158 17.64 11.34 -12.43
C SER D 158 18.03 12.30 -13.55
N ILE D 159 17.06 12.81 -14.30
CA ILE D 159 17.32 13.94 -15.16
C ILE D 159 16.98 15.21 -14.37
N ARG D 160 18.01 15.99 -14.06
CA ARG D 160 17.87 17.19 -13.24
C ARG D 160 18.54 18.36 -13.94
N PHE D 161 17.85 19.50 -13.98
CA PHE D 161 18.42 20.69 -14.57
C PHE D 161 17.73 21.92 -13.99
N GLY D 162 18.50 22.99 -13.85
CA GLY D 162 17.97 24.27 -13.39
C GLY D 162 17.99 25.28 -14.53
N LEU D 163 16.97 26.11 -14.59
CA LEU D 163 16.97 27.26 -15.48
C LEU D 163 16.80 28.53 -14.65
N VAL D 164 17.17 29.66 -15.24
CA VAL D 164 16.78 30.96 -14.71
C VAL D 164 15.83 31.62 -15.70
N LEU D 165 14.70 32.09 -15.20
CA LEU D 165 13.81 32.99 -15.92
C LEU D 165 14.13 34.43 -15.52
N CYS D 166 14.48 35.26 -16.48
CA CYS D 166 14.84 36.65 -16.22
C CYS D 166 14.03 37.58 -17.15
N PRO D 167 12.78 37.87 -16.80
CA PRO D 167 12.00 38.78 -17.65
C PRO D 167 12.60 40.19 -17.76
N PHE D 168 13.52 40.57 -16.88
CA PHE D 168 14.15 41.89 -16.95
C PHE D 168 15.55 41.79 -17.55
N SER D 169 15.75 40.82 -18.43
CA SER D 169 17.08 40.60 -18.97
C SER D 169 17.54 41.80 -19.81
N ALA D 170 16.60 42.55 -20.38
CA ALA D 170 16.98 43.73 -21.16
C ALA D 170 17.72 44.76 -20.31
N ARG D 171 17.20 45.03 -19.11
CA ARG D 171 17.86 45.94 -18.18
C ARG D 171 18.95 45.28 -17.35
N ASP D 172 18.99 43.94 -17.27
CA ASP D 172 19.95 43.24 -16.41
C ASP D 172 20.44 41.96 -17.08
N PRO D 173 21.24 42.10 -18.16
CA PRO D 173 21.74 40.90 -18.85
C PRO D 173 22.58 39.99 -17.95
N THR D 174 23.30 40.57 -16.98
CA THR D 174 24.08 39.80 -16.02
C THR D 174 23.24 38.70 -15.38
N ALA D 175 21.94 38.95 -15.21
CA ALA D 175 21.07 37.99 -14.53
C ALA D 175 20.49 36.93 -15.46
N ASN D 176 20.65 37.08 -16.78
CA ASN D 176 20.07 36.14 -17.72
C ASN D 176 20.99 34.94 -17.92
N LEU D 177 21.21 34.23 -16.81
CA LEU D 177 22.15 33.11 -16.75
C LEU D 177 21.83 32.00 -17.73
N SER D 178 20.56 31.84 -18.09
CA SER D 178 20.18 30.84 -19.09
C SER D 178 20.16 31.39 -20.51
N GLY D 179 20.21 32.71 -20.68
CA GLY D 179 20.28 33.27 -22.01
C GLY D 179 19.01 33.11 -22.81
N TRP D 180 17.87 33.40 -22.20
CA TRP D 180 16.65 33.51 -22.98
C TRP D 180 16.70 34.75 -23.86
N PRO D 181 16.04 34.73 -25.01
CA PRO D 181 15.78 35.98 -25.72
C PRO D 181 14.96 36.92 -24.81
N ALA D 182 14.89 38.18 -25.21
CA ALA D 182 14.10 39.14 -24.44
C ALA D 182 12.61 38.77 -24.50
N PRO D 183 11.84 39.08 -23.48
CA PRO D 183 10.42 38.72 -23.50
C PRO D 183 9.70 39.43 -24.64
N VAL D 184 8.55 38.87 -25.00
CA VAL D 184 7.63 39.50 -25.95
C VAL D 184 6.37 39.86 -25.17
N VAL D 185 6.03 41.14 -25.18
CA VAL D 185 4.88 41.63 -24.42
C VAL D 185 3.63 41.43 -25.25
N TRP D 186 2.71 40.61 -24.74
CA TRP D 186 1.43 40.39 -25.42
C TRP D 186 0.32 41.25 -24.82
N SER D 187 0.53 41.79 -23.63
CA SER D 187 -0.42 42.69 -23.01
C SER D 187 0.35 43.60 -22.06
N GLY D 188 0.37 44.90 -22.36
CA GLY D 188 1.07 45.87 -21.52
C GLY D 188 2.03 46.72 -22.33
N ASP D 189 2.56 47.74 -21.66
CA ASP D 189 3.51 48.64 -22.28
C ASP D 189 4.92 48.06 -22.19
N SER D 190 5.92 48.79 -22.69
CA SER D 190 7.27 48.26 -22.79
C SER D 190 7.95 48.10 -21.44
N ASN D 191 7.37 48.64 -20.37
CA ASN D 191 7.93 48.49 -19.03
C ASN D 191 7.32 47.32 -18.28
N THR D 192 6.52 46.49 -18.95
CA THR D 192 5.77 45.44 -18.28
C THR D 192 6.62 44.24 -17.84
N PRO D 193 7.69 43.86 -18.54
CA PRO D 193 8.49 42.73 -18.02
C PRO D 193 9.01 42.93 -16.60
N LEU D 194 9.14 44.18 -16.12
CA LEU D 194 9.56 44.40 -14.74
C LEU D 194 8.50 43.95 -13.74
N TYR D 195 7.24 43.88 -14.17
CA TYR D 195 6.22 43.42 -13.25
C TYR D 195 6.34 41.94 -12.98
N PHE D 196 7.20 41.24 -13.72
CA PHE D 196 7.33 39.81 -13.57
C PHE D 196 8.57 39.39 -12.81
N ALA D 197 9.38 40.35 -12.35
CA ALA D 197 10.33 40.04 -11.30
C ALA D 197 9.58 39.58 -10.06
N ALA D 198 10.20 38.64 -9.32
CA ALA D 198 9.57 38.15 -8.10
C ALA D 198 9.61 39.22 -7.03
N ASN D 199 8.51 39.32 -6.29
CA ASN D 199 8.30 40.27 -5.21
C ASN D 199 9.52 40.43 -4.32
N ALA D 200 9.97 41.69 -4.19
CA ALA D 200 11.15 41.99 -3.41
C ALA D 200 10.91 41.72 -1.93
N ILE D 201 9.81 42.23 -1.38
CA ILE D 201 9.56 42.03 0.03
C ILE D 201 9.36 40.54 0.34
N SER D 202 8.45 39.90 -0.41
CA SER D 202 8.03 38.55 -0.01
C SER D 202 9.11 37.48 -0.25
N TYR D 203 10.12 37.75 -1.08
CA TYR D 203 11.16 36.74 -1.28
C TYR D 203 12.50 37.12 -0.67
N THR D 204 12.54 38.17 0.17
CA THR D 204 13.81 38.69 0.67
C THR D 204 14.61 37.61 1.36
N ASN D 205 13.95 36.77 2.15
CA ASN D 205 14.64 35.69 2.85
C ASN D 205 14.25 34.34 2.29
N ASN D 206 13.70 34.32 1.08
CA ASN D 206 13.36 33.10 0.35
C ASN D 206 13.83 33.26 -1.10
N ARG D 207 15.15 33.39 -1.28
CA ARG D 207 15.70 33.56 -2.62
C ARG D 207 17.12 33.07 -2.60
N VAL D 208 17.48 32.32 -3.59
CA VAL D 208 18.81 31.73 -3.63
C VAL D 208 19.75 32.70 -4.34
N ASN D 209 20.99 32.82 -3.84
CA ASN D 209 22.02 33.59 -4.54
C ASN D 209 22.72 32.62 -5.50
N LEU D 210 22.59 32.87 -6.78
CA LEU D 210 23.21 32.00 -7.76
C LEU D 210 24.65 32.41 -7.99
N ALA D 211 25.50 31.44 -8.26
CA ALA D 211 26.91 31.70 -8.52
C ALA D 211 27.06 32.83 -9.51
N VAL D 212 27.91 33.79 -9.15
CA VAL D 212 28.28 34.85 -10.08
C VAL D 212 29.20 34.32 -11.19
N THR D 213 29.87 33.20 -10.94
CA THR D 213 30.96 32.71 -11.79
C THR D 213 30.70 31.25 -12.14
N GLY D 214 30.46 30.96 -13.43
CA GLY D 214 30.34 29.59 -13.89
C GLY D 214 29.00 28.93 -13.60
N ASN D 215 29.02 27.59 -13.66
CA ASN D 215 27.81 26.78 -13.58
C ASN D 215 27.11 26.96 -12.23
N PHE D 216 25.78 27.03 -12.26
CA PHE D 216 24.99 27.52 -11.14
C PHE D 216 23.95 26.53 -10.64
N TYR D 217 23.97 25.29 -11.11
CA TYR D 217 22.97 24.31 -10.69
C TYR D 217 22.83 24.28 -9.16
N LYS D 218 21.60 24.29 -8.68
CA LYS D 218 21.31 24.16 -7.25
C LYS D 218 20.26 23.08 -7.08
N GLU D 219 20.62 22.03 -6.35
CA GLU D 219 19.65 21.01 -5.98
C GLU D 219 18.50 21.61 -5.17
N GLU D 220 17.28 21.13 -5.42
CA GLU D 220 16.14 21.70 -4.70
C GLU D 220 16.31 21.57 -3.19
N THR D 221 17.06 20.55 -2.73
CA THR D 221 17.29 20.45 -1.29
C THR D 221 18.17 21.55 -0.75
N GLU D 222 18.71 22.44 -1.59
CA GLU D 222 19.57 23.52 -1.11
C GLU D 222 18.98 24.90 -1.40
N LEU D 223 17.73 24.98 -1.90
CA LEU D 223 17.08 26.26 -2.07
C LEU D 223 16.51 26.73 -0.73
N PRO D 224 16.57 28.05 -0.43
CA PRO D 224 15.96 28.57 0.80
C PRO D 224 14.44 28.58 0.72
N GLY D 225 13.85 27.43 0.41
CA GLY D 225 12.41 27.35 0.28
C GLY D 225 11.95 27.31 -1.17
N TYR D 226 10.98 26.44 -1.47
CA TYR D 226 10.48 26.30 -2.82
C TYR D 226 9.00 25.97 -2.79
N THR D 227 8.41 25.98 -3.98
CA THR D 227 7.11 25.39 -4.24
C THR D 227 7.31 24.30 -5.28
N ARG D 228 6.55 23.22 -5.14
CA ARG D 228 6.71 22.06 -5.99
C ARG D 228 5.46 21.89 -6.83
N HIS D 229 5.65 21.51 -8.09
CA HIS D 229 4.54 21.31 -9.00
C HIS D 229 4.81 20.05 -9.80
N SER D 230 3.97 19.03 -9.61
CA SER D 230 4.25 17.70 -10.14
C SER D 230 3.71 17.55 -11.55
N PHE D 231 4.48 16.90 -12.41
CA PHE D 231 4.08 16.64 -13.80
C PHE D 231 4.67 15.30 -14.22
N CYS D 232 4.56 15.00 -15.51
CA CYS D 232 5.26 13.90 -16.12
C CYS D 232 5.43 14.29 -17.58
N PRO D 233 6.64 14.23 -18.13
CA PRO D 233 6.84 14.56 -19.54
C PRO D 233 6.62 13.34 -20.45
N THR D 234 6.45 13.62 -21.72
CA THR D 234 6.55 12.56 -22.73
C THR D 234 7.92 12.60 -23.39
N GLY D 235 8.19 11.60 -24.21
CA GLY D 235 9.42 11.57 -24.98
C GLY D 235 9.45 10.32 -25.83
N THR D 236 10.64 9.90 -26.26
CA THR D 236 10.61 8.78 -27.19
C THR D 236 10.42 7.48 -26.42
N THR D 237 10.18 6.42 -27.20
CA THR D 237 9.47 5.24 -26.73
C THR D 237 10.18 4.53 -25.58
N GLY D 238 11.49 4.57 -25.52
CA GLY D 238 11.95 3.82 -24.36
C GLY D 238 12.20 4.57 -23.05
N MET D 239 11.78 5.83 -22.92
CA MET D 239 12.23 6.63 -21.79
C MET D 239 11.66 6.13 -20.46
N ASN D 240 10.40 5.69 -20.46
CA ASN D 240 9.75 5.11 -19.29
C ASN D 240 9.72 6.07 -18.10
N PHE D 241 9.19 7.27 -18.34
CA PHE D 241 9.16 8.27 -17.30
C PHE D 241 8.18 7.85 -16.22
N THR D 242 8.55 8.07 -14.97
CA THR D 242 7.68 7.72 -13.85
C THR D 242 7.17 8.93 -13.08
N GLY D 243 7.60 10.14 -13.45
CA GLY D 243 7.16 11.31 -12.71
C GLY D 243 8.09 12.47 -12.92
N GLY D 244 7.64 13.62 -12.46
CA GLY D 244 8.36 14.86 -12.69
C GLY D 244 7.99 15.85 -11.63
N ASN D 245 8.93 16.75 -11.33
CA ASN D 245 8.67 17.77 -10.32
C ASN D 245 9.44 19.02 -10.68
N LEU D 246 8.73 20.15 -10.66
CA LEU D 246 9.30 21.46 -10.88
C LEU D 246 9.35 22.16 -9.54
N TYR D 247 10.52 22.65 -9.15
CA TYR D 247 10.74 23.35 -7.87
C TYR D 247 11.05 24.80 -8.16
N VAL D 248 10.18 25.69 -7.68
CA VAL D 248 10.22 27.10 -8.06
C VAL D 248 10.77 27.90 -6.89
N CYS D 249 11.78 28.69 -7.15
CA CYS D 249 12.37 29.48 -6.11
C CYS D 249 13.04 30.69 -6.74
N PRO D 250 12.71 31.90 -6.29
CA PRO D 250 13.31 33.09 -6.91
C PRO D 250 14.78 33.22 -6.53
N CYS D 251 15.52 33.97 -7.36
CA CYS D 251 16.96 34.07 -7.25
C CYS D 251 17.45 35.48 -7.54
N THR D 252 18.60 35.82 -6.95
CA THR D 252 19.41 36.93 -7.39
C THR D 252 20.79 36.45 -7.80
N VAL D 253 21.35 37.13 -8.79
CA VAL D 253 22.77 37.07 -9.13
C VAL D 253 23.35 38.40 -8.69
N ASN D 254 24.31 38.35 -7.75
CA ASN D 254 24.70 39.58 -7.03
C ASN D 254 25.34 40.61 -7.96
N THR D 255 26.13 40.16 -8.94
CA THR D 255 26.76 41.13 -9.82
C THR D 255 25.76 41.85 -10.76
N GLY D 256 24.46 41.60 -10.60
CA GLY D 256 23.46 42.23 -11.44
C GLY D 256 23.41 43.74 -11.26
N ALA D 257 22.94 44.41 -12.32
CA ALA D 257 22.78 45.85 -12.28
C ALA D 257 21.63 46.24 -11.35
N THR D 258 20.53 45.49 -11.43
CA THR D 258 19.35 45.71 -10.61
C THR D 258 19.49 44.99 -9.27
N THR D 259 18.53 45.24 -8.39
CA THR D 259 18.28 44.36 -7.25
C THR D 259 17.09 43.43 -7.47
N LEU D 260 16.69 43.23 -8.73
CA LEU D 260 15.46 42.54 -9.08
C LEU D 260 15.60 41.02 -8.94
N ASN D 261 14.47 40.37 -8.76
CA ASN D 261 14.44 38.95 -8.43
C ASN D 261 14.03 38.17 -9.69
N ALA D 262 14.97 37.38 -10.22
CA ALA D 262 14.68 36.45 -11.29
C ALA D 262 14.12 35.15 -10.69
N ILE D 263 13.75 34.19 -11.54
CA ILE D 263 13.14 32.94 -11.07
C ILE D 263 14.04 31.75 -11.41
N TYR D 264 14.38 30.97 -10.40
CA TYR D 264 15.15 29.74 -10.61
C TYR D 264 14.22 28.55 -10.50
N MET D 265 14.41 27.59 -11.40
CA MET D 265 13.50 26.46 -11.54
C MET D 265 14.33 25.23 -11.81
N VAL D 266 14.28 24.27 -10.90
CA VAL D 266 15.00 23.02 -11.06
C VAL D 266 13.97 21.94 -11.35
N PHE D 267 14.24 21.13 -12.37
CA PHE D 267 13.35 20.07 -12.82
C PHE D 267 13.94 18.73 -12.40
N VAL D 268 13.11 17.82 -11.88
CA VAL D 268 13.59 16.46 -11.57
C VAL D 268 12.65 15.45 -12.23
N ILE D 269 13.18 14.65 -13.13
CA ILE D 269 12.38 13.75 -13.95
C ILE D 269 12.87 12.33 -13.69
N THR D 270 11.95 11.42 -13.40
CA THR D 270 12.31 10.08 -12.95
C THR D 270 11.89 9.02 -13.98
N GLN D 271 12.62 7.91 -13.99
CA GLN D 271 12.44 6.82 -14.92
C GLN D 271 12.46 5.50 -14.17
N SER D 272 11.66 4.55 -14.65
CA SER D 272 11.75 3.20 -14.14
C SER D 272 13.06 2.56 -14.63
N ALA D 273 13.36 1.37 -14.09
CA ALA D 273 14.60 0.68 -14.40
C ALA D 273 14.74 0.31 -15.88
N LEU D 274 13.65 0.26 -16.62
CA LEU D 274 13.72 -0.12 -18.03
C LEU D 274 14.21 1.01 -18.94
N GLY D 275 14.53 2.17 -18.38
CA GLY D 275 14.55 3.38 -19.19
C GLY D 275 15.84 3.58 -19.97
N THR D 276 15.69 4.18 -21.15
CA THR D 276 16.86 4.58 -21.91
C THR D 276 17.74 5.48 -21.07
N ASN D 277 19.05 5.27 -21.18
CA ASN D 277 20.03 6.12 -20.52
C ASN D 277 20.19 7.39 -21.36
N PHE D 278 19.56 8.47 -20.91
CA PHE D 278 19.58 9.73 -21.66
C PHE D 278 21.00 10.24 -21.84
N PHE D 279 21.89 9.91 -20.90
CA PHE D 279 23.24 10.46 -20.87
C PHE D 279 24.24 9.60 -21.63
N ALA D 280 23.80 8.46 -22.14
CA ALA D 280 24.73 7.49 -22.70
C ALA D 280 25.12 7.91 -24.11
N SER D 281 26.32 7.52 -24.52
CA SER D 281 26.76 7.83 -25.87
C SER D 281 26.14 6.90 -26.93
N ASN D 282 25.54 5.76 -26.50
CA ASN D 282 24.77 4.89 -27.40
C ASN D 282 23.42 5.48 -27.79
N THR D 283 22.98 6.52 -27.12
CA THR D 283 21.60 6.94 -27.31
C THR D 283 21.47 7.80 -28.56
N PRO D 284 20.57 7.46 -29.48
CA PRO D 284 20.29 8.35 -30.62
C PRO D 284 20.16 9.78 -30.17
N PRO D 285 20.95 10.69 -30.72
CA PRO D 285 20.89 12.11 -30.27
C PRO D 285 19.53 12.75 -30.43
N ASN D 286 18.60 12.15 -31.15
CA ASN D 286 17.28 12.74 -31.35
C ASN D 286 16.24 12.23 -30.37
N THR D 287 16.55 11.16 -29.62
CA THR D 287 15.87 10.84 -28.38
C THR D 287 15.58 12.10 -27.57
N PHE D 288 14.33 12.26 -27.13
CA PHE D 288 13.93 13.54 -26.55
C PHE D 288 12.95 13.33 -25.41
N PHE D 289 12.81 14.37 -24.60
CA PHE D 289 11.67 14.49 -23.72
C PHE D 289 11.04 15.85 -23.94
N LEU D 290 9.73 15.90 -23.71
CA LEU D 290 8.96 17.13 -23.85
C LEU D 290 8.00 17.15 -22.66
N THR D 291 8.15 18.17 -21.81
CA THR D 291 7.20 18.36 -20.74
C THR D 291 5.92 18.93 -21.34
N PRO D 292 4.77 18.68 -20.73
CA PRO D 292 3.61 19.50 -21.02
C PRO D 292 3.90 20.92 -20.56
N PRO D 293 3.00 21.87 -20.84
CA PRO D 293 3.09 23.15 -20.12
C PRO D 293 2.88 22.89 -18.62
N ILE D 294 3.83 23.33 -17.80
CA ILE D 294 3.76 23.12 -16.36
C ILE D 294 3.26 24.40 -15.70
N PRO D 295 2.10 24.40 -15.07
CA PRO D 295 1.59 25.64 -14.45
C PRO D 295 2.23 25.87 -13.09
N PHE D 296 2.60 27.13 -12.84
CA PHE D 296 3.20 27.54 -11.58
C PHE D 296 2.83 29.01 -11.33
N THR D 297 2.98 29.42 -10.07
CA THR D 297 2.56 30.74 -9.63
C THR D 297 3.59 31.26 -8.64
N TYR D 298 3.92 32.55 -8.76
CA TYR D 298 4.72 33.22 -7.73
C TYR D 298 4.21 34.65 -7.59
N VAL D 299 4.68 35.33 -6.54
CA VAL D 299 4.27 36.72 -6.28
C VAL D 299 5.08 37.64 -7.17
N GLY D 300 4.38 38.52 -7.89
CA GLY D 300 5.00 39.48 -8.78
C GLY D 300 5.46 40.74 -8.06
N ALA D 301 5.97 41.66 -8.88
CA ALA D 301 6.69 42.83 -8.41
C ALA D 301 5.79 43.81 -7.61
N LYS E 85 12.78 -57.57 11.54
CA LYS E 85 13.36 -56.71 10.51
C LYS E 85 13.31 -55.25 10.94
N VAL E 86 12.17 -54.60 10.70
CA VAL E 86 11.96 -53.23 11.14
C VAL E 86 11.10 -53.31 12.39
N SER E 87 11.73 -53.10 13.54
CA SER E 87 11.03 -53.15 14.82
C SER E 87 10.14 -51.92 15.00
N PRO E 88 9.06 -52.03 15.80
CA PRO E 88 8.28 -50.83 16.13
C PRO E 88 8.90 -49.98 17.24
N THR E 89 10.21 -49.73 17.16
CA THR E 89 10.83 -48.68 17.95
C THR E 89 11.41 -47.56 17.08
N GLN E 90 12.14 -47.90 16.01
CA GLN E 90 12.47 -46.93 14.98
C GLN E 90 11.30 -46.69 14.03
N THR E 91 10.10 -47.15 14.40
CA THR E 91 8.85 -46.90 13.68
C THR E 91 7.98 -45.97 14.53
N PRO E 92 8.12 -44.65 14.40
CA PRO E 92 7.26 -43.73 15.15
C PRO E 92 5.80 -43.91 14.75
N LEU E 93 4.96 -44.09 15.74
CA LEU E 93 3.53 -44.29 15.53
C LEU E 93 2.82 -42.94 15.55
N THR E 94 1.80 -42.83 14.71
CA THR E 94 0.99 -41.63 14.62
C THR E 94 -0.22 -41.76 15.56
N ARG E 95 -0.27 -40.88 16.56
CA ARG E 95 -1.32 -40.87 17.57
C ARG E 95 -2.35 -39.79 17.29
N ILE E 96 -3.55 -40.00 17.79
CA ILE E 96 -4.71 -39.14 17.52
C ILE E 96 -5.52 -39.02 18.80
N ILE E 97 -5.72 -37.79 19.27
CA ILE E 97 -6.73 -37.50 20.28
C ILE E 97 -7.61 -36.37 19.76
N SER E 98 -8.88 -36.40 20.15
CA SER E 98 -9.82 -35.33 19.82
C SER E 98 -10.48 -34.84 21.09
N MET E 99 -10.86 -33.56 21.09
CA MET E 99 -11.50 -32.95 22.25
C MET E 99 -12.69 -32.14 21.77
N GLY E 100 -13.81 -32.22 22.47
CA GLY E 100 -15.00 -31.53 22.05
C GLY E 100 -15.79 -32.36 21.06
N ASN E 101 -16.84 -31.74 20.51
CA ASN E 101 -17.83 -32.43 19.69
C ASN E 101 -17.81 -31.85 18.27
N ASN E 102 -17.38 -32.67 17.31
CA ASN E 102 -17.27 -32.29 15.90
C ASN E 102 -18.61 -32.08 15.23
N LEU E 103 -19.74 -32.08 15.94
CA LEU E 103 -21.04 -31.85 15.32
C LEU E 103 -21.73 -30.59 15.81
N PHE E 104 -21.28 -30.01 16.93
CA PHE E 104 -21.78 -28.73 17.41
C PHE E 104 -23.28 -28.78 17.67
N ASP E 105 -23.73 -29.88 18.27
CA ASP E 105 -25.10 -30.02 18.74
C ASP E 105 -25.19 -30.06 20.26
N SER E 106 -24.06 -30.03 20.97
CA SER E 106 -24.01 -30.05 22.42
C SER E 106 -24.03 -28.65 23.03
N GLY E 107 -24.58 -27.67 22.34
CA GLY E 107 -24.60 -26.35 22.94
C GLY E 107 -23.23 -25.71 22.98
N TYR E 108 -23.12 -24.68 23.80
CA TYR E 108 -21.92 -23.86 23.91
C TYR E 108 -21.46 -23.88 25.36
N GLU E 109 -20.71 -24.91 25.71
CA GLU E 109 -20.27 -25.12 27.08
C GLU E 109 -18.80 -24.85 27.33
N ILE E 110 -18.02 -24.57 26.29
CA ILE E 110 -16.59 -24.32 26.45
C ILE E 110 -16.37 -22.86 26.85
N PHE E 111 -15.53 -22.64 27.86
CA PHE E 111 -15.36 -21.32 28.46
C PHE E 111 -14.26 -20.57 27.71
N ALA E 112 -14.60 -19.42 27.16
CA ALA E 112 -13.67 -18.56 26.46
C ALA E 112 -13.45 -17.29 27.26
N SER E 113 -12.18 -16.90 27.45
CA SER E 113 -11.83 -15.66 28.11
C SER E 113 -11.58 -14.55 27.09
N CYS E 114 -12.06 -13.35 27.39
CA CYS E 114 -12.13 -12.25 26.46
C CYS E 114 -11.48 -11.00 27.05
N PRO E 115 -11.20 -9.99 26.23
CA PRO E 115 -10.64 -8.74 26.74
C PRO E 115 -11.46 -8.14 27.86
N GLN E 116 -10.77 -7.44 28.77
CA GLN E 116 -11.39 -6.58 29.78
C GLN E 116 -12.21 -7.37 30.80
N ASN E 117 -11.72 -8.55 31.17
CA ASN E 117 -12.39 -9.42 32.14
C ASN E 117 -13.78 -9.80 31.71
N LYS E 118 -14.02 -9.82 30.40
CA LYS E 118 -15.24 -10.34 29.83
C LYS E 118 -15.05 -11.82 29.50
N ALA E 119 -16.15 -12.45 29.10
CA ALA E 119 -16.12 -13.89 28.89
C ALA E 119 -17.13 -14.27 27.82
N ALA E 120 -16.99 -15.48 27.31
CA ALA E 120 -17.96 -16.00 26.36
C ALA E 120 -17.93 -17.52 26.42
N LYS E 121 -19.04 -18.11 25.98
CA LYS E 121 -19.19 -19.55 25.93
C LYS E 121 -19.34 -19.96 24.47
N VAL E 122 -18.57 -20.97 24.06
CA VAL E 122 -18.48 -21.35 22.66
C VAL E 122 -18.54 -22.87 22.58
N ALA E 123 -18.61 -23.37 21.35
CA ALA E 123 -18.43 -24.78 21.05
C ALA E 123 -17.14 -24.96 20.24
N GLY E 124 -16.53 -26.14 20.38
CA GLY E 124 -15.27 -26.42 19.71
C GLY E 124 -15.05 -27.89 19.45
N TYR E 125 -14.08 -28.16 18.57
CA TYR E 125 -13.63 -29.51 18.27
C TYR E 125 -12.17 -29.44 17.84
N VAL E 126 -11.33 -30.15 18.58
CA VAL E 126 -9.89 -30.15 18.38
C VAL E 126 -9.48 -31.55 17.95
N TYR E 127 -8.76 -31.64 16.85
CA TYR E 127 -8.27 -32.90 16.32
C TYR E 127 -6.76 -32.79 16.27
N LEU E 128 -6.06 -33.66 16.99
CA LEU E 128 -4.61 -33.53 17.17
C LEU E 128 -3.92 -34.81 16.75
N THR E 129 -2.87 -34.68 15.96
CA THR E 129 -2.04 -35.81 15.57
C THR E 129 -0.63 -35.57 16.06
N SER E 130 0.02 -36.63 16.54
CA SER E 130 1.43 -36.59 16.90
C SER E 130 2.18 -37.47 15.90
N VAL E 131 3.11 -36.86 15.16
CA VAL E 131 3.98 -37.59 14.24
C VAL E 131 5.41 -37.16 14.54
N GLY E 132 6.26 -38.14 14.87
CA GLY E 132 7.67 -37.87 15.06
C GLY E 132 7.96 -36.81 16.10
N GLY E 133 7.14 -36.75 17.15
CA GLY E 133 7.33 -35.75 18.18
C GLY E 133 6.79 -34.37 17.87
N LEU E 134 6.14 -34.17 16.72
CA LEU E 134 5.50 -32.90 16.39
C LEU E 134 3.99 -33.11 16.36
N VAL E 135 3.26 -32.20 17.00
CA VAL E 135 1.81 -32.23 16.96
C VAL E 135 1.33 -31.43 15.75
N HIS E 136 0.58 -32.08 14.86
CA HIS E 136 -0.16 -31.41 13.79
C HIS E 136 -1.64 -31.57 14.09
N GLY E 137 -2.30 -30.48 14.47
CA GLY E 137 -3.72 -30.50 14.75
C GLY E 137 -4.50 -29.48 13.94
N THR E 138 -5.81 -29.43 14.22
CA THR E 138 -6.71 -28.42 13.69
C THR E 138 -7.70 -28.06 14.79
N ILE E 139 -7.96 -26.76 14.96
CA ILE E 139 -9.01 -26.31 15.87
C ILE E 139 -10.15 -25.66 15.08
N GLN E 140 -11.39 -25.85 15.55
CA GLN E 140 -12.57 -25.33 14.91
C GLN E 140 -13.52 -24.81 15.99
N ILE E 141 -13.88 -23.53 15.92
CA ILE E 141 -14.77 -22.94 16.91
C ILE E 141 -16.04 -22.43 16.23
N LYS E 142 -17.18 -22.67 16.88
CA LYS E 142 -18.46 -22.02 16.59
C LYS E 142 -18.87 -21.19 17.80
N ALA E 143 -19.48 -20.02 17.55
CA ALA E 143 -19.93 -19.18 18.64
C ALA E 143 -21.14 -18.37 18.17
N THR E 144 -21.98 -17.94 19.11
CA THR E 144 -23.16 -17.15 18.80
C THR E 144 -23.18 -15.86 19.62
N ALA E 145 -23.89 -14.85 19.09
CA ALA E 145 -23.97 -13.56 19.76
C ALA E 145 -24.71 -13.66 21.10
N GLY E 146 -25.65 -14.60 21.23
CA GLY E 146 -26.40 -14.69 22.48
C GLY E 146 -25.57 -15.23 23.62
N TYR E 147 -24.62 -16.10 23.31
CA TYR E 147 -23.68 -16.63 24.30
C TYR E 147 -22.38 -15.82 24.37
N TRP E 148 -22.27 -14.74 23.62
CA TRP E 148 -21.17 -13.82 23.80
C TRP E 148 -21.60 -12.73 24.78
N PHE E 149 -20.62 -12.02 25.34
CA PHE E 149 -20.97 -10.91 26.21
C PHE E 149 -21.75 -9.83 25.45
N THR E 150 -22.17 -8.80 26.15
CA THR E 150 -22.91 -7.69 25.56
C THR E 150 -22.28 -6.38 25.98
N GLY E 151 -22.33 -5.40 25.07
CA GLY E 151 -21.63 -4.14 25.25
C GLY E 151 -20.33 -4.11 24.48
N GLY E 152 -19.98 -2.96 23.95
CA GLY E 152 -18.85 -2.82 23.06
C GLY E 152 -19.26 -2.87 21.61
N ASN E 153 -18.26 -2.78 20.73
CA ASN E 153 -18.47 -2.83 19.30
C ASN E 153 -17.48 -3.81 18.70
N SER E 154 -17.99 -4.91 18.13
CA SER E 154 -17.06 -5.93 17.65
C SER E 154 -16.29 -5.48 16.42
N VAL E 155 -16.73 -4.42 15.73
CA VAL E 155 -16.02 -3.95 14.54
C VAL E 155 -14.84 -3.05 14.92
N GLN E 156 -15.03 -2.14 15.87
CA GLN E 156 -13.93 -1.29 16.32
C GLN E 156 -12.96 -2.09 17.18
N GLU E 157 -13.44 -2.61 18.32
CA GLU E 157 -12.73 -3.75 18.91
C GLU E 157 -12.61 -4.81 17.83
N SER E 158 -11.86 -5.84 18.08
CA SER E 158 -12.20 -6.94 17.20
C SER E 158 -12.91 -8.02 18.01
N ILE E 159 -13.09 -9.19 17.42
CA ILE E 159 -13.59 -10.32 18.18
C ILE E 159 -12.37 -11.10 18.63
N ARG E 160 -12.10 -11.06 19.93
CA ARG E 160 -10.90 -11.65 20.51
C ARG E 160 -11.29 -12.60 21.63
N PHE E 161 -10.64 -13.77 21.69
CA PHE E 161 -10.91 -14.66 22.80
C PHE E 161 -9.80 -15.68 22.93
N GLY E 162 -9.48 -16.03 24.17
CA GLY E 162 -8.45 -17.00 24.47
C GLY E 162 -9.09 -18.32 24.89
N LEU E 163 -8.45 -19.41 24.48
CA LEU E 163 -8.87 -20.76 24.81
C LEU E 163 -7.67 -21.53 25.32
N VAL E 164 -7.91 -22.48 26.24
CA VAL E 164 -6.85 -23.32 26.76
C VAL E 164 -7.07 -24.74 26.28
N LEU E 165 -5.98 -25.40 25.88
CA LEU E 165 -5.97 -26.80 25.46
C LEU E 165 -5.21 -27.60 26.51
N CYS E 166 -5.94 -28.37 27.31
CA CYS E 166 -5.38 -29.22 28.36
C CYS E 166 -5.68 -30.67 27.98
N PRO E 167 -4.85 -31.29 27.13
CA PRO E 167 -5.05 -32.71 26.81
C PRO E 167 -4.68 -33.64 27.94
N PHE E 168 -4.02 -33.15 29.00
CA PHE E 168 -3.80 -33.96 30.18
C PHE E 168 -4.79 -33.61 31.29
N SER E 169 -6.05 -33.38 30.89
CA SER E 169 -7.04 -32.90 31.85
C SER E 169 -7.37 -33.95 32.90
N ALA E 170 -7.28 -35.23 32.52
CA ALA E 170 -7.43 -36.30 33.50
C ALA E 170 -6.49 -36.09 34.68
N ARG E 171 -5.19 -36.00 34.39
CA ARG E 171 -4.19 -35.91 35.45
C ARG E 171 -4.07 -34.53 36.08
N ASP E 172 -4.66 -33.47 35.48
CA ASP E 172 -4.57 -32.10 36.01
C ASP E 172 -5.89 -31.39 35.78
N PRO E 173 -6.96 -31.79 36.48
CA PRO E 173 -8.31 -31.31 36.13
C PRO E 173 -8.47 -29.80 36.19
N THR E 174 -7.74 -29.10 37.06
CA THR E 174 -7.92 -27.66 37.19
C THR E 174 -7.03 -26.86 36.24
N ALA E 175 -6.14 -27.52 35.50
CA ALA E 175 -5.46 -26.85 34.39
C ALA E 175 -6.34 -26.73 33.16
N ASN E 176 -7.49 -27.41 33.14
CA ASN E 176 -8.47 -27.38 32.05
C ASN E 176 -9.31 -26.13 32.20
N LEU E 177 -8.68 -24.98 31.95
CA LEU E 177 -9.29 -23.69 32.23
C LEU E 177 -10.49 -23.36 31.35
N SER E 178 -10.71 -24.09 30.26
CA SER E 178 -11.81 -23.78 29.35
C SER E 178 -12.97 -24.76 29.43
N GLY E 179 -12.81 -25.90 30.09
CA GLY E 179 -13.90 -26.80 30.33
C GLY E 179 -14.02 -27.93 29.34
N TRP E 180 -12.96 -28.25 28.63
CA TRP E 180 -13.06 -29.27 27.60
C TRP E 180 -13.41 -30.62 28.22
N PRO E 181 -14.30 -31.40 27.61
CA PRO E 181 -14.47 -32.79 28.04
C PRO E 181 -13.16 -33.54 27.92
N ALA E 182 -13.08 -34.67 28.62
CA ALA E 182 -11.88 -35.48 28.56
C ALA E 182 -11.57 -35.87 27.13
N PRO E 183 -10.29 -35.96 26.75
CA PRO E 183 -9.96 -36.30 25.37
C PRO E 183 -10.42 -37.70 25.01
N VAL E 184 -10.52 -37.94 23.70
CA VAL E 184 -10.89 -39.25 23.18
C VAL E 184 -9.74 -39.73 22.29
N VAL E 185 -9.11 -40.83 22.68
CA VAL E 185 -7.98 -41.36 21.94
C VAL E 185 -8.48 -42.19 20.76
N TRP E 186 -8.02 -41.84 19.56
CA TRP E 186 -8.30 -42.61 18.35
C TRP E 186 -7.11 -43.44 17.88
N SER E 187 -5.93 -43.19 18.41
CA SER E 187 -4.76 -43.97 18.02
C SER E 187 -3.82 -44.04 19.22
N GLY E 188 -3.70 -45.22 19.82
CA GLY E 188 -2.82 -45.45 20.95
C GLY E 188 -3.58 -45.90 22.18
N ASP E 189 -2.86 -45.94 23.31
CA ASP E 189 -3.37 -46.45 24.57
C ASP E 189 -3.87 -45.30 25.43
N SER E 190 -4.18 -45.60 26.71
CA SER E 190 -4.67 -44.59 27.63
C SER E 190 -3.60 -43.57 28.02
N ASN E 191 -2.34 -43.80 27.63
CA ASN E 191 -1.23 -42.93 27.99
C ASN E 191 -0.94 -41.84 26.96
N THR E 192 -1.54 -41.91 25.76
CA THR E 192 -1.15 -40.98 24.70
C THR E 192 -1.61 -39.54 24.92
N PRO E 193 -2.71 -39.25 25.64
CA PRO E 193 -3.04 -37.84 25.90
C PRO E 193 -1.90 -37.05 26.52
N LEU E 194 -0.91 -37.74 27.07
CA LEU E 194 0.26 -37.07 27.62
C LEU E 194 1.26 -36.70 26.54
N TYR E 195 1.20 -37.36 25.39
CA TYR E 195 2.11 -37.07 24.29
C TYR E 195 1.78 -35.74 23.63
N PHE E 196 0.68 -35.11 24.02
CA PHE E 196 0.21 -33.88 23.42
C PHE E 196 0.40 -32.68 24.34
N ALA E 197 1.23 -32.81 25.36
CA ALA E 197 1.63 -31.61 26.07
C ALA E 197 2.74 -30.93 25.28
N ALA E 198 2.97 -29.66 25.62
CA ALA E 198 3.97 -28.88 24.91
C ALA E 198 5.35 -29.25 25.42
N ASN E 199 6.19 -29.73 24.52
CA ASN E 199 7.57 -30.15 24.79
C ASN E 199 8.21 -29.35 25.93
N ALA E 200 8.61 -30.07 26.99
CA ALA E 200 9.06 -29.40 28.21
C ALA E 200 10.32 -28.58 27.97
N ILE E 201 11.32 -29.16 27.30
CA ILE E 201 12.58 -28.46 27.11
C ILE E 201 12.39 -27.22 26.26
N SER E 202 11.79 -27.38 25.09
CA SER E 202 11.80 -26.32 24.09
C SER E 202 10.80 -25.20 24.35
N TYR E 203 10.00 -25.26 25.40
CA TYR E 203 9.11 -24.15 25.74
C TYR E 203 9.36 -23.55 27.12
N THR E 204 10.45 -23.91 27.82
CA THR E 204 10.60 -23.41 29.19
C THR E 204 10.61 -21.89 29.23
N ASN E 205 11.13 -21.25 28.18
CA ASN E 205 11.19 -19.80 28.11
C ASN E 205 10.22 -19.21 27.08
N ASN E 206 9.29 -20.03 26.56
CA ASN E 206 8.27 -19.63 25.59
C ASN E 206 6.91 -20.13 26.05
N ARG E 207 6.51 -19.76 27.26
CA ARG E 207 5.28 -20.29 27.86
C ARG E 207 4.72 -19.22 28.77
N VAL E 208 3.39 -19.10 28.80
CA VAL E 208 2.71 -18.11 29.61
C VAL E 208 2.32 -18.77 30.92
N ASN E 209 2.48 -18.04 32.02
CA ASN E 209 1.95 -18.45 33.31
C ASN E 209 0.51 -17.95 33.40
N LEU E 210 -0.44 -18.88 33.47
CA LEU E 210 -1.85 -18.55 33.46
C LEU E 210 -2.43 -18.54 34.88
N ALA E 211 -3.26 -17.54 35.16
CA ALA E 211 -3.95 -17.47 36.44
C ALA E 211 -4.93 -18.63 36.57
N VAL E 212 -4.88 -19.33 37.71
CA VAL E 212 -5.63 -20.58 37.86
C VAL E 212 -7.13 -20.35 37.89
N THR E 213 -7.58 -19.19 38.37
CA THR E 213 -8.99 -18.83 38.32
C THR E 213 -9.27 -18.02 37.06
N GLY E 214 -10.45 -18.23 36.47
CA GLY E 214 -10.83 -17.74 35.15
C GLY E 214 -10.59 -16.27 34.91
N ASN E 215 -10.93 -15.82 33.70
CA ASN E 215 -10.41 -14.56 33.15
C ASN E 215 -8.89 -14.64 33.03
N PHE E 216 -8.46 -15.66 32.30
CA PHE E 216 -7.06 -15.89 31.97
C PHE E 216 -6.67 -15.23 30.64
N TYR E 217 -7.47 -14.29 30.14
CA TYR E 217 -7.26 -13.81 28.78
C TYR E 217 -5.93 -13.08 28.66
N LYS E 218 -5.15 -13.45 27.67
CA LYS E 218 -3.89 -12.76 27.40
C LYS E 218 -3.79 -12.45 25.92
N GLU E 219 -3.61 -11.17 25.61
CA GLU E 219 -3.41 -10.68 24.25
C GLU E 219 -2.15 -11.26 23.64
N GLU E 220 -2.18 -11.47 22.33
CA GLU E 220 -1.01 -11.99 21.63
C GLU E 220 0.23 -11.10 21.85
N THR E 221 0.01 -9.77 21.90
CA THR E 221 1.11 -8.84 22.17
C THR E 221 1.78 -9.05 23.53
N GLU E 222 1.19 -9.84 24.42
CA GLU E 222 1.77 -10.11 25.73
C GLU E 222 2.27 -11.54 25.85
N LEU E 223 2.12 -12.36 24.82
CA LEU E 223 2.64 -13.71 24.93
C LEU E 223 4.16 -13.68 24.81
N PRO E 224 4.85 -14.63 25.46
CA PRO E 224 6.29 -14.79 25.28
C PRO E 224 6.62 -15.48 23.95
N GLY E 225 6.12 -14.89 22.86
CA GLY E 225 6.26 -15.49 21.56
C GLY E 225 5.10 -16.39 21.21
N TYR E 226 4.84 -16.50 19.90
CA TYR E 226 3.73 -17.32 19.41
C TYR E 226 4.00 -17.70 17.96
N THR E 227 3.14 -18.56 17.44
CA THR E 227 3.03 -18.81 16.02
C THR E 227 1.65 -18.38 15.55
N ARG E 228 1.59 -17.72 14.41
CA ARG E 228 0.34 -17.20 13.87
C ARG E 228 -0.15 -18.11 12.76
N HIS E 229 -1.48 -18.24 12.66
CA HIS E 229 -2.09 -19.04 11.61
C HIS E 229 -3.35 -18.33 11.11
N SER E 230 -3.30 -17.86 9.87
CA SER E 230 -4.31 -16.93 9.37
C SER E 230 -5.47 -17.69 8.77
N PHE E 231 -6.68 -17.23 9.07
CA PHE E 231 -7.89 -17.89 8.60
C PHE E 231 -8.97 -16.83 8.45
N CYS E 232 -10.17 -17.28 8.08
CA CYS E 232 -11.32 -16.39 8.10
C CYS E 232 -12.50 -17.29 8.39
N PRO E 233 -13.36 -16.93 9.33
CA PRO E 233 -14.54 -17.75 9.60
C PRO E 233 -15.69 -17.35 8.67
N THR E 234 -16.66 -18.24 8.61
CA THR E 234 -17.97 -17.89 8.06
C THR E 234 -18.92 -17.53 9.18
N GLY E 235 -20.06 -16.95 8.79
CA GLY E 235 -21.12 -16.71 9.73
C GLY E 235 -22.28 -15.99 9.08
N THR E 236 -23.19 -15.53 9.94
CA THR E 236 -24.37 -14.81 9.52
C THR E 236 -24.03 -13.71 8.52
N THR E 237 -25.02 -13.36 7.70
CA THR E 237 -24.74 -12.66 6.45
C THR E 237 -24.08 -11.32 6.70
N GLY E 238 -24.64 -10.48 7.56
CA GLY E 238 -23.95 -9.21 7.60
C GLY E 238 -22.66 -9.10 8.41
N MET E 239 -22.00 -10.22 8.77
CA MET E 239 -20.83 -10.15 9.65
C MET E 239 -19.61 -9.54 8.95
N ASN E 240 -19.47 -9.73 7.64
CA ASN E 240 -18.45 -9.09 6.83
C ASN E 240 -17.04 -9.30 7.40
N PHE E 241 -16.69 -10.56 7.64
CA PHE E 241 -15.35 -10.86 8.13
C PHE E 241 -14.29 -10.51 7.09
N THR E 242 -13.20 -9.94 7.55
CA THR E 242 -12.09 -9.60 6.66
C THR E 242 -10.85 -10.44 6.92
N GLY E 243 -10.88 -11.33 7.90
CA GLY E 243 -9.75 -12.20 8.17
C GLY E 243 -9.68 -12.55 9.64
N GLY E 244 -8.86 -13.53 9.93
CA GLY E 244 -8.68 -13.95 11.30
C GLY E 244 -7.27 -14.48 11.53
N ASN E 245 -6.86 -14.49 12.79
CA ASN E 245 -5.56 -15.00 13.17
C ASN E 245 -5.67 -15.79 14.46
N LEU E 246 -4.93 -16.87 14.51
CA LEU E 246 -4.87 -17.74 15.67
C LEU E 246 -3.44 -17.70 16.19
N TYR E 247 -3.24 -17.07 17.34
CA TYR E 247 -1.92 -17.02 17.96
C TYR E 247 -1.79 -18.18 18.95
N VAL E 248 -0.76 -19.00 18.74
CA VAL E 248 -0.57 -20.25 19.48
C VAL E 248 0.65 -20.10 20.37
N CYS E 249 0.46 -20.33 21.68
CA CYS E 249 1.53 -20.25 22.67
C CYS E 249 1.27 -21.13 23.90
N PRO E 250 2.15 -22.09 24.19
CA PRO E 250 1.94 -22.95 25.36
C PRO E 250 1.93 -22.18 26.68
N CYS E 251 1.27 -22.78 27.67
CA CYS E 251 1.08 -22.18 28.98
C CYS E 251 1.31 -23.20 30.08
N THR E 252 1.49 -22.69 31.30
CA THR E 252 1.39 -23.46 32.53
C THR E 252 0.26 -22.89 33.38
N VAL E 253 -0.52 -23.74 34.01
CA VAL E 253 -1.48 -23.30 35.02
C VAL E 253 -0.86 -23.54 36.39
N ASN E 254 -0.64 -22.43 37.11
CA ASN E 254 0.03 -22.34 38.40
C ASN E 254 -0.30 -23.48 39.38
N THR E 255 -1.55 -23.57 39.84
CA THR E 255 -1.85 -24.47 40.95
C THR E 255 -1.86 -25.94 40.56
N GLY E 256 -2.08 -26.25 39.28
CA GLY E 256 -2.12 -27.63 38.80
C GLY E 256 -1.07 -28.53 39.44
N ALA E 257 -1.47 -29.77 39.76
CA ALA E 257 -0.57 -30.75 40.35
C ALA E 257 0.32 -31.44 39.31
N THR E 258 0.83 -30.67 38.35
CA THR E 258 1.78 -31.14 37.35
C THR E 258 2.66 -29.96 36.96
N THR E 259 3.75 -30.27 36.26
CA THR E 259 4.53 -29.25 35.56
C THR E 259 4.36 -29.35 34.05
N LEU E 260 3.36 -30.13 33.59
CA LEU E 260 3.13 -30.29 32.17
C LEU E 260 2.67 -28.98 31.52
N ASN E 261 2.99 -28.83 30.24
CA ASN E 261 2.69 -27.61 29.49
C ASN E 261 1.39 -27.77 28.70
N ALA E 262 0.50 -26.79 28.84
CA ALA E 262 -0.77 -26.73 28.12
C ALA E 262 -0.68 -25.72 26.98
N ILE E 263 -1.70 -25.70 26.14
CA ILE E 263 -1.71 -24.88 24.92
C ILE E 263 -2.74 -23.76 25.07
N TYR E 264 -2.28 -22.51 25.03
CA TYR E 264 -3.18 -21.36 25.04
C TYR E 264 -3.33 -20.84 23.60
N MET E 265 -4.51 -20.30 23.30
CA MET E 265 -4.83 -19.88 21.94
C MET E 265 -5.69 -18.63 21.97
N VAL E 266 -5.21 -17.55 21.37
CA VAL E 266 -6.01 -16.35 21.26
C VAL E 266 -6.36 -16.14 19.79
N PHE E 267 -7.65 -15.92 19.53
CA PHE E 267 -8.16 -15.69 18.18
C PHE E 267 -8.50 -14.22 18.00
N VAL E 268 -8.12 -13.65 16.86
CA VAL E 268 -8.52 -12.29 16.50
C VAL E 268 -9.19 -12.35 15.14
N ILE E 269 -10.49 -12.08 15.13
CA ILE E 269 -11.31 -12.07 13.92
C ILE E 269 -11.70 -10.62 13.66
N THR E 270 -11.50 -10.15 12.44
CA THR E 270 -11.77 -8.76 12.11
C THR E 270 -12.96 -8.68 11.16
N GLN E 271 -13.68 -7.56 11.22
CA GLN E 271 -14.80 -7.28 10.34
C GLN E 271 -14.60 -5.95 9.62
N SER E 272 -15.42 -5.75 8.59
CA SER E 272 -15.47 -4.50 7.85
C SER E 272 -16.24 -3.44 8.63
N ALA E 273 -16.00 -2.18 8.24
CA ALA E 273 -16.65 -1.04 8.88
C ALA E 273 -18.15 -1.21 9.00
N LEU E 274 -18.78 -1.95 8.09
CA LEU E 274 -20.22 -2.14 8.08
C LEU E 274 -20.67 -3.49 8.65
N GLY E 275 -19.82 -4.18 9.40
CA GLY E 275 -20.20 -5.48 9.93
C GLY E 275 -21.12 -5.39 11.15
N THR E 276 -21.97 -6.39 11.29
CA THR E 276 -22.81 -6.47 12.47
C THR E 276 -21.98 -6.48 13.74
N ASN E 277 -22.37 -5.66 14.71
CA ASN E 277 -21.76 -5.62 16.04
C ASN E 277 -22.18 -6.87 16.81
N PHE E 278 -21.27 -7.85 16.90
CA PHE E 278 -21.55 -9.10 17.61
C PHE E 278 -21.94 -8.83 19.06
N PHE E 279 -21.42 -7.76 19.63
CA PHE E 279 -21.60 -7.47 21.04
C PHE E 279 -22.86 -6.68 21.32
N ALA E 280 -23.51 -6.16 20.30
CA ALA E 280 -24.64 -5.26 20.50
C ALA E 280 -25.85 -6.02 21.03
N SER E 281 -26.64 -5.33 21.84
CA SER E 281 -27.87 -5.90 22.40
C SER E 281 -28.98 -6.00 21.36
N ASN E 282 -28.96 -5.18 20.31
CA ASN E 282 -29.96 -5.32 19.27
C ASN E 282 -29.49 -6.22 18.15
N THR E 283 -28.54 -7.11 18.46
CA THR E 283 -28.06 -8.10 17.53
C THR E 283 -28.75 -9.42 17.82
N PRO E 284 -29.49 -9.99 16.88
CA PRO E 284 -30.16 -11.30 17.11
C PRO E 284 -29.20 -12.33 17.67
N PRO E 285 -29.62 -13.09 18.68
CA PRO E 285 -28.69 -13.97 19.38
C PRO E 285 -28.29 -15.19 18.57
N ASN E 286 -29.01 -15.53 17.51
CA ASN E 286 -28.60 -16.63 16.64
C ASN E 286 -27.59 -16.20 15.58
N THR E 287 -27.18 -14.94 15.59
CA THR E 287 -26.04 -14.51 14.80
C THR E 287 -24.79 -15.24 15.28
N PHE E 288 -24.07 -15.87 14.37
CA PHE E 288 -23.01 -16.79 14.76
C PHE E 288 -21.75 -16.56 13.94
N PHE E 289 -20.68 -17.24 14.34
CA PHE E 289 -19.53 -17.42 13.48
C PHE E 289 -19.03 -18.84 13.68
N LEU E 290 -18.39 -19.35 12.62
CA LEU E 290 -17.89 -20.72 12.63
C LEU E 290 -16.58 -20.71 11.85
N THR E 291 -15.47 -20.87 12.56
CA THR E 291 -14.19 -21.02 11.90
C THR E 291 -14.19 -22.35 11.15
N PRO E 292 -13.40 -22.46 10.08
CA PRO E 292 -13.10 -23.76 9.54
C PRO E 292 -12.20 -24.49 10.53
N PRO E 293 -11.82 -25.74 10.26
CA PRO E 293 -10.68 -26.30 11.00
C PRO E 293 -9.45 -25.49 10.66
N ILE E 294 -8.80 -24.95 11.69
CA ILE E 294 -7.60 -24.15 11.52
C ILE E 294 -6.40 -25.02 11.86
N PRO E 295 -5.57 -25.39 10.88
CA PRO E 295 -4.40 -26.22 11.20
C PRO E 295 -3.30 -25.42 11.86
N PHE E 296 -2.58 -26.08 12.77
CA PHE E 296 -1.45 -25.51 13.50
C PHE E 296 -0.55 -26.66 13.93
N THR E 297 0.69 -26.32 14.28
CA THR E 297 1.68 -27.29 14.72
C THR E 297 2.45 -26.74 15.92
N TYR E 298 2.74 -27.61 16.90
CA TYR E 298 3.68 -27.30 17.97
C TYR E 298 4.53 -28.53 18.25
N VAL E 299 5.57 -28.37 19.08
CA VAL E 299 6.42 -29.49 19.46
C VAL E 299 5.72 -30.31 20.52
N GLY E 300 5.66 -31.62 20.31
CA GLY E 300 4.96 -32.52 21.21
C GLY E 300 5.78 -32.87 22.43
N ALA E 301 5.16 -33.67 23.30
CA ALA E 301 5.74 -34.06 24.60
C ALA E 301 7.13 -34.65 24.43
N GLY F 81 12.15 -60.88 9.25
CA GLY F 81 10.91 -60.72 8.49
C GLY F 81 10.84 -59.47 7.62
N LEU F 82 11.42 -59.57 6.41
CA LEU F 82 11.57 -58.45 5.47
C LEU F 82 10.33 -58.23 4.60
N ALA F 83 9.15 -58.61 5.08
CA ALA F 83 7.88 -58.43 4.36
C ALA F 83 6.76 -58.85 5.30
N LEU F 84 5.51 -58.68 4.86
CA LEU F 84 4.33 -59.12 5.60
C LEU F 84 3.10 -58.90 4.73
N LYS F 85 1.90 -58.98 5.36
CA LYS F 85 0.64 -58.75 4.65
C LYS F 85 0.60 -57.35 4.04
N VAL F 86 1.10 -56.35 4.76
CA VAL F 86 1.32 -55.00 4.23
C VAL F 86 2.78 -54.69 4.53
N SER F 87 3.65 -54.87 3.52
CA SER F 87 5.09 -54.83 3.76
C SER F 87 5.57 -53.42 4.05
N PRO F 88 6.76 -53.27 4.68
CA PRO F 88 7.35 -51.94 4.86
C PRO F 88 7.82 -51.30 3.56
N THR F 89 7.36 -51.82 2.43
CA THR F 89 7.34 -51.12 1.15
C THR F 89 5.90 -50.73 0.88
N GLN F 90 5.68 -49.44 0.59
CA GLN F 90 4.36 -48.79 0.60
C GLN F 90 3.77 -48.72 2.01
N THR F 91 4.61 -48.80 3.04
CA THR F 91 4.29 -48.32 4.38
C THR F 91 5.35 -47.26 4.68
N PRO F 92 5.05 -46.00 4.40
CA PRO F 92 6.05 -44.94 4.61
C PRO F 92 6.31 -44.70 6.08
N LEU F 93 7.57 -44.50 6.42
CA LEU F 93 8.01 -44.43 7.80
C LEU F 93 8.40 -42.99 8.16
N THR F 94 7.96 -42.55 9.33
CA THR F 94 8.30 -41.23 9.86
C THR F 94 9.77 -41.22 10.32
N ARG F 95 10.64 -40.54 9.58
CA ARG F 95 12.02 -40.38 9.99
C ARG F 95 12.23 -39.03 10.67
N ILE F 96 13.23 -38.96 11.55
CA ILE F 96 13.49 -37.80 12.41
C ILE F 96 14.97 -37.52 12.42
N ILE F 97 15.36 -36.27 12.15
CA ILE F 97 16.70 -35.79 12.48
C ILE F 97 16.54 -34.48 13.22
N SER F 98 17.58 -34.10 13.95
CA SER F 98 17.65 -32.79 14.57
C SER F 98 19.03 -32.22 14.30
N MET F 99 19.12 -30.90 14.34
CA MET F 99 20.40 -30.20 14.19
C MET F 99 20.45 -29.11 15.25
N GLY F 100 21.66 -28.75 15.67
CA GLY F 100 21.83 -27.81 16.78
C GLY F 100 21.38 -28.38 18.12
N ASN F 101 21.33 -27.48 19.11
CA ASN F 101 21.24 -27.84 20.52
C ASN F 101 20.00 -27.22 21.17
N ASN F 102 19.03 -28.07 21.57
CA ASN F 102 17.77 -27.59 22.14
C ASN F 102 17.89 -27.08 23.55
N LEU F 103 19.05 -26.83 24.15
CA LEU F 103 19.08 -26.28 25.49
C LEU F 103 19.72 -24.90 25.53
N PHE F 104 20.39 -24.49 24.45
CA PHE F 104 21.01 -23.17 24.36
C PHE F 104 21.95 -22.95 25.55
N ASP F 105 22.64 -24.02 25.93
CA ASP F 105 23.75 -23.98 26.89
C ASP F 105 25.11 -24.08 26.23
N SER F 106 25.15 -24.39 24.93
CA SER F 106 26.31 -24.03 24.13
C SER F 106 26.36 -22.50 24.10
N GLY F 107 27.22 -21.96 23.27
CA GLY F 107 27.22 -20.52 23.14
C GLY F 107 26.33 -20.14 21.98
N TYR F 108 26.83 -19.22 21.16
CA TYR F 108 26.18 -18.79 19.93
C TYR F 108 27.18 -19.04 18.79
N GLU F 109 27.23 -20.28 18.30
CA GLU F 109 28.28 -20.76 17.42
C GLU F 109 27.80 -21.05 16.00
N ILE F 110 26.73 -20.37 15.57
CA ILE F 110 26.08 -20.64 14.30
C ILE F 110 26.00 -19.36 13.51
N PHE F 111 26.52 -19.39 12.29
CA PHE F 111 26.75 -18.16 11.54
C PHE F 111 25.45 -17.75 10.87
N ALA F 112 25.10 -16.48 11.03
CA ALA F 112 23.96 -15.90 10.35
C ALA F 112 24.45 -14.74 9.51
N SER F 113 24.01 -14.68 8.26
CA SER F 113 24.36 -13.58 7.38
C SER F 113 23.29 -12.50 7.49
N CYS F 114 23.73 -11.23 7.46
CA CYS F 114 22.82 -10.10 7.67
C CYS F 114 22.92 -9.12 6.52
N PRO F 115 21.98 -8.17 6.40
CA PRO F 115 22.08 -7.19 5.31
C PRO F 115 23.37 -6.39 5.39
N GLN F 116 23.78 -5.85 4.24
CA GLN F 116 24.94 -4.93 4.11
C GLN F 116 26.25 -5.57 4.58
N ASN F 117 26.44 -6.85 4.28
CA ASN F 117 27.68 -7.58 4.51
C ASN F 117 28.02 -7.69 6.00
N LYS F 118 27.06 -7.43 6.88
CA LYS F 118 27.28 -7.68 8.29
C LYS F 118 26.90 -9.11 8.63
N ALA F 119 27.34 -9.57 9.80
CA ALA F 119 27.09 -10.95 10.23
C ALA F 119 26.69 -10.96 11.69
N ALA F 120 26.28 -12.13 12.14
CA ALA F 120 25.90 -12.32 13.53
C ALA F 120 26.13 -13.78 13.89
N LYS F 121 26.20 -14.04 15.19
CA LYS F 121 26.32 -15.39 15.73
C LYS F 121 25.12 -15.69 16.62
N VAL F 122 24.50 -16.84 16.42
CA VAL F 122 23.25 -17.18 17.09
C VAL F 122 23.28 -18.64 17.48
N ALA F 123 22.33 -19.03 18.34
CA ALA F 123 22.11 -20.41 18.70
C ALA F 123 20.82 -20.89 18.07
N GLY F 124 20.67 -22.21 17.96
CA GLY F 124 19.41 -22.69 17.41
C GLY F 124 19.19 -24.17 17.56
N TYR F 125 17.96 -24.57 17.30
CA TYR F 125 17.55 -25.98 17.35
C TYR F 125 16.57 -26.23 16.22
N VAL F 126 16.97 -27.05 15.25
CA VAL F 126 16.11 -27.44 14.14
C VAL F 126 15.68 -28.88 14.36
N TYR F 127 14.38 -29.12 14.29
CA TYR F 127 13.80 -30.45 14.44
C TYR F 127 13.05 -30.78 13.17
N LEU F 128 13.45 -31.85 12.49
CA LEU F 128 12.89 -32.18 11.19
C LEU F 128 12.35 -33.60 11.21
N THR F 129 11.05 -33.75 10.92
CA THR F 129 10.46 -35.03 10.60
C THR F 129 10.20 -35.10 9.10
N SER F 130 10.24 -36.31 8.55
CA SER F 130 9.93 -36.55 7.14
C SER F 130 8.82 -37.59 7.08
N VAL F 131 7.66 -37.18 6.56
CA VAL F 131 6.45 -38.00 6.58
C VAL F 131 5.87 -38.01 5.17
N GLY F 132 6.00 -39.15 4.48
CA GLY F 132 5.41 -39.29 3.17
C GLY F 132 6.06 -38.47 2.09
N GLY F 133 7.29 -38.03 2.27
CA GLY F 133 7.95 -37.22 1.27
C GLY F 133 7.91 -35.72 1.54
N LEU F 134 7.08 -35.26 2.46
CA LEU F 134 7.09 -33.88 2.92
C LEU F 134 7.89 -33.80 4.21
N VAL F 135 8.82 -32.85 4.29
CA VAL F 135 9.45 -32.53 5.56
C VAL F 135 8.53 -31.58 6.31
N HIS F 136 8.17 -31.95 7.53
CA HIS F 136 7.52 -31.04 8.46
C HIS F 136 8.50 -30.85 9.61
N GLY F 137 9.02 -29.63 9.76
CA GLY F 137 9.99 -29.34 10.79
C GLY F 137 9.66 -28.05 11.52
N THR F 138 10.48 -27.74 12.51
CA THR F 138 10.40 -26.48 13.23
C THR F 138 11.82 -25.98 13.45
N ILE F 139 11.98 -24.66 13.46
CA ILE F 139 13.25 -24.04 13.78
C ILE F 139 13.03 -23.10 14.95
N GLN F 140 14.02 -23.03 15.83
CA GLN F 140 14.01 -22.12 16.98
C GLN F 140 15.39 -21.54 17.14
N ILE F 141 15.48 -20.22 17.21
CA ILE F 141 16.74 -19.49 17.20
C ILE F 141 16.75 -18.54 18.39
N LYS F 142 17.91 -18.42 19.04
CA LYS F 142 18.15 -17.45 20.11
C LYS F 142 19.35 -16.60 19.75
N ALA F 143 19.30 -15.32 20.12
CA ALA F 143 20.37 -14.40 19.78
C ALA F 143 20.43 -13.26 20.80
N THR F 144 21.62 -12.67 20.91
CA THR F 144 21.90 -11.57 21.82
C THR F 144 22.58 -10.44 21.06
N ALA F 145 22.32 -9.20 21.50
CA ALA F 145 22.94 -8.05 20.85
C ALA F 145 24.47 -8.09 20.93
N GLY F 146 24.99 -8.73 21.99
CA GLY F 146 26.43 -8.86 22.13
C GLY F 146 27.05 -9.64 21.00
N TYR F 147 26.39 -10.70 20.55
CA TYR F 147 26.87 -11.43 19.39
C TYR F 147 26.19 -10.98 18.11
N TRP F 148 25.62 -9.79 18.12
CA TRP F 148 25.06 -9.17 16.94
C TRP F 148 25.90 -7.97 16.58
N PHE F 149 26.11 -7.79 15.28
CA PHE F 149 26.82 -6.65 14.73
C PHE F 149 26.35 -5.35 15.37
N THR F 150 27.12 -4.28 15.22
CA THR F 150 26.78 -3.03 15.87
C THR F 150 26.70 -1.94 14.81
N GLY F 151 25.82 -0.98 15.05
CA GLY F 151 25.59 0.16 14.18
C GLY F 151 24.24 0.06 13.48
N GLY F 152 23.59 1.23 13.30
CA GLY F 152 22.28 1.27 12.71
C GLY F 152 21.19 1.00 13.73
N ASN F 153 19.96 1.02 13.25
CA ASN F 153 18.78 0.99 14.11
C ASN F 153 17.95 -0.26 13.83
N SER F 154 17.91 -1.18 14.79
CA SER F 154 17.11 -2.40 14.64
C SER F 154 15.62 -2.09 14.53
N VAL F 155 15.20 -0.89 14.88
CA VAL F 155 13.79 -0.53 14.75
C VAL F 155 13.48 0.00 13.35
N GLN F 156 14.34 0.81 12.73
CA GLN F 156 14.04 1.33 11.40
C GLN F 156 14.28 0.26 10.34
N GLU F 157 15.53 -0.14 10.16
CA GLU F 157 15.81 -1.45 9.60
C GLU F 157 15.18 -2.48 10.52
N SER F 158 14.86 -3.65 10.01
CA SER F 158 14.33 -4.62 10.96
C SER F 158 15.44 -5.57 11.44
N ILE F 159 15.10 -6.52 12.29
CA ILE F 159 16.05 -7.57 12.63
C ILE F 159 15.96 -8.63 11.55
N ARG F 160 16.98 -8.69 10.69
CA ARG F 160 17.00 -9.58 9.53
C ARG F 160 18.26 -10.43 9.56
N PHE F 161 18.10 -11.73 9.31
CA PHE F 161 19.27 -12.60 9.19
C PHE F 161 18.93 -13.81 8.35
N GLY F 162 19.95 -14.40 7.75
CA GLY F 162 19.79 -15.60 6.94
C GLY F 162 20.53 -16.76 7.57
N LEU F 163 19.96 -17.95 7.45
CA LEU F 163 20.60 -19.19 7.84
C LEU F 163 20.50 -20.16 6.69
N VAL F 164 21.36 -21.18 6.73
CA VAL F 164 21.29 -22.29 5.80
C VAL F 164 21.16 -23.56 6.63
N LEU F 165 20.30 -24.45 6.21
CA LEU F 165 20.15 -25.77 6.83
C LEU F 165 20.71 -26.80 5.86
N CYS F 166 21.80 -27.46 6.26
CA CYS F 166 22.49 -28.43 5.42
C CYS F 166 22.46 -29.79 6.10
N PRO F 167 21.31 -30.46 6.11
CA PRO F 167 21.23 -31.74 6.85
C PRO F 167 22.12 -32.83 6.27
N PHE F 168 22.73 -32.61 5.10
CA PHE F 168 23.67 -33.54 4.50
C PHE F 168 25.12 -33.02 4.60
N SER F 169 25.43 -32.30 5.68
CA SER F 169 26.77 -31.71 5.80
C SER F 169 27.88 -32.74 5.86
N ALA F 170 27.55 -34.02 6.06
CA ALA F 170 28.54 -35.09 5.97
C ALA F 170 29.11 -35.17 4.56
N ARG F 171 28.31 -35.65 3.60
CA ARG F 171 28.77 -35.77 2.22
C ARG F 171 29.22 -34.44 1.64
N ASP F 172 28.81 -33.31 2.20
CA ASP F 172 29.10 -31.99 1.63
C ASP F 172 29.36 -30.98 2.73
N PRO F 173 30.54 -31.02 3.36
CA PRO F 173 30.78 -30.12 4.49
C PRO F 173 30.79 -28.65 4.13
N THR F 174 31.42 -28.27 3.01
CA THR F 174 31.59 -26.86 2.71
C THR F 174 30.28 -26.16 2.33
N ALA F 175 29.20 -26.91 2.17
CA ALA F 175 27.87 -26.34 2.00
C ALA F 175 27.19 -26.02 3.33
N ASN F 176 27.76 -26.45 4.45
CA ASN F 176 27.23 -26.10 5.78
C ASN F 176 27.68 -24.68 6.12
N LEU F 177 27.10 -23.72 5.39
CA LEU F 177 27.51 -22.32 5.49
C LEU F 177 27.20 -21.71 6.85
N SER F 178 26.15 -22.17 7.52
CA SER F 178 25.84 -21.64 8.84
C SER F 178 26.58 -22.37 9.95
N GLY F 179 27.30 -23.45 9.61
CA GLY F 179 28.13 -24.13 10.58
C GLY F 179 27.36 -24.96 11.58
N TRP F 180 26.32 -25.66 11.13
CA TRP F 180 25.55 -26.48 12.05
C TRP F 180 26.32 -27.75 12.39
N PRO F 181 26.17 -28.27 13.61
CA PRO F 181 26.73 -29.60 13.91
C PRO F 181 26.06 -30.64 13.05
N ALA F 182 26.60 -31.86 13.09
CA ALA F 182 26.02 -32.91 12.29
C ALA F 182 24.63 -33.25 12.84
N PRO F 183 23.70 -33.60 11.98
CA PRO F 183 22.36 -33.94 12.47
C PRO F 183 22.41 -35.26 13.22
N VAL F 184 21.72 -35.31 14.35
CA VAL F 184 21.59 -36.55 15.09
C VAL F 184 20.28 -37.19 14.65
N VAL F 185 20.39 -38.39 14.09
CA VAL F 185 19.25 -39.10 13.53
C VAL F 185 18.50 -39.77 14.67
N TRP F 186 17.27 -39.30 14.95
CA TRP F 186 16.42 -39.90 15.97
C TRP F 186 15.49 -40.98 15.44
N SER F 187 15.53 -41.27 14.14
CA SER F 187 14.75 -42.36 13.55
C SER F 187 15.18 -42.55 12.11
N GLY F 188 15.24 -43.81 11.68
CA GLY F 188 15.79 -44.17 10.38
C GLY F 188 17.25 -44.59 10.48
N ASP F 189 17.77 -45.01 9.33
CA ASP F 189 19.16 -45.48 9.20
C ASP F 189 20.16 -44.33 9.16
N SER F 190 21.36 -44.62 8.69
CA SER F 190 22.44 -43.64 8.72
C SER F 190 22.41 -42.67 7.54
N ASN F 191 21.61 -42.96 6.51
CA ASN F 191 21.52 -42.10 5.33
C ASN F 191 20.29 -41.21 5.31
N THR F 192 19.46 -41.22 6.36
CA THR F 192 18.20 -40.50 6.29
C THR F 192 18.36 -38.99 6.19
N PRO F 193 19.47 -38.38 6.62
CA PRO F 193 19.69 -36.98 6.26
C PRO F 193 19.52 -36.70 4.77
N LEU F 194 19.88 -37.66 3.92
CA LEU F 194 19.68 -37.49 2.47
C LEU F 194 18.21 -37.28 2.11
N TYR F 195 17.29 -37.75 2.93
CA TYR F 195 15.87 -37.56 2.69
C TYR F 195 15.40 -36.15 3.06
N PHE F 196 16.18 -35.43 3.86
CA PHE F 196 15.82 -34.09 4.31
C PHE F 196 16.43 -33.00 3.44
N ALA F 197 17.01 -33.36 2.29
CA ALA F 197 17.36 -32.36 1.30
C ALA F 197 16.13 -32.02 0.46
N ALA F 198 16.01 -30.74 0.09
CA ALA F 198 14.81 -30.31 -0.63
C ALA F 198 14.74 -30.96 -2.01
N ASN F 199 13.56 -31.51 -2.31
CA ASN F 199 13.24 -32.17 -3.57
C ASN F 199 13.97 -31.59 -4.77
N ALA F 200 14.57 -32.46 -5.59
CA ALA F 200 15.34 -31.96 -6.71
C ALA F 200 14.44 -31.47 -7.86
N ILE F 201 13.38 -32.21 -8.16
CA ILE F 201 12.54 -31.85 -9.30
C ILE F 201 11.77 -30.56 -9.01
N SER F 202 11.02 -30.54 -7.90
CA SER F 202 10.10 -29.46 -7.63
C SER F 202 10.79 -28.12 -7.32
N TYR F 203 12.05 -28.13 -6.92
CA TYR F 203 12.75 -26.88 -6.63
C TYR F 203 13.75 -26.49 -7.71
N THR F 204 13.80 -27.21 -8.83
CA THR F 204 14.74 -26.89 -9.91
C THR F 204 14.83 -25.39 -10.18
N ASN F 205 13.68 -24.72 -10.29
CA ASN F 205 13.61 -23.29 -10.57
C ASN F 205 13.03 -22.49 -9.41
N ASN F 206 13.08 -23.04 -8.20
CA ASN F 206 12.70 -22.33 -6.98
C ASN F 206 13.78 -22.52 -5.95
N ARG F 207 15.03 -22.30 -6.35
CA ARG F 207 16.17 -22.43 -5.47
C ARG F 207 17.17 -21.33 -5.79
N VAL F 208 17.79 -20.79 -4.74
CA VAL F 208 18.70 -19.65 -4.81
C VAL F 208 20.13 -20.17 -4.68
N ASN F 209 21.03 -19.66 -5.52
CA ASN F 209 22.43 -20.09 -5.51
C ASN F 209 23.25 -19.18 -4.60
N LEU F 210 23.90 -19.75 -3.60
CA LEU F 210 24.77 -19.00 -2.71
C LEU F 210 26.23 -19.35 -2.99
N ALA F 211 27.08 -18.33 -3.02
CA ALA F 211 28.52 -18.57 -3.10
C ALA F 211 29.01 -19.04 -1.74
N VAL F 212 30.17 -19.71 -1.75
CA VAL F 212 30.74 -20.20 -0.50
C VAL F 212 31.37 -19.04 0.25
N THR F 213 30.77 -17.86 0.12
CA THR F 213 31.35 -16.61 0.60
C THR F 213 31.25 -16.46 2.10
N GLY F 214 30.26 -17.08 2.76
CA GLY F 214 29.96 -16.71 4.11
C GLY F 214 29.19 -15.41 4.27
N ASN F 215 29.13 -14.57 3.22
CA ASN F 215 28.22 -13.43 3.21
C ASN F 215 27.06 -13.69 2.25
N PHE F 216 26.29 -14.73 2.53
CA PHE F 216 25.32 -15.31 1.62
C PHE F 216 23.93 -14.70 1.77
N TYR F 217 23.76 -13.74 2.67
CA TYR F 217 22.45 -13.17 2.95
C TYR F 217 21.74 -12.78 1.66
N LYS F 218 20.56 -13.34 1.48
CA LYS F 218 19.65 -12.95 0.42
C LYS F 218 18.42 -12.36 1.09
N GLU F 219 18.04 -11.15 0.67
CA GLU F 219 16.75 -10.60 1.05
C GLU F 219 15.64 -11.44 0.44
N GLU F 220 14.54 -11.60 1.17
CA GLU F 220 13.44 -12.42 0.62
C GLU F 220 12.88 -11.80 -0.65
N THR F 221 13.07 -10.49 -0.83
CA THR F 221 12.82 -9.83 -2.11
C THR F 221 13.49 -10.58 -3.26
N GLU F 222 14.67 -11.13 -3.04
CA GLU F 222 15.49 -11.74 -4.08
C GLU F 222 15.41 -13.26 -4.11
N LEU F 223 14.41 -13.85 -3.42
CA LEU F 223 14.45 -15.29 -3.57
C LEU F 223 13.64 -15.71 -4.80
N PRO F 224 13.99 -16.81 -5.45
CA PRO F 224 13.12 -17.33 -6.50
C PRO F 224 11.92 -18.00 -5.90
N GLY F 225 11.11 -17.26 -5.16
CA GLY F 225 9.92 -17.78 -4.54
C GLY F 225 10.20 -18.34 -3.14
N TYR F 226 9.14 -18.41 -2.34
CA TYR F 226 9.33 -18.84 -0.97
C TYR F 226 7.97 -19.13 -0.35
N THR F 227 8.03 -19.80 0.79
CA THR F 227 6.88 -19.91 1.69
C THR F 227 7.14 -19.07 2.92
N ARG F 228 6.08 -18.44 3.43
CA ARG F 228 6.19 -17.57 4.59
C ARG F 228 5.45 -18.17 5.77
N HIS F 229 5.98 -17.92 6.97
CA HIS F 229 5.46 -18.48 8.20
C HIS F 229 5.57 -17.42 9.30
N SER F 230 4.43 -16.98 9.81
CA SER F 230 4.43 -15.85 10.74
C SER F 230 4.56 -16.34 12.17
N PHE F 231 5.27 -15.55 12.97
CA PHE F 231 5.55 -15.88 14.37
C PHE F 231 5.84 -14.57 15.10
N CYS F 232 6.18 -14.69 16.38
CA CYS F 232 6.69 -13.56 17.13
C CYS F 232 7.63 -14.15 18.17
N PRO F 233 8.81 -13.59 18.35
CA PRO F 233 9.71 -14.09 19.40
C PRO F 233 9.45 -13.33 20.70
N THR F 234 10.06 -13.82 21.76
CA THR F 234 10.12 -13.11 23.03
C THR F 234 11.52 -12.54 23.22
N GLY F 235 11.75 -11.87 24.34
CA GLY F 235 13.07 -11.34 24.62
C GLY F 235 13.04 -10.32 25.74
N THR F 236 14.17 -9.62 25.88
CA THR F 236 14.29 -8.56 26.87
C THR F 236 13.08 -7.64 26.79
N THR F 237 12.71 -7.05 27.94
CA THR F 237 11.35 -6.50 28.05
C THR F 237 11.15 -5.27 27.18
N GLY F 238 12.18 -4.44 26.97
CA GLY F 238 11.92 -3.28 26.13
C GLY F 238 11.97 -3.48 24.63
N MET F 239 12.07 -4.73 24.15
CA MET F 239 12.20 -4.99 22.72
C MET F 239 10.96 -4.57 21.92
N ASN F 240 9.76 -4.73 22.51
CA ASN F 240 8.49 -4.35 21.87
C ASN F 240 8.34 -4.98 20.48
N PHE F 241 8.48 -6.30 20.42
CA PHE F 241 8.36 -7.02 19.15
C PHE F 241 6.92 -7.04 18.68
N THR F 242 6.71 -6.66 17.42
CA THR F 242 5.37 -6.59 16.84
C THR F 242 5.15 -7.61 15.75
N GLY F 243 5.96 -8.66 15.70
CA GLY F 243 5.72 -9.74 14.76
C GLY F 243 6.97 -10.19 14.03
N GLY F 244 6.89 -11.40 13.47
CA GLY F 244 8.00 -11.95 12.71
C GLY F 244 7.52 -12.89 11.62
N ASN F 245 8.42 -13.06 10.63
CA ASN F 245 8.15 -13.94 9.50
C ASN F 245 9.41 -14.71 9.14
N LEU F 246 9.24 -16.00 8.93
CA LEU F 246 10.31 -16.88 8.46
C LEU F 246 10.06 -17.16 6.98
N TYR F 247 11.02 -16.82 6.12
CA TYR F 247 10.89 -17.07 4.69
C TYR F 247 11.73 -18.29 4.31
N VAL F 248 11.08 -19.30 3.73
CA VAL F 248 11.71 -20.60 3.47
C VAL F 248 11.82 -20.81 1.97
N CYS F 249 13.05 -20.98 1.48
CA CYS F 249 13.35 -21.24 0.08
C CYS F 249 14.63 -22.07 -0.06
N PRO F 250 14.58 -23.22 -0.72
CA PRO F 250 15.79 -24.04 -0.84
C PRO F 250 16.91 -23.35 -1.62
N CYS F 251 18.11 -23.87 -1.42
CA CYS F 251 19.30 -23.23 -1.93
C CYS F 251 20.30 -24.28 -2.36
N THR F 252 21.13 -23.89 -3.32
CA THR F 252 22.26 -24.69 -3.77
C THR F 252 23.52 -23.89 -3.51
N VAL F 253 24.54 -24.55 -2.95
CA VAL F 253 25.83 -23.94 -2.65
C VAL F 253 26.84 -24.44 -3.67
N ASN F 254 27.53 -23.51 -4.35
CA ASN F 254 28.44 -23.93 -5.41
C ASN F 254 29.68 -24.60 -4.84
N THR F 255 29.60 -25.90 -4.62
CA THR F 255 30.61 -26.66 -3.88
C THR F 255 31.36 -27.67 -4.73
N GLY F 256 30.70 -28.29 -5.71
CA GLY F 256 31.31 -29.31 -6.53
C GLY F 256 31.16 -30.73 -6.01
N ALA F 257 30.89 -30.90 -4.71
CA ALA F 257 30.71 -32.22 -4.15
C ALA F 257 29.33 -32.79 -4.48
N THR F 258 28.26 -32.02 -4.24
CA THR F 258 26.92 -32.56 -4.43
C THR F 258 26.04 -31.56 -5.16
N THR F 259 25.04 -32.12 -5.85
CA THR F 259 23.96 -31.37 -6.48
C THR F 259 22.74 -31.25 -5.56
N LEU F 260 22.91 -31.51 -4.27
CA LEU F 260 21.78 -31.56 -3.35
C LEU F 260 21.33 -30.15 -2.94
N ASN F 261 20.06 -30.07 -2.55
CA ASN F 261 19.42 -28.79 -2.23
C ASN F 261 19.39 -28.64 -0.72
N ALA F 262 20.13 -27.66 -0.22
CA ALA F 262 19.99 -27.25 1.17
C ALA F 262 18.81 -26.28 1.26
N ILE F 263 18.56 -25.75 2.45
CA ILE F 263 17.42 -24.87 2.68
C ILE F 263 17.91 -23.56 3.27
N TYR F 264 17.65 -22.45 2.56
CA TYR F 264 17.93 -21.12 3.05
C TYR F 264 16.71 -20.61 3.81
N MET F 265 16.97 -19.74 4.78
CA MET F 265 15.90 -19.20 5.62
C MET F 265 16.28 -17.80 6.05
N VAL F 266 15.43 -16.83 5.75
CA VAL F 266 15.64 -15.45 6.18
C VAL F 266 14.52 -15.11 7.15
N PHE F 267 14.90 -14.52 8.28
CA PHE F 267 13.97 -14.08 9.31
C PHE F 267 13.91 -12.56 9.29
N VAL F 268 12.69 -12.02 9.42
CA VAL F 268 12.48 -10.60 9.58
C VAL F 268 11.58 -10.40 10.80
N ILE F 269 12.10 -9.72 11.83
CA ILE F 269 11.42 -9.51 13.11
C ILE F 269 11.27 -8.01 13.31
N THR F 270 10.05 -7.57 13.67
CA THR F 270 9.74 -6.15 13.72
C THR F 270 9.52 -5.65 15.14
N GLN F 271 9.67 -4.34 15.31
CA GLN F 271 9.56 -3.67 16.60
C GLN F 271 8.72 -2.41 16.44
N SER F 272 8.04 -2.02 17.51
CA SER F 272 7.29 -0.77 17.48
C SER F 272 8.24 0.40 17.68
N ALA F 273 7.70 1.63 17.59
CA ALA F 273 8.53 2.83 17.53
C ALA F 273 9.50 2.98 18.70
N LEU F 274 9.22 2.36 19.84
CA LEU F 274 9.96 2.64 21.06
C LEU F 274 10.81 1.49 21.54
N GLY F 275 10.99 0.44 20.75
CA GLY F 275 11.75 -0.71 21.19
C GLY F 275 13.23 -0.40 21.33
N THR F 276 13.91 -1.25 22.09
CA THR F 276 15.35 -1.18 22.20
C THR F 276 16.01 -1.34 20.84
N ASN F 277 17.05 -0.56 20.59
CA ASN F 277 17.86 -0.72 19.40
C ASN F 277 18.80 -1.90 19.64
N PHE F 278 18.45 -3.05 19.08
CA PHE F 278 19.26 -4.24 19.25
C PHE F 278 20.69 -4.04 18.74
N PHE F 279 20.89 -3.10 17.83
CA PHE F 279 22.18 -2.89 17.18
C PHE F 279 23.02 -1.84 17.87
N ALA F 280 22.43 -1.08 18.79
CA ALA F 280 23.15 0.01 19.42
C ALA F 280 24.27 -0.53 20.31
N SER F 281 25.36 0.24 20.38
CA SER F 281 26.47 -0.13 21.23
C SER F 281 26.15 0.08 22.72
N ASN F 282 25.35 1.12 23.04
CA ASN F 282 24.86 1.29 24.40
C ASN F 282 23.72 0.34 24.75
N THR F 283 23.65 -0.83 24.09
CA THR F 283 22.64 -1.83 24.39
C THR F 283 23.31 -3.01 25.10
N PRO F 284 22.92 -3.33 26.33
CA PRO F 284 23.55 -4.43 27.06
C PRO F 284 23.65 -5.69 26.22
N PRO F 285 24.81 -6.35 26.22
CA PRO F 285 25.00 -7.51 25.33
C PRO F 285 24.15 -8.70 25.68
N ASN F 286 23.61 -8.76 26.90
CA ASN F 286 22.73 -9.86 27.27
C ASN F 286 21.30 -9.64 26.81
N THR F 287 20.93 -8.43 26.38
CA THR F 287 19.69 -8.25 25.63
C THR F 287 19.59 -9.32 24.55
N PHE F 288 18.41 -9.90 24.41
CA PHE F 288 18.27 -11.10 23.59
C PHE F 288 16.88 -11.16 22.98
N PHE F 289 16.73 -12.05 21.99
CA PHE F 289 15.44 -12.52 21.54
C PHE F 289 15.50 -14.04 21.41
N LEU F 290 14.34 -14.65 21.44
CA LEU F 290 14.26 -16.10 21.38
C LEU F 290 12.94 -16.47 20.71
N THR F 291 13.02 -17.08 19.55
CA THR F 291 11.79 -17.45 18.88
C THR F 291 11.18 -18.68 19.54
N PRO F 292 9.88 -18.86 19.44
CA PRO F 292 9.32 -20.17 19.71
C PRO F 292 9.78 -21.13 18.63
N PRO F 293 9.57 -22.43 18.80
CA PRO F 293 9.68 -23.32 17.63
C PRO F 293 8.76 -22.83 16.53
N ILE F 294 9.33 -22.54 15.35
CA ILE F 294 8.56 -22.03 14.22
C ILE F 294 8.33 -23.19 13.27
N PRO F 295 7.10 -23.64 13.06
CA PRO F 295 6.87 -24.74 12.10
C PRO F 295 6.89 -24.25 10.66
N PHE F 296 7.24 -25.18 9.78
CA PHE F 296 7.33 -24.95 8.34
C PHE F 296 7.31 -26.30 7.65
N THR F 297 7.05 -26.27 6.35
CA THR F 297 6.98 -27.48 5.55
C THR F 297 7.63 -27.21 4.19
N TYR F 298 8.34 -28.21 3.68
CA TYR F 298 8.83 -28.19 2.30
C TYR F 298 8.89 -29.61 1.81
N VAL F 299 9.00 -29.76 0.49
CA VAL F 299 9.00 -31.09 -0.12
C VAL F 299 10.38 -31.72 0.07
N GLY F 300 10.40 -32.91 0.66
CA GLY F 300 11.64 -33.63 0.88
C GLY F 300 12.18 -34.25 -0.40
N ALA F 301 13.29 -34.98 -0.23
CA ALA F 301 14.02 -35.55 -1.37
C ALA F 301 13.34 -36.76 -1.97
N GLN G . -21.47 34.68 -5.76
CA GLN G . -21.43 34.52 -7.20
C GLN G . -22.82 34.85 -7.81
O GLN G . -23.48 35.82 -7.44
CB GLN G . -21.00 33.08 -7.59
CG GLN G . -19.47 32.76 -7.52
CD GLN G . -19.03 31.56 -8.39
OE1 GLN G . -19.81 31.04 -9.20
NE2 GLN G . -17.78 31.15 -8.23
S SO4 H . -0.34 22.61 -7.53
O1 SO4 H . 0.76 22.99 -8.43
O2 SO4 H . -0.65 23.72 -6.61
O3 SO4 H . -1.53 22.30 -8.33
O4 SO4 H . 0.06 21.43 -6.76
N GLN I . -5.42 32.08 -29.29
CA GLN I . -4.73 32.92 -28.31
C GLN I . -4.31 34.24 -28.95
O GLN I . -3.62 34.26 -29.97
CB GLN I . -3.51 32.18 -27.74
CG GLN I . -3.71 31.68 -26.32
CD GLN I . -2.41 31.58 -25.55
OE1 GLN I . -1.34 31.92 -26.05
NE2 GLN I . -2.49 31.11 -24.30
N GLN J . -13.79 -40.16 8.06
CA GLN J . -12.78 -40.88 8.80
C GLN J . -13.40 -42.15 9.37
O GLN J . -14.49 -42.55 8.95
CB GLN J . -12.18 -40.01 9.93
CG GLN J . -11.17 -38.97 9.50
CD GLN J . -10.99 -37.86 10.54
OE1 GLN J . -11.79 -37.73 11.47
NE2 GLN J . -9.95 -37.05 10.39
S SO4 K . -0.32 -9.95 6.84
O1 SO4 K . 0.84 -9.59 6.03
O2 SO4 K . -1.58 -9.56 6.18
O3 SO4 K . -0.32 -11.40 6.98
O4 SO4 K . -0.22 -9.33 8.17
S SO4 L . 1.20 -21.54 8.21
O1 SO4 L . 1.02 -20.15 7.71
O2 SO4 L . 0.39 -21.70 9.43
O3 SO4 L . 0.73 -22.51 7.21
O4 SO4 L . 2.63 -21.79 8.44
S SO4 M . 1.63 -27.83 8.67
O1 SO4 M . 1.32 -27.51 7.24
O2 SO4 M . 0.51 -27.39 9.57
O3 SO4 M . 1.82 -29.28 8.82
O4 SO4 M . 2.91 -27.17 9.06
S SO4 N . 4.26 12.87 -3.45
O1 SO4 N . 5.48 13.05 -4.26
O2 SO4 N . 3.31 13.94 -3.76
O3 SO4 N . 3.64 11.57 -3.80
O4 SO4 N . 4.54 12.96 -2.00
N GLN O . 10.05 -35.08 24.85
CA GLN O . 10.13 -36.41 24.24
C GLN O . 11.12 -37.28 25.02
O GLN O . 11.48 -36.93 26.17
CB GLN O . 10.55 -36.29 22.75
CG GLN O . 9.57 -35.53 21.84
CD GLN O . 10.25 -34.52 20.91
OE1 GLN O . 10.10 -34.57 19.68
NE2 GLN O . 11.02 -33.58 21.49
N GLN P . 11.28 -37.68 -3.68
CA GLN P . 11.04 -39.10 -3.42
C GLN P . 11.63 -39.96 -4.53
O GLN P . 12.58 -39.56 -5.23
CB GLN P . 9.54 -39.36 -3.25
CG GLN P . 8.82 -38.38 -2.28
CD GLN P . 8.44 -37.03 -2.92
OE1 GLN P . 8.19 -36.93 -4.11
NE2 GLN P . 8.38 -36.00 -2.09
#